data_2DOE
#
_entry.id   2DOE
#
_entity_poly.entity_id   1
_entity_poly.type   'polypeptide(L)'
_entity_poly.pdbx_seq_one_letter_code
;GSSGSSGEKEDSKTRGEKIKSDFFELLSNHHLDSQSRWSKVKDKVESDPRYKAVDSSSMREDLFKQYIEKIAKNLDSSGP
SSG
;
_entity_poly.pdbx_strand_id   A
#
# COMPACT_ATOMS: atom_id res chain seq x y z
N GLY A 1 5.06 9.11 -8.04
CA GLY A 1 5.60 8.02 -8.85
C GLY A 1 6.12 8.51 -10.19
N SER A 2 6.74 7.61 -10.94
CA SER A 2 7.29 7.95 -12.25
C SER A 2 6.43 7.35 -13.37
N SER A 3 6.07 6.08 -13.21
CA SER A 3 5.27 5.39 -14.21
C SER A 3 3.93 6.10 -14.40
N GLY A 4 3.67 6.51 -15.64
CA GLY A 4 2.42 7.21 -15.94
C GLY A 4 1.50 6.37 -16.81
N SER A 5 0.21 6.64 -16.71
CA SER A 5 -0.79 5.91 -17.50
C SER A 5 -2.17 6.53 -17.33
N SER A 6 -2.88 6.70 -18.45
CA SER A 6 -4.21 7.28 -18.42
C SER A 6 -5.24 6.26 -17.96
N GLY A 7 -6.37 6.75 -17.44
CA GLY A 7 -7.42 5.87 -16.97
C GLY A 7 -6.86 4.62 -16.32
N GLU A 8 -7.58 3.50 -16.48
CA GLU A 8 -7.16 2.23 -15.91
C GLU A 8 -7.61 1.07 -16.79
N LYS A 9 -6.66 0.21 -17.16
CA LYS A 9 -6.95 -0.95 -17.99
C LYS A 9 -6.82 -2.24 -17.19
N GLU A 10 -7.85 -3.08 -17.26
CA GLU A 10 -7.85 -4.35 -16.55
C GLU A 10 -7.60 -5.52 -17.51
N ASP A 11 -6.35 -5.66 -17.94
CA ASP A 11 -5.98 -6.73 -18.86
C ASP A 11 -5.26 -7.85 -18.11
N SER A 12 -5.19 -9.02 -18.75
CA SER A 12 -4.54 -10.18 -18.14
C SER A 12 -3.02 -10.00 -18.13
N LYS A 13 -2.47 -9.59 -19.27
CA LYS A 13 -1.04 -9.37 -19.39
C LYS A 13 -0.47 -8.73 -18.12
N THR A 14 -1.13 -7.68 -17.66
CA THR A 14 -0.70 -6.97 -16.46
C THR A 14 -1.88 -6.59 -15.59
N ARG A 15 -1.95 -7.18 -14.40
CA ARG A 15 -3.04 -6.91 -13.46
C ARG A 15 -2.50 -6.27 -12.19
N GLY A 16 -1.57 -5.35 -12.34
CA GLY A 16 -0.99 -4.67 -11.18
C GLY A 16 -1.96 -3.71 -10.52
N GLU A 17 -2.74 -3.01 -11.34
CA GLU A 17 -3.71 -2.05 -10.83
C GLU A 17 -4.43 -2.61 -9.61
N LYS A 18 -5.20 -3.68 -9.83
CA LYS A 18 -5.94 -4.31 -8.74
C LYS A 18 -5.03 -4.66 -7.58
N ILE A 19 -3.85 -5.17 -7.89
CA ILE A 19 -2.88 -5.55 -6.87
C ILE A 19 -2.50 -4.35 -6.01
N LYS A 20 -2.36 -3.20 -6.64
CA LYS A 20 -2.00 -1.97 -5.93
C LYS A 20 -3.10 -1.57 -4.95
N SER A 21 -4.35 -1.57 -5.42
CA SER A 21 -5.48 -1.21 -4.58
C SER A 21 -5.53 -2.08 -3.34
N ASP A 22 -5.43 -3.39 -3.53
CA ASP A 22 -5.47 -4.34 -2.42
C ASP A 22 -4.39 -4.02 -1.41
N PHE A 23 -3.18 -3.76 -1.89
CA PHE A 23 -2.06 -3.44 -1.01
C PHE A 23 -2.43 -2.30 -0.05
N PHE A 24 -2.78 -1.15 -0.61
CA PHE A 24 -3.15 0.01 0.19
C PHE A 24 -4.22 -0.36 1.21
N GLU A 25 -5.31 -0.95 0.73
CA GLU A 25 -6.41 -1.35 1.61
C GLU A 25 -5.88 -2.00 2.88
N LEU A 26 -5.10 -3.05 2.71
CA LEU A 26 -4.53 -3.77 3.85
C LEU A 26 -3.79 -2.82 4.78
N LEU A 27 -2.70 -2.25 4.29
CA LEU A 27 -1.89 -1.31 5.07
C LEU A 27 -2.79 -0.37 5.87
N SER A 28 -3.62 0.39 5.16
CA SER A 28 -4.52 1.35 5.81
C SER A 28 -5.34 0.65 6.89
N ASN A 29 -5.84 -0.54 6.56
CA ASN A 29 -6.66 -1.31 7.51
C ASN A 29 -5.89 -1.55 8.81
N HIS A 30 -4.56 -1.58 8.71
CA HIS A 30 -3.72 -1.81 9.88
C HIS A 30 -3.49 -0.51 10.64
N HIS A 31 -4.47 0.39 10.59
CA HIS A 31 -4.37 1.67 11.28
C HIS A 31 -2.94 2.18 11.28
N LEU A 32 -2.34 2.28 10.10
CA LEU A 32 -0.97 2.75 9.97
C LEU A 32 -0.71 3.95 10.88
N ASP A 33 0.53 4.07 11.34
CA ASP A 33 0.90 5.17 12.22
C ASP A 33 2.22 5.80 11.77
N SER A 34 2.39 7.08 12.09
CA SER A 34 3.61 7.80 11.70
C SER A 34 4.85 6.99 12.04
N GLN A 35 4.82 6.30 13.17
CA GLN A 35 5.94 5.48 13.61
C GLN A 35 5.88 4.10 12.97
N SER A 36 5.26 4.02 11.80
CA SER A 36 5.14 2.75 11.09
C SER A 36 6.50 2.24 10.64
N ARG A 37 6.71 0.93 10.79
CA ARG A 37 7.98 0.32 10.40
C ARG A 37 7.74 -0.83 9.42
N TRP A 38 8.34 -0.72 8.23
CA TRP A 38 8.20 -1.75 7.21
C TRP A 38 8.35 -3.14 7.82
N SER A 39 9.43 -3.34 8.56
CA SER A 39 9.70 -4.63 9.20
C SER A 39 8.47 -5.12 9.96
N LYS A 40 7.79 -4.20 10.63
CA LYS A 40 6.60 -4.54 11.41
C LYS A 40 5.42 -4.81 10.48
N VAL A 41 5.03 -3.80 9.72
CA VAL A 41 3.92 -3.93 8.79
C VAL A 41 4.05 -5.19 7.93
N LYS A 42 5.29 -5.56 7.62
CA LYS A 42 5.56 -6.73 6.81
C LYS A 42 5.31 -8.01 7.61
N ASP A 43 5.81 -8.03 8.84
CA ASP A 43 5.63 -9.19 9.70
C ASP A 43 4.17 -9.36 10.10
N LYS A 44 3.37 -8.31 9.87
CA LYS A 44 1.96 -8.35 10.21
C LYS A 44 1.11 -8.65 8.97
N VAL A 45 1.50 -8.06 7.85
CA VAL A 45 0.77 -8.26 6.59
C VAL A 45 1.12 -9.61 5.97
N GLU A 46 2.33 -10.09 6.24
CA GLU A 46 2.78 -11.37 5.71
C GLU A 46 1.72 -12.44 5.91
N SER A 47 1.11 -12.46 7.10
CA SER A 47 0.09 -13.44 7.43
C SER A 47 -1.03 -13.42 6.39
N ASP A 48 -1.26 -12.25 5.80
CA ASP A 48 -2.29 -12.10 4.79
C ASP A 48 -1.78 -12.51 3.41
N PRO A 49 -2.64 -13.20 2.64
CA PRO A 49 -2.30 -13.67 1.30
C PRO A 49 -2.16 -12.52 0.30
N ARG A 50 -2.83 -11.41 0.58
CA ARG A 50 -2.79 -10.24 -0.29
C ARG A 50 -1.35 -9.74 -0.45
N TYR A 51 -0.60 -9.76 0.64
CA TYR A 51 0.78 -9.30 0.62
C TYR A 51 1.63 -10.16 -0.31
N LYS A 52 1.21 -11.42 -0.48
CA LYS A 52 1.93 -12.34 -1.35
C LYS A 52 1.72 -11.99 -2.82
N ALA A 53 0.64 -11.30 -3.10
CA ALA A 53 0.32 -10.89 -4.46
C ALA A 53 1.46 -10.08 -5.07
N VAL A 54 1.96 -9.11 -4.31
CA VAL A 54 3.04 -8.25 -4.77
C VAL A 54 4.36 -9.02 -4.84
N ASP A 55 4.89 -9.17 -6.05
CA ASP A 55 6.14 -9.88 -6.26
C ASP A 55 7.33 -8.92 -6.21
N SER A 56 7.16 -7.76 -6.82
CA SER A 56 8.22 -6.75 -6.86
C SER A 56 8.36 -6.07 -5.51
N SER A 57 9.56 -6.13 -4.94
CA SER A 57 9.84 -5.52 -3.64
C SER A 57 9.72 -4.00 -3.72
N SER A 58 10.36 -3.40 -4.73
CA SER A 58 10.33 -1.96 -4.91
C SER A 58 8.92 -1.42 -4.71
N MET A 59 7.93 -2.11 -5.27
CA MET A 59 6.54 -1.70 -5.15
C MET A 59 6.11 -1.68 -3.68
N ARG A 60 6.59 -2.65 -2.91
CA ARG A 60 6.24 -2.74 -1.50
C ARG A 60 6.79 -1.54 -0.73
N GLU A 61 8.11 -1.42 -0.69
CA GLU A 61 8.76 -0.32 0.02
C GLU A 61 8.22 1.02 -0.47
N ASP A 62 8.21 1.20 -1.78
CA ASP A 62 7.72 2.44 -2.38
C ASP A 62 6.29 2.72 -1.96
N LEU A 63 5.39 1.79 -2.29
CA LEU A 63 3.98 1.93 -1.96
C LEU A 63 3.80 2.20 -0.47
N PHE A 64 4.25 1.27 0.36
CA PHE A 64 4.15 1.41 1.81
C PHE A 64 4.69 2.75 2.26
N LYS A 65 5.91 3.07 1.85
CA LYS A 65 6.54 4.33 2.21
C LYS A 65 5.67 5.52 1.80
N GLN A 66 5.12 5.44 0.59
CA GLN A 66 4.27 6.50 0.07
C GLN A 66 3.13 6.81 1.04
N TYR A 67 2.32 5.81 1.33
CA TYR A 67 1.18 5.97 2.24
C TYR A 67 1.63 6.58 3.56
N ILE A 68 2.58 5.91 4.22
CA ILE A 68 3.10 6.39 5.49
C ILE A 68 3.56 7.85 5.39
N GLU A 69 4.28 8.16 4.31
CA GLU A 69 4.77 9.51 4.09
C GLU A 69 3.64 10.53 4.20
N LYS A 70 2.51 10.22 3.57
CA LYS A 70 1.36 11.10 3.60
C LYS A 70 0.85 11.30 5.02
N ILE A 71 0.72 10.19 5.76
CA ILE A 71 0.24 10.24 7.13
C ILE A 71 1.09 11.19 7.98
N ALA A 72 2.36 10.84 8.15
CA ALA A 72 3.27 11.65 8.93
C ALA A 72 3.08 13.14 8.63
N LYS A 73 3.13 13.50 7.35
CA LYS A 73 2.97 14.88 6.93
C LYS A 73 1.52 15.33 7.13
N ASN A 74 1.31 16.64 7.14
CA ASN A 74 -0.03 17.20 7.32
C ASN A 74 -1.06 16.38 6.56
N LEU A 75 -1.93 15.70 7.29
CA LEU A 75 -2.97 14.88 6.68
C LEU A 75 -3.97 15.74 5.91
N ASP A 76 -4.44 15.22 4.78
CA ASP A 76 -5.40 15.94 3.96
C ASP A 76 -6.76 16.02 4.64
N SER A 77 -6.99 17.09 5.39
CA SER A 77 -8.25 17.28 6.09
C SER A 77 -9.02 18.46 5.52
N SER A 78 -10.16 18.17 4.91
CA SER A 78 -10.99 19.20 4.30
C SER A 78 -12.43 18.70 4.12
N GLY A 79 -13.39 19.58 4.37
CA GLY A 79 -14.79 19.22 4.23
C GLY A 79 -15.42 18.80 5.54
N PRO A 80 -16.51 18.03 5.45
CA PRO A 80 -17.24 17.56 6.64
C PRO A 80 -16.44 16.51 7.43
N SER A 81 -15.23 16.23 6.97
CA SER A 81 -14.37 15.26 7.62
C SER A 81 -14.45 15.39 9.13
N SER A 82 -14.47 16.63 9.61
CA SER A 82 -14.53 16.89 11.05
C SER A 82 -15.99 17.03 11.50
N GLY A 83 -16.30 16.41 12.63
CA GLY A 83 -17.66 16.47 13.16
C GLY A 83 -17.69 17.00 14.58
N GLY A 1 -5.16 8.14 -2.50
CA GLY A 1 -6.40 8.43 -3.19
C GLY A 1 -6.33 8.09 -4.67
N SER A 2 -7.40 8.40 -5.40
CA SER A 2 -7.46 8.12 -6.83
C SER A 2 -7.33 9.39 -7.65
N SER A 3 -6.78 9.27 -8.85
CA SER A 3 -6.59 10.42 -9.73
C SER A 3 -7.90 10.77 -10.44
N GLY A 4 -8.50 9.77 -11.07
CA GLY A 4 -9.74 10.00 -11.79
C GLY A 4 -10.38 8.70 -12.27
N SER A 5 -9.91 8.21 -13.41
CA SER A 5 -10.43 6.97 -13.98
C SER A 5 -9.30 6.00 -14.32
N SER A 6 -8.91 5.20 -13.34
CA SER A 6 -7.83 4.23 -13.54
C SER A 6 -8.35 2.99 -14.25
N GLY A 7 -7.42 2.22 -14.82
CA GLY A 7 -7.81 1.01 -15.53
C GLY A 7 -8.81 1.27 -16.63
N GLU A 8 -8.34 1.19 -17.88
CA GLU A 8 -9.22 1.44 -19.03
C GLU A 8 -9.77 0.11 -19.57
N LYS A 9 -8.86 -0.79 -19.92
CA LYS A 9 -9.25 -2.09 -20.46
C LYS A 9 -9.36 -3.13 -19.35
N GLU A 10 -10.02 -4.25 -19.64
CA GLU A 10 -10.19 -5.31 -18.66
C GLU A 10 -9.01 -6.28 -18.71
N ASP A 11 -7.88 -5.80 -19.22
CA ASP A 11 -6.69 -6.62 -19.32
C ASP A 11 -6.56 -7.55 -18.11
N SER A 12 -6.10 -8.78 -18.35
CA SER A 12 -5.94 -9.75 -17.28
C SER A 12 -4.47 -10.09 -17.08
N LYS A 13 -3.75 -10.29 -18.18
CA LYS A 13 -2.34 -10.61 -18.12
C LYS A 13 -1.66 -9.90 -16.96
N THR A 14 -1.92 -8.61 -16.84
CA THR A 14 -1.34 -7.80 -15.77
C THR A 14 -2.35 -6.83 -15.19
N ARG A 15 -2.70 -7.03 -13.92
CA ARG A 15 -3.67 -6.17 -13.25
C ARG A 15 -2.99 -5.36 -12.14
N GLY A 16 -1.82 -4.83 -12.44
CA GLY A 16 -1.09 -4.04 -11.46
C GLY A 16 -2.01 -3.16 -10.63
N GLU A 17 -2.73 -2.25 -11.29
CA GLU A 17 -3.64 -1.35 -10.59
C GLU A 17 -4.37 -2.08 -9.47
N LYS A 18 -5.08 -3.13 -9.82
CA LYS A 18 -5.83 -3.92 -8.83
C LYS A 18 -4.95 -4.26 -7.64
N ILE A 19 -3.87 -4.98 -7.90
CA ILE A 19 -2.94 -5.38 -6.84
C ILE A 19 -2.65 -4.21 -5.90
N LYS A 20 -2.25 -3.08 -6.48
CA LYS A 20 -1.94 -1.89 -5.69
C LYS A 20 -3.11 -1.51 -4.80
N SER A 21 -4.29 -1.44 -5.39
CA SER A 21 -5.50 -1.09 -4.64
C SER A 21 -5.65 -1.95 -3.40
N ASP A 22 -5.63 -3.27 -3.59
CA ASP A 22 -5.76 -4.21 -2.49
C ASP A 22 -4.68 -3.98 -1.45
N PHE A 23 -3.46 -3.72 -1.92
CA PHE A 23 -2.33 -3.47 -1.03
C PHE A 23 -2.63 -2.32 -0.07
N PHE A 24 -2.96 -1.16 -0.63
CA PHE A 24 -3.27 0.02 0.17
C PHE A 24 -4.34 -0.30 1.21
N GLU A 25 -5.40 -0.97 0.77
CA GLU A 25 -6.50 -1.33 1.65
C GLU A 25 -5.98 -2.00 2.93
N LEU A 26 -5.20 -3.06 2.76
CA LEU A 26 -4.64 -3.78 3.89
C LEU A 26 -3.86 -2.84 4.81
N LEU A 27 -2.79 -2.27 4.29
CA LEU A 27 -1.96 -1.35 5.05
C LEU A 27 -2.82 -0.42 5.91
N SER A 28 -3.67 0.36 5.26
CA SER A 28 -4.55 1.29 5.97
C SER A 28 -5.35 0.56 7.05
N ASN A 29 -5.88 -0.60 6.70
CA ASN A 29 -6.67 -1.40 7.65
C ASN A 29 -5.87 -1.66 8.92
N HIS A 30 -4.55 -1.68 8.79
CA HIS A 30 -3.68 -1.93 9.93
C HIS A 30 -3.45 -0.65 10.74
N HIS A 31 -4.47 0.20 10.77
CA HIS A 31 -4.39 1.45 11.51
C HIS A 31 -2.97 2.03 11.47
N LEU A 32 -2.45 2.20 10.25
CA LEU A 32 -1.10 2.73 10.06
C LEU A 32 -0.86 3.91 10.98
N ASP A 33 0.41 4.26 11.17
CA ASP A 33 0.78 5.38 12.03
C ASP A 33 2.04 6.07 11.50
N SER A 34 2.34 7.23 12.06
CA SER A 34 3.52 8.00 11.65
C SER A 34 4.80 7.24 11.96
N GLN A 35 4.80 6.53 13.09
CA GLN A 35 5.97 5.76 13.50
C GLN A 35 5.93 4.35 12.90
N SER A 36 5.12 4.18 11.85
CA SER A 36 4.99 2.89 11.19
C SER A 36 6.33 2.45 10.60
N ARG A 37 6.72 1.21 10.88
CA ARG A 37 7.97 0.66 10.38
C ARG A 37 7.71 -0.47 9.38
N TRP A 38 8.61 -0.60 8.41
CA TRP A 38 8.49 -1.64 7.39
C TRP A 38 8.62 -3.03 8.02
N SER A 39 9.83 -3.36 8.46
CA SER A 39 10.09 -4.66 9.08
C SER A 39 8.88 -5.13 9.87
N LYS A 40 8.24 -4.21 10.57
CA LYS A 40 7.06 -4.54 11.37
C LYS A 40 5.85 -4.80 10.49
N VAL A 41 5.42 -3.76 9.77
CA VAL A 41 4.27 -3.87 8.89
C VAL A 41 4.37 -5.12 8.01
N LYS A 42 5.60 -5.54 7.73
CA LYS A 42 5.84 -6.72 6.90
C LYS A 42 5.57 -7.99 7.69
N ASP A 43 6.14 -8.06 8.90
CA ASP A 43 5.95 -9.23 9.75
C ASP A 43 4.51 -9.36 10.20
N LYS A 44 3.75 -8.28 10.07
CA LYS A 44 2.34 -8.27 10.45
C LYS A 44 1.45 -8.62 9.27
N VAL A 45 1.78 -8.09 8.10
CA VAL A 45 1.00 -8.36 6.89
C VAL A 45 1.33 -9.72 6.32
N GLU A 46 2.58 -10.15 6.50
CA GLU A 46 3.02 -11.45 5.99
C GLU A 46 1.93 -12.50 6.17
N SER A 47 1.09 -12.31 7.18
CA SER A 47 0.01 -13.24 7.46
C SER A 47 -1.21 -12.93 6.60
N ASP A 48 -0.98 -12.34 5.43
CA ASP A 48 -2.06 -12.00 4.51
C ASP A 48 -1.69 -12.36 3.08
N PRO A 49 -2.67 -12.90 2.33
CA PRO A 49 -2.47 -13.30 0.94
C PRO A 49 -2.27 -12.11 0.01
N ARG A 50 -2.91 -10.99 0.34
CA ARG A 50 -2.80 -9.78 -0.46
C ARG A 50 -1.35 -9.34 -0.58
N TYR A 51 -0.58 -9.53 0.49
CA TYR A 51 0.83 -9.15 0.51
C TYR A 51 1.62 -9.95 -0.51
N LYS A 52 1.19 -11.19 -0.76
CA LYS A 52 1.85 -12.05 -1.72
C LYS A 52 1.53 -11.64 -3.15
N ALA A 53 0.45 -10.89 -3.31
CA ALA A 53 0.03 -10.42 -4.63
C ALA A 53 1.18 -9.75 -5.37
N VAL A 54 1.86 -8.84 -4.69
CA VAL A 54 2.99 -8.13 -5.28
C VAL A 54 4.19 -9.05 -5.49
N ASP A 55 4.74 -9.04 -6.69
CA ASP A 55 5.89 -9.88 -7.02
C ASP A 55 7.20 -9.18 -6.68
N SER A 56 7.32 -7.94 -7.14
CA SER A 56 8.53 -7.16 -6.90
C SER A 56 8.57 -6.67 -5.45
N SER A 57 9.78 -6.53 -4.91
CA SER A 57 9.96 -6.08 -3.53
C SER A 57 9.89 -4.56 -3.45
N SER A 58 10.64 -3.90 -4.34
CA SER A 58 10.69 -2.44 -4.36
C SER A 58 9.27 -1.86 -4.24
N MET A 59 8.34 -2.44 -4.98
CA MET A 59 6.95 -1.99 -4.96
C MET A 59 6.38 -2.05 -3.56
N ARG A 60 6.59 -3.18 -2.88
CA ARG A 60 6.09 -3.37 -1.53
C ARG A 60 6.57 -2.25 -0.61
N GLU A 61 7.89 -2.08 -0.53
CA GLU A 61 8.47 -1.04 0.31
C GLU A 61 8.00 0.34 -0.12
N ASP A 62 8.22 0.65 -1.40
CA ASP A 62 7.82 1.95 -1.94
C ASP A 62 6.36 2.25 -1.63
N LEU A 63 5.47 1.44 -2.18
CA LEU A 63 4.03 1.63 -1.94
C LEU A 63 3.75 1.95 -0.48
N PHE A 64 4.22 1.09 0.41
CA PHE A 64 4.02 1.28 1.85
C PHE A 64 4.52 2.65 2.28
N LYS A 65 5.81 2.90 2.08
CA LYS A 65 6.42 4.17 2.45
C LYS A 65 5.57 5.34 1.97
N GLN A 66 5.13 5.26 0.72
CA GLN A 66 4.31 6.31 0.14
C GLN A 66 3.13 6.64 1.04
N TYR A 67 2.30 5.65 1.31
CA TYR A 67 1.13 5.83 2.16
C TYR A 67 1.51 6.50 3.47
N ILE A 68 2.45 5.89 4.18
CA ILE A 68 2.90 6.43 5.46
C ILE A 68 3.29 7.90 5.32
N GLU A 69 4.11 8.21 4.33
CA GLU A 69 4.55 9.58 4.09
C GLU A 69 3.36 10.54 4.11
N LYS A 70 2.30 10.16 3.41
CA LYS A 70 1.10 10.98 3.33
C LYS A 70 0.50 11.21 4.72
N ILE A 71 0.43 10.14 5.50
CA ILE A 71 -0.12 10.22 6.85
C ILE A 71 0.64 11.24 7.69
N ALA A 72 1.91 10.96 7.96
CA ALA A 72 2.74 11.86 8.74
C ALA A 72 2.71 13.28 8.18
N LYS A 73 2.84 13.38 6.86
CA LYS A 73 2.83 14.67 6.19
C LYS A 73 1.60 15.48 6.59
N ASN A 74 0.43 14.95 6.31
CA ASN A 74 -0.82 15.62 6.64
C ASN A 74 -1.31 15.23 8.03
N LEU A 75 -0.83 15.94 9.04
CA LEU A 75 -1.20 15.66 10.42
C LEU A 75 -2.71 15.75 10.60
N ASP A 76 -3.24 14.94 11.52
CA ASP A 76 -4.68 14.93 11.79
C ASP A 76 -4.99 15.66 13.09
N SER A 77 -6.25 16.04 13.26
CA SER A 77 -6.68 16.76 14.45
C SER A 77 -7.18 15.79 15.52
N SER A 78 -6.25 15.07 16.15
CA SER A 78 -6.61 14.10 17.18
C SER A 78 -5.84 14.38 18.47
N GLY A 79 -6.41 13.95 19.60
CA GLY A 79 -5.77 14.16 20.88
C GLY A 79 -6.23 15.44 21.54
N PRO A 80 -5.76 15.67 22.78
CA PRO A 80 -6.12 16.87 23.55
C PRO A 80 -5.49 18.13 22.98
N SER A 81 -4.31 17.99 22.39
CA SER A 81 -3.61 19.12 21.79
C SER A 81 -4.17 19.45 20.41
N SER A 82 -4.21 20.73 20.08
CA SER A 82 -4.72 21.18 18.79
C SER A 82 -3.58 21.66 17.89
N GLY A 83 -3.40 20.97 16.77
CA GLY A 83 -2.35 21.33 15.84
C GLY A 83 -2.56 22.70 15.21
N GLY A 1 -1.00 -23.45 -38.15
CA GLY A 1 -1.61 -23.50 -36.84
C GLY A 1 -2.57 -22.35 -36.61
N SER A 2 -3.12 -22.28 -35.41
CA SER A 2 -4.06 -21.21 -35.05
C SER A 2 -3.34 -19.87 -34.95
N SER A 3 -4.10 -18.79 -35.03
CA SER A 3 -3.54 -17.45 -34.94
C SER A 3 -3.35 -17.03 -33.49
N GLY A 4 -2.43 -16.09 -33.26
CA GLY A 4 -2.17 -15.62 -31.91
C GLY A 4 -0.72 -15.79 -31.51
N SER A 5 -0.10 -14.69 -31.06
CA SER A 5 1.29 -14.72 -30.65
C SER A 5 1.47 -15.56 -29.38
N SER A 6 2.68 -16.08 -29.19
CA SER A 6 2.98 -16.90 -28.01
C SER A 6 3.26 -16.02 -26.80
N GLY A 7 2.89 -16.51 -25.63
CA GLY A 7 3.10 -15.76 -24.41
C GLY A 7 2.13 -16.15 -23.30
N GLU A 8 2.50 -15.87 -22.06
CA GLU A 8 1.65 -16.19 -20.92
C GLU A 8 1.59 -15.01 -19.94
N LYS A 9 2.74 -14.43 -19.66
CA LYS A 9 2.82 -13.29 -18.74
C LYS A 9 3.31 -12.05 -19.46
N GLU A 10 2.38 -11.26 -19.99
CA GLU A 10 2.74 -10.04 -20.71
C GLU A 10 2.57 -8.82 -19.80
N ASP A 11 3.09 -7.68 -20.25
CA ASP A 11 3.00 -6.45 -19.50
C ASP A 11 1.66 -6.36 -18.75
N SER A 12 1.69 -5.77 -17.57
CA SER A 12 0.49 -5.63 -16.75
C SER A 12 0.14 -4.15 -16.56
N LYS A 13 -0.69 -3.63 -17.45
CA LYS A 13 -1.11 -2.24 -17.37
C LYS A 13 -2.27 -2.07 -16.42
N THR A 14 -3.30 -2.89 -16.58
CA THR A 14 -4.48 -2.84 -15.72
C THR A 14 -4.31 -3.74 -14.50
N ARG A 15 -4.03 -5.01 -14.74
CA ARG A 15 -3.85 -5.97 -13.65
C ARG A 15 -3.08 -5.34 -12.50
N GLY A 16 -1.89 -4.81 -12.80
CA GLY A 16 -1.07 -4.19 -11.77
C GLY A 16 -1.89 -3.30 -10.85
N GLU A 17 -2.75 -2.47 -11.44
CA GLU A 17 -3.58 -1.56 -10.66
C GLU A 17 -4.27 -2.29 -9.52
N LYS A 18 -5.01 -3.34 -9.86
CA LYS A 18 -5.73 -4.14 -8.87
C LYS A 18 -4.82 -4.51 -7.71
N ILE A 19 -3.72 -5.19 -8.02
CA ILE A 19 -2.76 -5.60 -6.99
C ILE A 19 -2.43 -4.44 -6.06
N LYS A 20 -2.16 -3.28 -6.63
CA LYS A 20 -1.84 -2.10 -5.85
C LYS A 20 -2.94 -1.78 -4.85
N SER A 21 -4.14 -1.54 -5.36
CA SER A 21 -5.29 -1.22 -4.50
C SER A 21 -5.33 -2.15 -3.29
N ASP A 22 -5.34 -3.45 -3.56
CA ASP A 22 -5.38 -4.44 -2.48
C ASP A 22 -4.33 -4.14 -1.42
N PHE A 23 -3.08 -3.99 -1.86
CA PHE A 23 -1.98 -3.69 -0.94
C PHE A 23 -2.34 -2.54 -0.02
N PHE A 24 -2.67 -1.39 -0.60
CA PHE A 24 -3.03 -0.21 0.18
C PHE A 24 -4.12 -0.55 1.19
N GLU A 25 -5.19 -1.17 0.71
CA GLU A 25 -6.32 -1.53 1.56
C GLU A 25 -5.82 -2.15 2.87
N LEU A 26 -5.04 -3.22 2.76
CA LEU A 26 -4.50 -3.90 3.92
C LEU A 26 -3.78 -2.92 4.84
N LEU A 27 -2.72 -2.30 4.31
CA LEU A 27 -1.94 -1.34 5.09
C LEU A 27 -2.84 -0.40 5.88
N SER A 28 -3.64 0.38 5.16
CA SER A 28 -4.56 1.33 5.78
C SER A 28 -5.37 0.65 6.88
N ASN A 29 -5.90 -0.53 6.58
CA ASN A 29 -6.70 -1.29 7.54
C ASN A 29 -5.90 -1.55 8.81
N HIS A 30 -4.58 -1.59 8.69
CA HIS A 30 -3.70 -1.82 9.83
C HIS A 30 -3.43 -0.53 10.58
N HIS A 31 -4.40 0.38 10.56
CA HIS A 31 -4.26 1.67 11.24
C HIS A 31 -2.82 2.16 11.19
N LEU A 32 -2.28 2.26 9.98
CA LEU A 32 -0.90 2.71 9.78
C LEU A 32 -0.60 3.91 10.67
N ASP A 33 0.68 4.22 10.84
CA ASP A 33 1.10 5.34 11.66
C ASP A 33 2.38 5.97 11.11
N SER A 34 2.82 7.06 11.73
CA SER A 34 4.02 7.75 11.30
C SER A 34 5.26 6.95 11.65
N GLN A 35 5.26 6.35 12.84
CA GLN A 35 6.39 5.55 13.30
C GLN A 35 6.27 4.11 12.81
N SER A 36 5.65 3.94 11.64
CA SER A 36 5.47 2.61 11.06
C SER A 36 6.80 2.01 10.67
N ARG A 37 7.09 0.81 11.20
CA ARG A 37 8.33 0.12 10.91
C ARG A 37 8.10 -1.01 9.91
N TRP A 38 8.55 -0.79 8.68
CA TRP A 38 8.40 -1.79 7.62
C TRP A 38 8.51 -3.20 8.18
N SER A 39 9.67 -3.50 8.75
CA SER A 39 9.92 -4.83 9.33
C SER A 39 8.69 -5.32 10.08
N LYS A 40 8.06 -4.43 10.83
CA LYS A 40 6.87 -4.77 11.59
C LYS A 40 5.67 -4.98 10.68
N VAL A 41 5.25 -3.91 10.00
CA VAL A 41 4.13 -3.96 9.09
C VAL A 41 4.23 -5.17 8.16
N LYS A 42 5.46 -5.60 7.90
CA LYS A 42 5.70 -6.75 7.03
C LYS A 42 5.46 -8.05 7.77
N ASP A 43 5.91 -8.11 9.02
CA ASP A 43 5.74 -9.32 9.84
C ASP A 43 4.28 -9.49 10.24
N LYS A 44 3.50 -8.42 10.12
CA LYS A 44 2.09 -8.47 10.48
C LYS A 44 1.24 -8.82 9.27
N VAL A 45 1.60 -8.26 8.11
CA VAL A 45 0.87 -8.52 6.88
C VAL A 45 1.27 -9.86 6.27
N GLU A 46 2.55 -10.22 6.41
CA GLU A 46 3.06 -11.47 5.88
C GLU A 46 2.04 -12.60 6.07
N SER A 47 1.22 -12.47 7.10
CA SER A 47 0.21 -13.47 7.40
C SER A 47 -1.05 -13.25 6.58
N ASP A 48 -0.89 -12.60 5.43
CA ASP A 48 -2.02 -12.32 4.55
C ASP A 48 -1.66 -12.61 3.09
N PRO A 49 -2.61 -13.19 2.35
CA PRO A 49 -2.41 -13.53 0.93
C PRO A 49 -2.34 -12.30 0.05
N ARG A 50 -3.03 -11.24 0.44
CA ARG A 50 -3.05 -10.00 -0.31
C ARG A 50 -1.65 -9.42 -0.43
N TYR A 51 -0.85 -9.60 0.61
CA TYR A 51 0.52 -9.09 0.62
C TYR A 51 1.35 -9.75 -0.47
N LYS A 52 1.00 -10.99 -0.80
CA LYS A 52 1.72 -11.73 -1.84
C LYS A 52 1.43 -11.16 -3.22
N ALA A 53 0.28 -10.52 -3.36
CA ALA A 53 -0.10 -9.92 -4.64
C ALA A 53 1.07 -9.18 -5.28
N VAL A 54 1.79 -8.41 -4.47
CA VAL A 54 2.93 -7.66 -4.95
C VAL A 54 4.16 -8.56 -5.12
N ASP A 55 4.60 -8.71 -6.36
CA ASP A 55 5.77 -9.54 -6.65
C ASP A 55 7.06 -8.75 -6.46
N SER A 56 7.10 -7.54 -7.02
CA SER A 56 8.27 -6.69 -6.91
C SER A 56 8.43 -6.15 -5.49
N SER A 57 9.45 -6.64 -4.79
CA SER A 57 9.71 -6.21 -3.43
C SER A 57 9.63 -4.69 -3.32
N SER A 58 10.19 -3.99 -4.30
CA SER A 58 10.19 -2.54 -4.31
C SER A 58 8.79 -2.00 -4.09
N MET A 59 7.89 -2.28 -5.02
CA MET A 59 6.51 -1.82 -4.93
C MET A 59 6.04 -1.80 -3.48
N ARG A 60 6.29 -2.89 -2.76
CA ARG A 60 5.90 -2.99 -1.36
C ARG A 60 6.56 -1.89 -0.53
N GLU A 61 7.87 -1.83 -0.57
CA GLU A 61 8.62 -0.82 0.18
C GLU A 61 8.17 0.58 -0.21
N ASP A 62 8.22 0.88 -1.51
CA ASP A 62 7.82 2.18 -2.01
C ASP A 62 6.38 2.50 -1.61
N LEU A 63 5.44 1.71 -2.12
CA LEU A 63 4.03 1.90 -1.82
C LEU A 63 3.82 2.20 -0.34
N PHE A 64 4.27 1.28 0.51
CA PHE A 64 4.14 1.44 1.95
C PHE A 64 4.61 2.81 2.39
N LYS A 65 5.86 3.13 2.05
CA LYS A 65 6.45 4.43 2.41
C LYS A 65 5.56 5.57 1.94
N GLN A 66 5.11 5.51 0.70
CA GLN A 66 4.26 6.54 0.13
C GLN A 66 3.06 6.82 1.05
N TYR A 67 2.20 5.82 1.21
CA TYR A 67 1.02 5.96 2.05
C TYR A 67 1.36 6.68 3.36
N ILE A 68 2.29 6.11 4.11
CA ILE A 68 2.72 6.69 5.37
C ILE A 68 3.12 8.16 5.20
N GLU A 69 4.01 8.41 4.26
CA GLU A 69 4.48 9.77 3.99
C GLU A 69 3.30 10.75 3.99
N LYS A 70 2.22 10.36 3.34
CA LYS A 70 1.02 11.20 3.27
C LYS A 70 0.41 11.40 4.65
N ILE A 71 0.26 10.30 5.39
CA ILE A 71 -0.31 10.35 6.72
C ILE A 71 0.41 11.38 7.59
N ALA A 72 1.68 11.13 7.88
CA ALA A 72 2.48 12.03 8.68
C ALA A 72 2.24 13.48 8.29
N LYS A 73 2.37 13.77 7.00
CA LYS A 73 2.16 15.12 6.49
C LYS A 73 1.06 15.82 7.26
N ASN A 74 -0.13 15.24 7.24
CA ASN A 74 -1.29 15.81 7.93
C ASN A 74 -1.70 14.94 9.11
N LEU A 75 -1.75 15.54 10.29
CA LEU A 75 -2.14 14.81 11.49
C LEU A 75 -3.49 15.31 12.03
N ASP A 76 -3.52 16.58 12.39
CA ASP A 76 -4.75 17.18 12.91
C ASP A 76 -5.98 16.61 12.22
N SER A 77 -6.97 16.19 13.00
CA SER A 77 -8.19 15.63 12.46
C SER A 77 -9.15 16.72 12.02
N SER A 78 -9.04 17.16 10.78
CA SER A 78 -9.89 18.20 10.24
C SER A 78 -11.14 17.61 9.60
N GLY A 79 -12.31 18.04 10.08
CA GLY A 79 -13.57 17.54 9.55
C GLY A 79 -14.37 16.79 10.59
N PRO A 80 -15.70 16.79 10.43
CA PRO A 80 -16.62 16.11 11.35
C PRO A 80 -16.52 14.59 11.25
N SER A 81 -15.61 14.01 12.01
CA SER A 81 -15.40 12.56 12.00
C SER A 81 -16.66 11.85 12.50
N SER A 82 -17.50 11.42 11.57
CA SER A 82 -18.73 10.72 11.91
C SER A 82 -18.44 9.49 12.76
N GLY A 83 -19.49 8.93 13.37
CA GLY A 83 -19.32 7.76 14.21
C GLY A 83 -20.62 7.32 14.85
N GLY A 1 14.01 -21.13 8.28
CA GLY A 1 14.46 -21.02 6.90
C GLY A 1 13.31 -20.94 5.92
N SER A 2 13.41 -20.02 4.97
CA SER A 2 12.36 -19.84 3.96
C SER A 2 12.67 -20.65 2.71
N SER A 3 13.84 -20.40 2.12
CA SER A 3 14.25 -21.09 0.91
C SER A 3 13.07 -21.28 -0.05
N GLY A 4 12.12 -20.34 0.02
CA GLY A 4 10.96 -20.42 -0.85
C GLY A 4 11.18 -19.73 -2.18
N SER A 5 10.51 -18.59 -2.36
CA SER A 5 10.63 -17.83 -3.60
C SER A 5 12.09 -17.50 -3.90
N SER A 6 12.35 -17.03 -5.11
CA SER A 6 13.71 -16.68 -5.52
C SER A 6 13.70 -15.99 -6.89
N GLY A 7 14.54 -14.98 -7.04
CA GLY A 7 14.62 -14.26 -8.30
C GLY A 7 13.32 -13.58 -8.66
N GLU A 8 13.41 -12.40 -9.25
CA GLU A 8 12.23 -11.65 -9.65
C GLU A 8 12.37 -11.10 -11.07
N LYS A 9 11.43 -11.45 -11.94
CA LYS A 9 11.46 -11.00 -13.32
C LYS A 9 10.12 -10.36 -13.70
N GLU A 10 9.03 -11.03 -13.37
CA GLU A 10 7.69 -10.53 -13.68
C GLU A 10 7.50 -9.14 -13.10
N ASP A 11 7.33 -8.15 -13.98
CA ASP A 11 7.13 -6.77 -13.56
C ASP A 11 5.64 -6.46 -13.44
N SER A 12 5.32 -5.42 -12.68
CA SER A 12 3.93 -5.00 -12.49
C SER A 12 3.65 -3.68 -13.20
N LYS A 13 3.44 -3.76 -14.51
CA LYS A 13 3.15 -2.57 -15.31
C LYS A 13 1.68 -2.22 -15.25
N THR A 14 0.84 -3.10 -15.78
CA THR A 14 -0.60 -2.88 -15.79
C THR A 14 -1.28 -3.63 -14.65
N ARG A 15 -1.04 -4.94 -14.58
CA ARG A 15 -1.63 -5.77 -13.53
C ARG A 15 -1.37 -5.18 -12.15
N GLY A 16 -0.28 -4.44 -12.02
CA GLY A 16 0.06 -3.82 -10.75
C GLY A 16 -1.01 -2.88 -10.26
N GLU A 17 -2.00 -2.61 -11.12
CA GLU A 17 -3.10 -1.72 -10.76
C GLU A 17 -3.90 -2.29 -9.59
N LYS A 18 -4.54 -3.42 -9.81
CA LYS A 18 -5.35 -4.07 -8.77
C LYS A 18 -4.51 -4.33 -7.52
N ILE A 19 -3.36 -4.98 -7.70
CA ILE A 19 -2.47 -5.29 -6.59
C ILE A 19 -2.27 -4.06 -5.70
N LYS A 20 -1.90 -2.94 -6.32
CA LYS A 20 -1.68 -1.70 -5.59
C LYS A 20 -2.89 -1.34 -4.74
N SER A 21 -4.07 -1.40 -5.36
CA SER A 21 -5.31 -1.07 -4.67
C SER A 21 -5.44 -1.87 -3.39
N ASP A 22 -5.38 -3.20 -3.51
CA ASP A 22 -5.49 -4.08 -2.36
C ASP A 22 -4.42 -3.76 -1.33
N PHE A 23 -3.16 -3.82 -1.76
CA PHE A 23 -2.03 -3.54 -0.88
C PHE A 23 -2.35 -2.38 0.07
N PHE A 24 -2.84 -1.28 -0.49
CA PHE A 24 -3.18 -0.10 0.29
C PHE A 24 -4.30 -0.42 1.28
N GLU A 25 -5.34 -1.09 0.79
CA GLU A 25 -6.47 -1.45 1.64
C GLU A 25 -6.00 -2.13 2.92
N LEU A 26 -5.11 -3.10 2.78
CA LEU A 26 -4.58 -3.83 3.92
C LEU A 26 -3.85 -2.89 4.87
N LEU A 27 -2.80 -2.25 4.38
CA LEU A 27 -2.02 -1.32 5.18
C LEU A 27 -2.92 -0.34 5.92
N SER A 28 -3.69 0.43 5.16
CA SER A 28 -4.60 1.41 5.73
C SER A 28 -5.49 0.77 6.79
N ASN A 29 -5.81 -0.50 6.60
CA ASN A 29 -6.66 -1.23 7.54
C ASN A 29 -5.87 -1.59 8.80
N HIS A 30 -4.55 -1.65 8.68
CA HIS A 30 -3.69 -1.98 9.81
C HIS A 30 -3.40 -0.75 10.65
N HIS A 31 -4.38 0.15 10.72
CA HIS A 31 -4.23 1.38 11.51
C HIS A 31 -2.79 1.89 11.46
N LEU A 32 -2.28 2.08 10.25
CA LEU A 32 -0.91 2.56 10.07
C LEU A 32 -0.64 3.78 10.94
N ASP A 33 0.63 4.16 11.05
CA ASP A 33 1.02 5.31 11.84
C ASP A 33 2.30 5.94 11.31
N SER A 34 2.54 7.20 11.68
CA SER A 34 3.72 7.91 11.23
C SER A 34 5.00 7.14 11.57
N GLN A 35 5.04 6.58 12.77
CA GLN A 35 6.20 5.82 13.22
C GLN A 35 6.06 4.35 12.82
N SER A 36 5.38 4.10 11.70
CA SER A 36 5.18 2.75 11.22
C SER A 36 6.39 2.28 10.40
N ARG A 37 6.96 1.14 10.78
CA ARG A 37 8.11 0.59 10.09
C ARG A 37 7.68 -0.50 9.12
N TRP A 38 8.44 -0.63 8.03
CA TRP A 38 8.14 -1.64 7.01
C TRP A 38 8.27 -3.04 7.59
N SER A 39 9.49 -3.45 7.89
CA SER A 39 9.75 -4.77 8.45
C SER A 39 8.59 -5.22 9.34
N LYS A 40 8.00 -4.26 10.05
CA LYS A 40 6.88 -4.56 10.94
C LYS A 40 5.61 -4.82 10.16
N VAL A 41 5.19 -3.84 9.36
CA VAL A 41 3.99 -3.96 8.55
C VAL A 41 4.04 -5.22 7.68
N LYS A 42 5.20 -5.45 7.07
CA LYS A 42 5.37 -6.62 6.21
C LYS A 42 5.36 -7.91 7.03
N ASP A 43 5.91 -7.85 8.24
CA ASP A 43 5.94 -9.01 9.12
C ASP A 43 4.57 -9.28 9.71
N LYS A 44 3.79 -8.23 9.91
CA LYS A 44 2.45 -8.36 10.47
C LYS A 44 1.45 -8.78 9.39
N VAL A 45 1.69 -8.35 8.17
CA VAL A 45 0.81 -8.69 7.05
C VAL A 45 1.14 -10.05 6.48
N GLU A 46 2.41 -10.45 6.59
CA GLU A 46 2.87 -11.74 6.09
C GLU A 46 1.79 -12.81 6.30
N SER A 47 0.99 -12.63 7.34
CA SER A 47 -0.07 -13.58 7.65
C SER A 47 -1.33 -13.27 6.84
N ASP A 48 -1.14 -12.72 5.66
CA ASP A 48 -2.25 -12.38 4.77
C ASP A 48 -1.92 -12.71 3.32
N PRO A 49 -2.92 -13.24 2.59
CA PRO A 49 -2.76 -13.61 1.18
C PRO A 49 -2.61 -12.39 0.28
N ARG A 50 -3.17 -11.26 0.72
CA ARG A 50 -3.11 -10.03 -0.05
C ARG A 50 -1.67 -9.55 -0.20
N TYR A 51 -0.85 -9.83 0.81
CA TYR A 51 0.55 -9.43 0.80
C TYR A 51 1.33 -10.18 -0.26
N LYS A 52 0.81 -11.35 -0.66
CA LYS A 52 1.45 -12.17 -1.67
C LYS A 52 1.16 -11.63 -3.07
N ALA A 53 0.15 -10.78 -3.18
CA ALA A 53 -0.22 -10.19 -4.45
C ALA A 53 0.97 -9.51 -5.12
N VAL A 54 1.68 -8.68 -4.35
CA VAL A 54 2.85 -7.99 -4.87
C VAL A 54 4.04 -8.92 -5.00
N ASP A 55 4.77 -8.79 -6.09
CA ASP A 55 5.94 -9.63 -6.34
C ASP A 55 7.22 -8.79 -6.33
N SER A 56 7.11 -7.55 -6.81
CA SER A 56 8.26 -6.65 -6.86
C SER A 56 8.50 -6.00 -5.50
N SER A 57 9.61 -6.35 -4.87
CA SER A 57 9.95 -5.79 -3.56
C SER A 57 9.93 -4.26 -3.59
N SER A 58 10.53 -3.69 -4.63
CA SER A 58 10.59 -2.25 -4.79
C SER A 58 9.23 -1.62 -4.52
N MET A 59 8.18 -2.25 -5.02
CA MET A 59 6.82 -1.76 -4.85
C MET A 59 6.38 -1.89 -3.39
N ARG A 60 6.77 -3.00 -2.76
CA ARG A 60 6.42 -3.26 -1.37
C ARG A 60 6.84 -2.09 -0.48
N GLU A 61 8.13 -1.76 -0.51
CA GLU A 61 8.66 -0.67 0.30
C GLU A 61 8.11 0.67 -0.18
N ASP A 62 8.29 0.97 -1.46
CA ASP A 62 7.80 2.21 -2.03
C ASP A 62 6.36 2.47 -1.63
N LEU A 63 5.47 1.55 -1.98
CA LEU A 63 4.05 1.68 -1.65
C LEU A 63 3.87 1.98 -0.18
N PHE A 64 4.42 1.13 0.67
CA PHE A 64 4.31 1.31 2.12
C PHE A 64 4.77 2.71 2.53
N LYS A 65 6.04 3.00 2.29
CA LYS A 65 6.60 4.30 2.63
C LYS A 65 5.73 5.43 2.11
N GLN A 66 5.23 5.28 0.88
CA GLN A 66 4.37 6.28 0.28
C GLN A 66 3.18 6.60 1.17
N TYR A 67 2.39 5.57 1.47
CA TYR A 67 1.21 5.74 2.32
C TYR A 67 1.57 6.47 3.60
N ILE A 68 2.53 5.93 4.34
CA ILE A 68 2.97 6.53 5.60
C ILE A 68 3.23 8.03 5.42
N GLU A 69 4.05 8.37 4.43
CA GLU A 69 4.38 9.76 4.17
C GLU A 69 3.12 10.61 4.09
N LYS A 70 2.10 10.09 3.43
CA LYS A 70 0.84 10.80 3.28
C LYS A 70 0.19 11.05 4.64
N ILE A 71 0.27 10.06 5.51
CA ILE A 71 -0.31 10.17 6.85
C ILE A 71 0.37 11.28 7.65
N ALA A 72 1.66 11.11 7.90
CA ALA A 72 2.44 12.10 8.65
C ALA A 72 2.39 13.46 7.98
N LYS A 73 2.58 13.48 6.66
CA LYS A 73 2.56 14.71 5.89
C LYS A 73 1.14 15.05 5.46
N ASN A 74 0.23 15.09 6.42
CA ASN A 74 -1.18 15.41 6.13
C ASN A 74 -1.52 16.82 6.62
N LEU A 75 -1.09 17.13 7.84
CA LEU A 75 -1.36 18.44 8.44
C LEU A 75 -0.34 19.47 7.96
N ASP A 76 0.75 18.99 7.38
CA ASP A 76 1.80 19.87 6.88
C ASP A 76 1.31 20.71 5.70
N SER A 77 0.73 20.03 4.71
CA SER A 77 0.21 20.71 3.53
C SER A 77 -1.15 21.35 3.81
N SER A 78 -1.16 22.67 3.92
CA SER A 78 -2.40 23.40 4.20
C SER A 78 -3.37 23.28 3.04
N GLY A 79 -4.56 23.84 3.22
CA GLY A 79 -5.57 23.79 2.17
C GLY A 79 -6.96 23.52 2.73
N PRO A 80 -7.99 24.04 2.04
CA PRO A 80 -9.38 23.88 2.45
C PRO A 80 -9.87 22.44 2.27
N SER A 81 -9.84 21.67 3.34
CA SER A 81 -10.28 20.28 3.30
C SER A 81 -11.79 20.19 3.10
N SER A 82 -12.28 18.98 2.94
CA SER A 82 -13.71 18.74 2.73
C SER A 82 -14.32 19.84 1.86
N GLY A 83 -13.60 20.21 0.80
CA GLY A 83 -14.07 21.23 -0.10
C GLY A 83 -13.57 21.04 -1.51
N GLY A 1 -0.84 13.43 -11.83
CA GLY A 1 -1.97 12.53 -11.84
C GLY A 1 -2.32 12.04 -13.24
N SER A 2 -3.58 11.69 -13.44
CA SER A 2 -4.04 11.20 -14.74
C SER A 2 -5.40 11.79 -15.09
N SER A 3 -5.84 11.53 -16.33
CA SER A 3 -7.13 12.03 -16.80
C SER A 3 -8.00 10.89 -17.30
N GLY A 4 -9.32 11.05 -17.15
CA GLY A 4 -10.25 10.04 -17.61
C GLY A 4 -9.80 8.64 -17.22
N SER A 5 -10.46 7.63 -17.79
CA SER A 5 -10.13 6.24 -17.50
C SER A 5 -10.22 5.39 -18.76
N SER A 6 -9.19 4.59 -19.00
CA SER A 6 -9.15 3.72 -20.17
C SER A 6 -8.19 2.56 -19.95
N GLY A 7 -8.39 1.49 -20.71
CA GLY A 7 -7.53 0.32 -20.59
C GLY A 7 -7.80 -0.71 -21.66
N GLU A 8 -7.39 -1.95 -21.40
CA GLU A 8 -7.59 -3.04 -22.35
C GLU A 8 -8.74 -3.94 -21.91
N LYS A 9 -8.99 -5.00 -22.68
CA LYS A 9 -10.06 -5.94 -22.36
C LYS A 9 -9.49 -7.32 -22.06
N GLU A 10 -8.45 -7.71 -22.79
CA GLU A 10 -7.81 -9.01 -22.59
C GLU A 10 -6.30 -8.87 -22.49
N ASP A 11 -5.85 -7.90 -21.69
CA ASP A 11 -4.43 -7.66 -21.51
C ASP A 11 -4.11 -7.38 -20.04
N SER A 12 -2.87 -7.62 -19.65
CA SER A 12 -2.43 -7.39 -18.28
C SER A 12 -1.83 -6.00 -18.12
N LYS A 13 -2.40 -5.03 -18.83
CA LYS A 13 -1.92 -3.65 -18.76
C LYS A 13 -2.34 -2.99 -17.45
N THR A 14 -3.64 -2.93 -17.22
CA THR A 14 -4.17 -2.32 -16.00
C THR A 14 -4.35 -3.36 -14.90
N ARG A 15 -3.38 -4.28 -14.80
CA ARG A 15 -3.43 -5.34 -13.79
C ARG A 15 -2.82 -4.85 -12.48
N GLY A 16 -1.60 -4.32 -12.56
CA GLY A 16 -0.93 -3.82 -11.37
C GLY A 16 -1.84 -3.00 -10.48
N GLU A 17 -2.64 -2.14 -11.09
CA GLU A 17 -3.56 -1.29 -10.34
C GLU A 17 -4.29 -2.10 -9.28
N LYS A 18 -4.66 -3.33 -9.62
CA LYS A 18 -5.37 -4.20 -8.68
C LYS A 18 -4.56 -4.42 -7.42
N ILE A 19 -3.36 -4.98 -7.58
CA ILE A 19 -2.48 -5.22 -6.44
C ILE A 19 -2.23 -3.96 -5.64
N LYS A 20 -2.06 -2.84 -6.34
CA LYS A 20 -1.82 -1.56 -5.69
C LYS A 20 -2.96 -1.21 -4.74
N SER A 21 -4.19 -1.35 -5.20
CA SER A 21 -5.36 -1.05 -4.39
C SER A 21 -5.45 -2.00 -3.19
N ASP A 22 -5.39 -3.30 -3.47
CA ASP A 22 -5.48 -4.31 -2.42
C ASP A 22 -4.43 -4.04 -1.34
N PHE A 23 -3.18 -3.85 -1.76
CA PHE A 23 -2.09 -3.59 -0.84
C PHE A 23 -2.42 -2.42 0.08
N PHE A 24 -2.80 -1.29 -0.52
CA PHE A 24 -3.15 -0.10 0.24
C PHE A 24 -4.23 -0.40 1.28
N GLU A 25 -5.31 -1.03 0.84
CA GLU A 25 -6.41 -1.38 1.73
C GLU A 25 -5.88 -2.02 3.02
N LEU A 26 -5.16 -3.13 2.87
CA LEU A 26 -4.61 -3.84 4.02
C LEU A 26 -3.87 -2.87 4.94
N LEU A 27 -2.80 -2.26 4.42
CA LEU A 27 -2.00 -1.32 5.19
C LEU A 27 -2.90 -0.38 6.00
N SER A 28 -3.66 0.45 5.28
CA SER A 28 -4.56 1.40 5.92
C SER A 28 -5.38 0.73 7.01
N ASN A 29 -5.92 -0.45 6.70
CA ASN A 29 -6.73 -1.21 7.65
C ASN A 29 -5.95 -1.50 8.92
N HIS A 30 -4.62 -1.55 8.79
CA HIS A 30 -3.76 -1.82 9.93
C HIS A 30 -3.47 -0.55 10.71
N HIS A 31 -4.46 0.34 10.77
CA HIS A 31 -4.32 1.60 11.48
C HIS A 31 -2.89 2.11 11.41
N LEU A 32 -2.37 2.25 10.20
CA LEU A 32 -1.01 2.74 9.98
C LEU A 32 -0.72 3.94 10.87
N ASP A 33 0.57 4.24 11.03
CA ASP A 33 0.98 5.38 11.85
C ASP A 33 2.20 6.07 11.24
N SER A 34 2.67 7.13 11.90
CA SER A 34 3.81 7.88 11.43
C SER A 34 5.11 7.13 11.72
N GLN A 35 5.11 6.36 12.80
CA GLN A 35 6.29 5.59 13.20
C GLN A 35 6.20 4.16 12.67
N SER A 36 5.46 3.98 11.58
CA SER A 36 5.30 2.66 10.98
C SER A 36 6.59 2.21 10.29
N ARG A 37 7.03 0.99 10.59
CA ARG A 37 8.24 0.45 10.00
C ARG A 37 7.92 -0.70 9.05
N TRP A 38 8.63 -0.76 7.93
CA TRP A 38 8.41 -1.81 6.94
C TRP A 38 8.53 -3.19 7.59
N SER A 39 9.74 -3.55 7.99
CA SER A 39 9.99 -4.85 8.61
C SER A 39 8.80 -5.28 9.45
N LYS A 40 8.23 -4.33 10.19
CA LYS A 40 7.07 -4.60 11.04
C LYS A 40 5.83 -4.85 10.21
N VAL A 41 5.40 -3.83 9.48
CA VAL A 41 4.21 -3.94 8.64
C VAL A 41 4.26 -5.19 7.78
N LYS A 42 5.47 -5.64 7.47
CA LYS A 42 5.66 -6.84 6.65
C LYS A 42 5.37 -8.10 7.46
N ASP A 43 5.92 -8.18 8.66
CA ASP A 43 5.71 -9.34 9.53
C ASP A 43 4.25 -9.43 9.96
N LYS A 44 3.55 -8.30 9.91
CA LYS A 44 2.15 -8.26 10.29
C LYS A 44 1.25 -8.69 9.13
N VAL A 45 1.57 -8.21 7.93
CA VAL A 45 0.81 -8.56 6.74
C VAL A 45 1.13 -9.97 6.26
N GLU A 46 2.37 -10.40 6.51
CA GLU A 46 2.80 -11.73 6.09
C GLU A 46 1.71 -12.76 6.35
N SER A 47 0.88 -12.50 7.35
CA SER A 47 -0.21 -13.42 7.70
C SER A 47 -1.46 -13.12 6.88
N ASP A 48 -1.25 -12.54 5.69
CA ASP A 48 -2.36 -12.20 4.81
C ASP A 48 -2.04 -12.62 3.37
N PRO A 49 -3.06 -13.14 2.67
CA PRO A 49 -2.92 -13.58 1.28
C PRO A 49 -2.73 -12.41 0.32
N ARG A 50 -3.34 -11.28 0.65
CA ARG A 50 -3.25 -10.09 -0.19
C ARG A 50 -1.79 -9.66 -0.35
N TYR A 51 -0.98 -9.93 0.67
CA TYR A 51 0.43 -9.57 0.64
C TYR A 51 1.19 -10.43 -0.34
N LYS A 52 0.56 -11.51 -0.80
CA LYS A 52 1.19 -12.43 -1.75
C LYS A 52 0.94 -11.96 -3.19
N ALA A 53 0.28 -10.82 -3.33
CA ALA A 53 0.00 -10.26 -4.64
C ALA A 53 1.24 -9.65 -5.26
N VAL A 54 1.86 -8.73 -4.53
CA VAL A 54 3.07 -8.05 -5.00
C VAL A 54 4.19 -9.05 -5.27
N ASP A 55 5.04 -8.74 -6.23
CA ASP A 55 6.15 -9.62 -6.59
C ASP A 55 7.49 -8.97 -6.22
N SER A 56 7.71 -7.76 -6.71
CA SER A 56 8.94 -7.03 -6.45
C SER A 56 8.94 -6.44 -5.04
N SER A 57 10.11 -6.34 -4.44
CA SER A 57 10.24 -5.80 -3.09
C SER A 57 10.23 -4.28 -3.11
N SER A 58 10.89 -3.70 -4.10
CA SER A 58 10.95 -2.24 -4.24
C SER A 58 9.54 -1.64 -4.28
N MET A 59 8.66 -2.27 -5.03
CA MET A 59 7.28 -1.80 -5.15
C MET A 59 6.62 -1.69 -3.78
N ARG A 60 6.95 -2.63 -2.89
CA ARG A 60 6.39 -2.63 -1.55
C ARG A 60 6.91 -1.44 -0.74
N GLU A 61 8.22 -1.39 -0.56
CA GLU A 61 8.85 -0.31 0.19
C GLU A 61 8.37 1.05 -0.31
N ASP A 62 8.22 1.18 -1.63
CA ASP A 62 7.77 2.42 -2.23
C ASP A 62 6.30 2.67 -1.94
N LEU A 63 5.45 1.71 -2.30
CA LEU A 63 4.02 1.82 -2.07
C LEU A 63 3.72 2.09 -0.60
N PHE A 64 4.12 1.15 0.27
CA PHE A 64 3.90 1.29 1.70
C PHE A 64 4.38 2.65 2.19
N LYS A 65 5.65 2.97 1.92
CA LYS A 65 6.22 4.24 2.34
C LYS A 65 5.36 5.41 1.88
N GLN A 66 4.93 5.36 0.62
CA GLN A 66 4.10 6.43 0.06
C GLN A 66 2.90 6.70 0.96
N TYR A 67 2.14 5.66 1.27
CA TYR A 67 0.96 5.80 2.11
C TYR A 67 1.32 6.45 3.44
N ILE A 68 2.25 5.82 4.17
CA ILE A 68 2.68 6.35 5.46
C ILE A 68 3.07 7.81 5.36
N GLU A 69 3.87 8.14 4.34
CA GLU A 69 4.32 9.51 4.14
C GLU A 69 3.14 10.48 4.14
N LYS A 70 2.07 10.11 3.44
CA LYS A 70 0.88 10.93 3.36
C LYS A 70 0.27 11.14 4.74
N ILE A 71 0.19 10.06 5.51
CA ILE A 71 -0.37 10.12 6.86
C ILE A 71 0.37 11.13 7.71
N ALA A 72 1.66 10.88 7.96
CA ALA A 72 2.48 11.76 8.77
C ALA A 72 2.45 13.19 8.22
N LYS A 73 2.66 13.33 6.91
CA LYS A 73 2.65 14.63 6.26
C LYS A 73 1.52 15.50 6.81
N ASN A 74 0.28 15.07 6.61
CA ASN A 74 -0.88 15.81 7.08
C ASN A 74 -0.72 16.18 8.55
N LEU A 75 -0.48 15.19 9.39
CA LEU A 75 -0.30 15.42 10.82
C LEU A 75 1.03 16.11 11.10
N ASP A 76 0.99 17.45 11.12
CA ASP A 76 2.21 18.22 11.39
C ASP A 76 2.42 18.40 12.89
N SER A 77 3.47 17.77 13.40
CA SER A 77 3.78 17.85 14.82
C SER A 77 4.67 19.06 15.11
N SER A 78 5.74 19.21 14.34
CA SER A 78 6.67 20.32 14.52
C SER A 78 6.13 21.59 13.87
N GLY A 79 6.29 22.71 14.56
CA GLY A 79 5.81 23.98 14.03
C GLY A 79 6.80 24.63 13.08
N PRO A 80 7.83 25.27 13.65
CA PRO A 80 8.87 25.95 12.87
C PRO A 80 9.76 24.96 12.13
N SER A 81 10.50 25.47 11.14
CA SER A 81 11.39 24.64 10.34
C SER A 81 12.62 25.43 9.89
N SER A 82 13.72 24.73 9.68
CA SER A 82 14.97 25.36 9.26
C SER A 82 15.14 26.73 9.93
N GLY A 83 14.82 26.78 11.22
CA GLY A 83 14.95 28.04 11.95
C GLY A 83 15.28 27.82 13.41
N GLY A 1 -21.16 -5.41 -23.49
CA GLY A 1 -20.32 -6.08 -22.51
C GLY A 1 -19.59 -5.12 -21.61
N SER A 2 -19.61 -5.37 -20.31
CA SER A 2 -18.95 -4.51 -19.35
C SER A 2 -17.63 -4.00 -19.89
N SER A 3 -17.25 -2.79 -19.50
CA SER A 3 -16.00 -2.18 -19.95
C SER A 3 -14.92 -2.34 -18.90
N GLY A 4 -13.68 -2.53 -19.36
CA GLY A 4 -12.56 -2.69 -18.44
C GLY A 4 -11.84 -4.01 -18.63
N SER A 5 -10.80 -4.24 -17.84
CA SER A 5 -10.02 -5.47 -17.93
C SER A 5 -9.90 -6.13 -16.56
N SER A 6 -10.32 -7.40 -16.48
CA SER A 6 -10.27 -8.14 -15.23
C SER A 6 -8.83 -8.24 -14.72
N GLY A 7 -7.96 -8.83 -15.54
CA GLY A 7 -6.57 -8.97 -15.15
C GLY A 7 -5.74 -9.62 -16.24
N GLU A 8 -5.73 -9.02 -17.42
CA GLU A 8 -4.96 -9.56 -18.54
C GLU A 8 -3.58 -10.02 -18.09
N LYS A 9 -3.30 -11.30 -18.33
CA LYS A 9 -2.01 -11.87 -17.95
C LYS A 9 -0.89 -11.32 -18.81
N GLU A 10 -1.11 -11.29 -20.12
CA GLU A 10 -0.11 -10.77 -21.06
C GLU A 10 0.54 -9.51 -20.52
N ASP A 11 -0.28 -8.56 -20.10
CA ASP A 11 0.22 -7.30 -19.56
C ASP A 11 0.04 -7.25 -18.05
N SER A 12 1.09 -6.85 -17.34
CA SER A 12 1.04 -6.76 -15.88
C SER A 12 0.80 -5.33 -15.43
N LYS A 13 1.64 -4.41 -15.92
CA LYS A 13 1.51 -3.00 -15.56
C LYS A 13 0.05 -2.60 -15.43
N THR A 14 -0.76 -2.98 -16.42
CA THR A 14 -2.19 -2.66 -16.40
C THR A 14 -2.86 -3.25 -15.17
N ARG A 15 -2.76 -4.56 -15.01
CA ARG A 15 -3.37 -5.23 -13.86
C ARG A 15 -2.86 -4.65 -12.55
N GLY A 16 -1.64 -4.14 -12.57
CA GLY A 16 -1.05 -3.56 -11.38
C GLY A 16 -2.03 -2.69 -10.61
N GLU A 17 -2.93 -2.04 -11.35
CA GLU A 17 -3.93 -1.17 -10.72
C GLU A 17 -4.60 -1.87 -9.54
N LYS A 18 -5.03 -3.10 -9.77
CA LYS A 18 -5.70 -3.88 -8.72
C LYS A 18 -4.72 -4.21 -7.60
N ILE A 19 -3.65 -4.94 -7.93
CA ILE A 19 -2.66 -5.32 -6.95
C ILE A 19 -2.28 -4.14 -6.06
N LYS A 20 -2.30 -2.94 -6.63
CA LYS A 20 -1.97 -1.73 -5.88
C LYS A 20 -3.09 -1.36 -4.92
N SER A 21 -4.31 -1.25 -5.45
CA SER A 21 -5.47 -0.90 -4.63
C SER A 21 -5.60 -1.83 -3.44
N ASP A 22 -5.42 -3.13 -3.68
CA ASP A 22 -5.51 -4.12 -2.62
C ASP A 22 -4.43 -3.90 -1.56
N PHE A 23 -3.19 -3.82 -2.00
CA PHE A 23 -2.07 -3.60 -1.09
C PHE A 23 -2.37 -2.48 -0.10
N PHE A 24 -2.82 -1.34 -0.63
CA PHE A 24 -3.15 -0.19 0.20
C PHE A 24 -4.19 -0.57 1.24
N GLU A 25 -5.36 -1.02 0.78
CA GLU A 25 -6.45 -1.40 1.67
C GLU A 25 -5.90 -2.10 2.92
N LEU A 26 -5.07 -3.11 2.70
CA LEU A 26 -4.49 -3.86 3.80
C LEU A 26 -3.72 -2.95 4.75
N LEU A 27 -2.68 -2.31 4.23
CA LEU A 27 -1.86 -1.39 5.03
C LEU A 27 -2.74 -0.49 5.89
N SER A 28 -3.57 0.31 5.24
CA SER A 28 -4.46 1.22 5.95
C SER A 28 -5.23 0.49 7.03
N ASN A 29 -5.67 -0.73 6.72
CA ASN A 29 -6.42 -1.54 7.68
C ASN A 29 -5.57 -1.89 8.89
N HIS A 30 -4.25 -1.88 8.71
CA HIS A 30 -3.33 -2.20 9.79
C HIS A 30 -3.08 -0.96 10.66
N HIS A 31 -4.12 -0.16 10.86
CA HIS A 31 -4.02 1.03 11.68
C HIS A 31 -2.64 1.66 11.56
N LEU A 32 -2.23 1.94 10.32
CA LEU A 32 -0.92 2.54 10.07
C LEU A 32 -0.67 3.71 11.01
N ASP A 33 0.57 4.19 11.04
CA ASP A 33 0.96 5.29 11.90
C ASP A 33 2.16 6.04 11.33
N SER A 34 2.56 7.11 12.00
CA SER A 34 3.71 7.91 11.56
C SER A 34 5.01 7.13 11.72
N GLN A 35 5.22 6.57 12.91
CA GLN A 35 6.42 5.80 13.19
C GLN A 35 6.26 4.36 12.73
N SER A 36 5.46 4.15 11.70
CA SER A 36 5.22 2.82 11.16
C SER A 36 6.42 2.32 10.36
N ARG A 37 6.98 1.20 10.78
CA ARG A 37 8.13 0.62 10.10
C ARG A 37 7.71 -0.48 9.15
N TRP A 38 8.45 -0.63 8.06
CA TRP A 38 8.15 -1.65 7.05
C TRP A 38 8.23 -3.05 7.66
N SER A 39 9.45 -3.47 7.99
CA SER A 39 9.68 -4.79 8.57
C SER A 39 8.53 -5.17 9.51
N LYS A 40 7.99 -4.18 10.21
CA LYS A 40 6.89 -4.41 11.14
C LYS A 40 5.59 -4.66 10.38
N VAL A 41 5.19 -3.70 9.55
CA VAL A 41 3.97 -3.82 8.77
C VAL A 41 3.96 -5.12 7.97
N LYS A 42 5.09 -5.45 7.37
CA LYS A 42 5.21 -6.66 6.56
C LYS A 42 5.20 -7.89 7.45
N ASP A 43 5.74 -7.76 8.66
CA ASP A 43 5.80 -8.86 9.60
C ASP A 43 4.41 -9.18 10.15
N LYS A 44 3.52 -8.20 10.09
CA LYS A 44 2.15 -8.37 10.58
C LYS A 44 1.22 -8.78 9.45
N VAL A 45 1.47 -8.25 8.25
CA VAL A 45 0.65 -8.57 7.09
C VAL A 45 1.01 -9.95 6.53
N GLU A 46 2.26 -10.34 6.71
CA GLU A 46 2.72 -11.64 6.23
C GLU A 46 1.64 -12.70 6.35
N SER A 47 0.78 -12.53 7.35
CA SER A 47 -0.31 -13.47 7.59
C SER A 47 -1.51 -13.15 6.71
N ASP A 48 -1.25 -12.58 5.54
CA ASP A 48 -2.30 -12.22 4.60
C ASP A 48 -1.92 -12.61 3.18
N PRO A 49 -2.91 -13.12 2.41
CA PRO A 49 -2.70 -13.53 1.03
C PRO A 49 -2.46 -12.35 0.10
N ARG A 50 -3.01 -11.20 0.46
CA ARG A 50 -2.85 -9.99 -0.35
C ARG A 50 -1.39 -9.56 -0.41
N TYR A 51 -0.64 -9.87 0.65
CA TYR A 51 0.76 -9.50 0.73
C TYR A 51 1.59 -10.32 -0.27
N LYS A 52 1.05 -11.46 -0.68
CA LYS A 52 1.73 -12.33 -1.62
C LYS A 52 1.47 -11.88 -3.06
N ALA A 53 0.53 -10.96 -3.22
CA ALA A 53 0.18 -10.43 -4.54
C ALA A 53 1.36 -9.67 -5.15
N VAL A 54 2.02 -8.86 -4.33
CA VAL A 54 3.17 -8.08 -4.79
C VAL A 54 4.44 -8.91 -4.80
N ASP A 55 5.05 -9.05 -5.97
CA ASP A 55 6.28 -9.81 -6.12
C ASP A 55 7.51 -8.90 -6.00
N SER A 56 7.45 -7.75 -6.68
CA SER A 56 8.56 -6.80 -6.66
C SER A 56 8.67 -6.14 -5.29
N SER A 57 9.79 -6.37 -4.61
CA SER A 57 10.02 -5.80 -3.29
C SER A 57 9.93 -4.28 -3.34
N SER A 58 10.64 -3.68 -4.29
CA SER A 58 10.65 -2.23 -4.45
C SER A 58 9.24 -1.67 -4.34
N MET A 59 8.28 -2.36 -4.97
CA MET A 59 6.89 -1.93 -4.94
C MET A 59 6.34 -1.94 -3.52
N ARG A 60 6.55 -3.06 -2.82
CA ARG A 60 6.07 -3.19 -1.45
C ARG A 60 6.60 -2.07 -0.57
N GLU A 61 7.90 -1.81 -0.65
CA GLU A 61 8.52 -0.75 0.13
C GLU A 61 8.01 0.62 -0.30
N ASP A 62 8.16 0.92 -1.58
CA ASP A 62 7.71 2.20 -2.12
C ASP A 62 6.25 2.48 -1.74
N LEU A 63 5.36 1.57 -2.12
CA LEU A 63 3.95 1.71 -1.83
C LEU A 63 3.74 2.09 -0.36
N PHE A 64 4.20 1.23 0.55
CA PHE A 64 4.06 1.48 1.97
C PHE A 64 4.57 2.88 2.33
N LYS A 65 5.83 3.13 2.04
CA LYS A 65 6.43 4.44 2.33
C LYS A 65 5.55 5.57 1.85
N GLN A 66 5.03 5.44 0.62
CA GLN A 66 4.16 6.45 0.04
C GLN A 66 2.99 6.75 0.95
N TYR A 67 2.23 5.71 1.30
CA TYR A 67 1.07 5.86 2.17
C TYR A 67 1.46 6.53 3.47
N ILE A 68 2.39 5.93 4.20
CA ILE A 68 2.84 6.46 5.47
C ILE A 68 3.21 7.94 5.33
N GLU A 69 4.11 8.24 4.40
CA GLU A 69 4.55 9.61 4.17
C GLU A 69 3.36 10.57 4.15
N LYS A 70 2.31 10.19 3.41
CA LYS A 70 1.12 11.02 3.31
C LYS A 70 0.51 11.26 4.69
N ILE A 71 0.39 10.20 5.48
CA ILE A 71 -0.17 10.30 6.82
C ILE A 71 0.58 11.32 7.66
N ALA A 72 1.85 11.02 7.94
CA ALA A 72 2.69 11.93 8.73
C ALA A 72 2.73 13.31 8.12
N LYS A 73 2.74 13.37 6.79
CA LYS A 73 2.78 14.64 6.08
C LYS A 73 1.38 15.22 5.92
N ASN A 74 0.62 15.26 7.00
CA ASN A 74 -0.74 15.77 6.99
C ASN A 74 -0.89 16.93 7.97
N LEU A 75 -0.43 18.11 7.56
CA LEU A 75 -0.51 19.30 8.40
C LEU A 75 -1.05 20.49 7.62
N ASP A 76 -2.20 21.00 8.05
CA ASP A 76 -2.82 22.14 7.38
C ASP A 76 -3.16 23.24 8.40
N SER A 77 -2.20 24.12 8.64
CA SER A 77 -2.40 25.22 9.59
C SER A 77 -2.58 26.54 8.85
N SER A 78 -3.82 27.03 8.83
CA SER A 78 -4.13 28.29 8.16
C SER A 78 -3.34 29.44 8.78
N GLY A 79 -3.58 29.70 10.06
CA GLY A 79 -2.89 30.78 10.75
C GLY A 79 -1.41 30.82 10.41
N PRO A 80 -0.85 32.04 10.35
CA PRO A 80 0.57 32.24 10.04
C PRO A 80 1.49 31.75 11.15
N SER A 81 2.58 31.10 10.76
CA SER A 81 3.54 30.58 11.73
C SER A 81 4.12 31.71 12.58
N SER A 82 3.80 31.70 13.87
CA SER A 82 4.29 32.72 14.78
C SER A 82 4.35 32.18 16.21
N GLY A 83 5.20 32.79 17.03
CA GLY A 83 5.34 32.37 18.41
C GLY A 83 6.73 32.64 18.96
N GLY A 1 7.02 7.03 -14.71
CA GLY A 1 6.09 7.57 -15.69
C GLY A 1 4.73 7.85 -15.09
N SER A 2 3.70 7.87 -15.94
CA SER A 2 2.34 8.15 -15.49
C SER A 2 1.58 6.84 -15.27
N SER A 3 1.27 6.56 -14.00
CA SER A 3 0.54 5.34 -13.65
C SER A 3 -0.71 5.19 -14.52
N GLY A 4 -1.46 6.28 -14.68
CA GLY A 4 -2.66 6.25 -15.47
C GLY A 4 -3.84 6.93 -14.79
N SER A 5 -4.65 7.63 -15.56
CA SER A 5 -5.80 8.34 -15.02
C SER A 5 -7.10 7.62 -15.39
N SER A 6 -7.21 7.23 -16.65
CA SER A 6 -8.40 6.54 -17.14
C SER A 6 -8.10 5.76 -18.40
N GLY A 7 -8.94 4.77 -18.71
CA GLY A 7 -8.74 3.97 -19.89
C GLY A 7 -8.50 2.51 -19.57
N GLU A 8 -9.58 1.76 -19.33
CA GLU A 8 -9.47 0.35 -19.00
C GLU A 8 -10.08 -0.51 -20.12
N LYS A 9 -9.22 -1.27 -20.79
CA LYS A 9 -9.66 -2.14 -21.87
C LYS A 9 -9.60 -3.61 -21.46
N GLU A 10 -8.40 -4.06 -21.10
CA GLU A 10 -8.20 -5.45 -20.68
C GLU A 10 -7.69 -5.51 -19.24
N ASP A 11 -8.57 -5.87 -18.32
CA ASP A 11 -8.20 -5.98 -16.91
C ASP A 11 -6.96 -6.82 -16.73
N SER A 12 -6.97 -8.02 -17.32
CA SER A 12 -5.84 -8.93 -17.22
C SER A 12 -4.52 -8.19 -17.41
N LYS A 13 -4.45 -7.37 -18.45
CA LYS A 13 -3.25 -6.60 -18.74
C LYS A 13 -3.00 -5.55 -17.65
N THR A 14 -4.04 -4.77 -17.34
CA THR A 14 -3.93 -3.74 -16.32
C THR A 14 -4.21 -4.30 -14.93
N ARG A 15 -3.41 -5.28 -14.52
CA ARG A 15 -3.58 -5.90 -13.21
C ARG A 15 -2.77 -5.17 -12.16
N GLY A 16 -1.76 -4.42 -12.60
CA GLY A 16 -0.93 -3.68 -11.67
C GLY A 16 -1.74 -2.81 -10.73
N GLU A 17 -2.75 -2.14 -11.26
CA GLU A 17 -3.59 -1.26 -10.46
C GLU A 17 -4.37 -2.07 -9.42
N LYS A 18 -4.74 -3.29 -9.78
CA LYS A 18 -5.49 -4.17 -8.89
C LYS A 18 -4.65 -4.53 -7.66
N ILE A 19 -3.42 -4.97 -7.89
CA ILE A 19 -2.52 -5.34 -6.80
C ILE A 19 -2.24 -4.16 -5.90
N LYS A 20 -1.97 -3.00 -6.50
CA LYS A 20 -1.68 -1.79 -5.75
C LYS A 20 -2.82 -1.47 -4.78
N SER A 21 -4.04 -1.43 -5.30
CA SER A 21 -5.21 -1.13 -4.48
C SER A 21 -5.27 -2.06 -3.27
N ASP A 22 -5.27 -3.36 -3.54
CA ASP A 22 -5.33 -4.35 -2.47
C ASP A 22 -4.30 -4.06 -1.39
N PHE A 23 -3.03 -4.06 -1.77
CA PHE A 23 -1.95 -3.79 -0.83
C PHE A 23 -2.32 -2.64 0.11
N PHE A 24 -2.59 -1.48 -0.47
CA PHE A 24 -2.96 -0.30 0.31
C PHE A 24 -4.07 -0.63 1.30
N GLU A 25 -5.18 -1.13 0.77
CA GLU A 25 -6.32 -1.48 1.62
C GLU A 25 -5.86 -2.17 2.90
N LEU A 26 -5.03 -3.19 2.75
CA LEU A 26 -4.51 -3.93 3.89
C LEU A 26 -3.78 -3.00 4.87
N LEU A 27 -2.71 -2.39 4.38
CA LEU A 27 -1.92 -1.47 5.21
C LEU A 27 -2.83 -0.55 6.02
N SER A 28 -3.63 0.25 5.33
CA SER A 28 -4.54 1.17 5.99
C SER A 28 -5.33 0.47 7.08
N ASN A 29 -5.80 -0.74 6.77
CA ASN A 29 -6.59 -1.53 7.73
C ASN A 29 -5.77 -1.84 8.96
N HIS A 30 -4.44 -1.87 8.81
CA HIS A 30 -3.54 -2.16 9.91
C HIS A 30 -3.28 -0.91 10.75
N HIS A 31 -4.30 -0.06 10.85
CA HIS A 31 -4.18 1.17 11.63
C HIS A 31 -2.77 1.74 11.54
N LEU A 32 -2.31 1.96 10.30
CA LEU A 32 -0.97 2.50 10.09
C LEU A 32 -0.71 3.71 10.98
N ASP A 33 0.51 4.22 10.94
CA ASP A 33 0.89 5.37 11.75
C ASP A 33 2.11 6.08 11.16
N SER A 34 2.52 7.16 11.80
CA SER A 34 3.67 7.93 11.33
C SER A 34 4.98 7.20 11.65
N GLN A 35 5.01 6.55 12.82
CA GLN A 35 6.20 5.81 13.24
C GLN A 35 6.11 4.34 12.82
N SER A 36 5.41 4.09 11.72
CA SER A 36 5.25 2.73 11.22
C SER A 36 6.38 2.37 10.26
N ARG A 37 7.08 1.28 10.56
CA ARG A 37 8.18 0.83 9.73
C ARG A 37 7.71 -0.25 8.74
N TRP A 38 8.58 -0.60 7.81
CA TRP A 38 8.25 -1.62 6.81
C TRP A 38 8.31 -3.01 7.41
N SER A 39 9.52 -3.46 7.74
CA SER A 39 9.71 -4.78 8.32
C SER A 39 8.57 -5.13 9.27
N LYS A 40 8.04 -4.13 9.96
CA LYS A 40 6.93 -4.32 10.89
C LYS A 40 5.63 -4.54 10.13
N VAL A 41 5.25 -3.56 9.33
CA VAL A 41 4.02 -3.64 8.55
C VAL A 41 3.95 -4.93 7.75
N LYS A 42 5.08 -5.31 7.17
CA LYS A 42 5.16 -6.54 6.38
C LYS A 42 5.06 -7.78 7.28
N ASP A 43 5.66 -7.68 8.45
CA ASP A 43 5.64 -8.79 9.41
C ASP A 43 4.24 -9.02 9.96
N LYS A 44 3.44 -7.96 9.97
CA LYS A 44 2.07 -8.04 10.47
C LYS A 44 1.12 -8.49 9.38
N VAL A 45 1.37 -8.03 8.15
CA VAL A 45 0.54 -8.39 7.02
C VAL A 45 0.91 -9.77 6.47
N GLU A 46 2.18 -10.14 6.63
CA GLU A 46 2.66 -11.43 6.16
C GLU A 46 1.59 -12.50 6.33
N SER A 47 0.74 -12.33 7.33
CA SER A 47 -0.32 -13.29 7.61
C SER A 47 -1.54 -13.03 6.72
N ASP A 48 -1.28 -12.47 5.54
CA ASP A 48 -2.35 -12.18 4.59
C ASP A 48 -1.96 -12.59 3.17
N PRO A 49 -2.92 -13.15 2.43
CA PRO A 49 -2.70 -13.60 1.06
C PRO A 49 -2.49 -12.45 0.09
N ARG A 50 -3.10 -11.31 0.40
CA ARG A 50 -2.98 -10.12 -0.44
C ARG A 50 -1.53 -9.64 -0.50
N TYR A 51 -0.82 -9.80 0.61
CA TYR A 51 0.58 -9.38 0.69
C TYR A 51 1.45 -10.19 -0.26
N LYS A 52 0.96 -11.38 -0.64
CA LYS A 52 1.69 -12.25 -1.54
C LYS A 52 1.49 -11.81 -2.99
N ALA A 53 0.41 -11.10 -3.25
CA ALA A 53 0.11 -10.62 -4.59
C ALA A 53 1.29 -9.87 -5.18
N VAL A 54 1.82 -8.91 -4.42
CA VAL A 54 2.96 -8.11 -4.87
C VAL A 54 4.22 -8.96 -4.94
N ASP A 55 4.79 -9.06 -6.14
CA ASP A 55 6.01 -9.84 -6.35
C ASP A 55 7.25 -8.96 -6.22
N SER A 56 7.19 -7.77 -6.80
CA SER A 56 8.29 -6.83 -6.76
C SER A 56 8.47 -6.25 -5.35
N SER A 57 9.70 -6.29 -4.85
CA SER A 57 9.98 -5.77 -3.52
C SER A 57 9.90 -4.25 -3.49
N SER A 58 10.48 -3.60 -4.49
CA SER A 58 10.46 -2.15 -4.59
C SER A 58 9.05 -1.61 -4.40
N MET A 59 8.09 -2.23 -5.07
CA MET A 59 6.70 -1.82 -4.98
C MET A 59 6.22 -1.86 -3.53
N ARG A 60 6.53 -2.95 -2.83
CA ARG A 60 6.13 -3.10 -1.44
C ARG A 60 6.61 -1.93 -0.60
N GLU A 61 7.92 -1.79 -0.48
CA GLU A 61 8.52 -0.71 0.30
C GLU A 61 8.00 0.64 -0.17
N ASP A 62 8.24 0.96 -1.44
CA ASP A 62 7.80 2.23 -2.01
C ASP A 62 6.36 2.52 -1.62
N LEU A 63 5.46 1.61 -1.99
CA LEU A 63 4.03 1.77 -1.68
C LEU A 63 3.83 2.10 -0.21
N PHE A 64 4.38 1.26 0.67
CA PHE A 64 4.26 1.47 2.10
C PHE A 64 4.78 2.84 2.50
N LYS A 65 6.07 3.07 2.30
CA LYS A 65 6.69 4.34 2.64
C LYS A 65 5.87 5.50 2.11
N GLN A 66 5.31 5.34 0.92
CA GLN A 66 4.49 6.38 0.31
C GLN A 66 3.25 6.68 1.16
N TYR A 67 2.49 5.63 1.46
CA TYR A 67 1.28 5.79 2.26
C TYR A 67 1.59 6.46 3.59
N ILE A 68 2.54 5.91 4.33
CA ILE A 68 2.94 6.46 5.62
C ILE A 68 3.31 7.94 5.49
N GLU A 69 4.22 8.23 4.59
CA GLU A 69 4.67 9.60 4.36
C GLU A 69 3.46 10.55 4.27
N LYS A 70 2.43 10.12 3.56
CA LYS A 70 1.23 10.92 3.39
C LYS A 70 0.54 11.15 4.73
N ILE A 71 0.37 10.09 5.50
CA ILE A 71 -0.26 10.17 6.81
C ILE A 71 0.41 11.23 7.68
N ALA A 72 1.68 10.99 8.02
CA ALA A 72 2.44 11.91 8.85
C ALA A 72 2.36 13.33 8.30
N LYS A 73 2.48 13.45 6.97
CA LYS A 73 2.42 14.76 6.32
C LYS A 73 1.17 15.53 6.73
N ASN A 74 0.02 14.88 6.61
CA ASN A 74 -1.25 15.50 6.98
C ASN A 74 -1.72 15.02 8.35
N LEU A 75 -1.81 15.94 9.30
CA LEU A 75 -2.25 15.62 10.65
C LEU A 75 -3.51 16.38 11.02
N ASP A 76 -4.62 15.66 11.17
CA ASP A 76 -5.89 16.28 11.52
C ASP A 76 -5.69 17.40 12.53
N SER A 77 -5.73 18.64 12.06
CA SER A 77 -5.55 19.79 12.93
C SER A 77 -6.84 20.59 13.06
N SER A 78 -7.53 20.41 14.18
CA SER A 78 -8.78 21.10 14.43
C SER A 78 -8.54 22.43 15.15
N GLY A 79 -8.17 23.45 14.39
CA GLY A 79 -7.92 24.75 14.96
C GLY A 79 -8.89 25.81 14.47
N PRO A 80 -8.57 27.08 14.72
CA PRO A 80 -9.40 28.22 14.31
C PRO A 80 -9.41 28.41 12.81
N SER A 81 -8.62 27.61 12.10
CA SER A 81 -8.53 27.70 10.65
C SER A 81 -9.65 26.91 9.99
N SER A 82 -10.60 27.62 9.40
CA SER A 82 -11.73 26.99 8.73
C SER A 82 -11.28 26.28 7.45
N GLY A 83 -12.10 25.37 6.97
CA GLY A 83 -11.78 24.63 5.75
C GLY A 83 -12.98 24.41 4.86
N GLY A 1 -0.35 12.63 -7.21
CA GLY A 1 -1.65 12.63 -7.85
C GLY A 1 -2.01 11.26 -8.42
N SER A 2 -3.23 11.15 -8.96
CA SER A 2 -3.69 9.89 -9.55
C SER A 2 -4.11 10.09 -11.00
N SER A 3 -3.64 9.20 -11.86
CA SER A 3 -3.97 9.28 -13.28
C SER A 3 -5.47 9.29 -13.50
N GLY A 4 -6.17 8.36 -12.84
CA GLY A 4 -7.61 8.28 -12.97
C GLY A 4 -8.04 7.46 -14.16
N SER A 5 -7.47 6.27 -14.29
CA SER A 5 -7.80 5.39 -15.40
C SER A 5 -9.26 5.00 -15.38
N SER A 6 -9.95 5.20 -16.51
CA SER A 6 -11.36 4.89 -16.62
C SER A 6 -11.57 3.55 -17.34
N GLY A 7 -12.77 3.00 -17.21
CA GLY A 7 -13.08 1.73 -17.87
C GLY A 7 -12.27 0.58 -17.29
N GLU A 8 -12.66 -0.64 -17.65
CA GLU A 8 -11.97 -1.83 -17.16
C GLU A 8 -11.63 -2.78 -18.31
N LYS A 9 -10.42 -2.68 -18.82
CA LYS A 9 -9.97 -3.52 -19.92
C LYS A 9 -8.79 -4.39 -19.49
N GLU A 10 -8.75 -5.62 -20.02
CA GLU A 10 -7.67 -6.54 -19.69
C GLU A 10 -6.34 -6.04 -20.22
N ASP A 11 -5.79 -5.03 -19.54
CA ASP A 11 -4.51 -4.45 -19.94
C ASP A 11 -3.51 -4.50 -18.80
N SER A 12 -2.24 -4.28 -19.11
CA SER A 12 -1.18 -4.31 -18.11
C SER A 12 -1.38 -3.20 -17.08
N LYS A 13 -1.66 -1.99 -17.58
CA LYS A 13 -1.86 -0.84 -16.70
C LYS A 13 -2.86 -1.16 -15.60
N THR A 14 -4.07 -1.57 -15.99
CA THR A 14 -5.11 -1.92 -15.03
C THR A 14 -4.65 -3.04 -14.11
N ARG A 15 -4.06 -4.08 -14.70
CA ARG A 15 -3.59 -5.22 -13.92
C ARG A 15 -2.81 -4.76 -12.70
N GLY A 16 -1.92 -3.80 -12.88
CA GLY A 16 -1.13 -3.28 -11.78
C GLY A 16 -1.96 -2.46 -10.81
N GLU A 17 -2.86 -1.65 -11.34
CA GLU A 17 -3.72 -0.81 -10.52
C GLU A 17 -4.45 -1.65 -9.46
N LYS A 18 -5.18 -2.66 -9.92
CA LYS A 18 -5.92 -3.53 -9.01
C LYS A 18 -5.03 -4.02 -7.87
N ILE A 19 -3.88 -4.59 -8.24
CA ILE A 19 -2.94 -5.10 -7.26
C ILE A 19 -2.49 -4.01 -6.29
N LYS A 20 -2.18 -2.84 -6.84
CA LYS A 20 -1.75 -1.70 -6.03
C LYS A 20 -2.81 -1.35 -5.00
N SER A 21 -4.06 -1.30 -5.42
CA SER A 21 -5.17 -0.97 -4.53
C SER A 21 -5.25 -1.96 -3.37
N ASP A 22 -5.20 -3.25 -3.70
CA ASP A 22 -5.27 -4.29 -2.69
C ASP A 22 -4.22 -4.08 -1.61
N PHE A 23 -2.97 -3.90 -2.02
CA PHE A 23 -1.87 -3.69 -1.08
C PHE A 23 -2.20 -2.55 -0.12
N PHE A 24 -2.54 -1.39 -0.67
CA PHE A 24 -2.88 -0.22 0.15
C PHE A 24 -4.00 -0.56 1.12
N GLU A 25 -5.04 -1.20 0.61
CA GLU A 25 -6.19 -1.58 1.45
C GLU A 25 -5.72 -2.23 2.74
N LEU A 26 -4.99 -3.33 2.62
CA LEU A 26 -4.49 -4.05 3.78
C LEU A 26 -3.74 -3.11 4.72
N LEU A 27 -2.68 -2.48 4.20
CA LEU A 27 -1.88 -1.56 5.00
C LEU A 27 -2.77 -0.65 5.84
N SER A 28 -3.54 0.20 5.17
CA SER A 28 -4.44 1.13 5.84
C SER A 28 -5.25 0.40 6.92
N ASN A 29 -5.74 -0.78 6.59
CA ASN A 29 -6.53 -1.58 7.52
C ASN A 29 -5.72 -1.89 8.79
N HIS A 30 -4.41 -1.93 8.65
CA HIS A 30 -3.52 -2.22 9.77
C HIS A 30 -3.29 -0.97 10.61
N HIS A 31 -4.33 -0.16 10.77
CA HIS A 31 -4.23 1.07 11.55
C HIS A 31 -2.85 1.69 11.42
N LEU A 32 -2.43 1.93 10.18
CA LEU A 32 -1.12 2.51 9.92
C LEU A 32 -0.87 3.72 10.83
N ASP A 33 0.40 4.04 11.04
CA ASP A 33 0.77 5.17 11.89
C ASP A 33 1.84 6.02 11.22
N SER A 34 2.21 7.12 11.87
CA SER A 34 3.23 8.02 11.34
C SER A 34 4.61 7.38 11.41
N GLN A 35 4.91 6.77 12.55
CA GLN A 35 6.20 6.13 12.76
C GLN A 35 6.12 4.64 12.42
N SER A 36 5.24 4.29 11.49
CA SER A 36 5.06 2.90 11.09
C SER A 36 6.29 2.39 10.35
N ARG A 37 6.87 1.30 10.84
CA ARG A 37 8.05 0.71 10.23
C ARG A 37 7.66 -0.40 9.26
N TRP A 38 8.39 -0.51 8.16
CA TRP A 38 8.13 -1.54 7.16
C TRP A 38 8.38 -2.93 7.73
N SER A 39 9.64 -3.22 8.04
CA SER A 39 10.01 -4.51 8.59
C SER A 39 8.90 -5.06 9.50
N LYS A 40 8.34 -4.19 10.33
CA LYS A 40 7.28 -4.57 11.24
C LYS A 40 5.99 -4.87 10.49
N VAL A 41 5.44 -3.84 9.84
CA VAL A 41 4.20 -3.99 9.07
C VAL A 41 4.28 -5.20 8.15
N LYS A 42 5.50 -5.57 7.76
CA LYS A 42 5.71 -6.71 6.88
C LYS A 42 5.55 -8.02 7.63
N ASP A 43 6.15 -8.08 8.82
CA ASP A 43 6.08 -9.28 9.65
C ASP A 43 4.67 -9.50 10.17
N LYS A 44 3.88 -8.43 10.21
CA LYS A 44 2.51 -8.50 10.69
C LYS A 44 1.55 -8.81 9.54
N VAL A 45 1.81 -8.21 8.38
CA VAL A 45 0.97 -8.43 7.21
C VAL A 45 1.27 -9.78 6.56
N GLU A 46 2.51 -10.22 6.69
CA GLU A 46 2.93 -11.50 6.11
C GLU A 46 1.83 -12.54 6.27
N SER A 47 1.00 -12.37 7.28
CA SER A 47 -0.09 -13.31 7.54
C SER A 47 -1.32 -12.96 6.71
N ASP A 48 -1.09 -12.35 5.55
CA ASP A 48 -2.18 -11.97 4.66
C ASP A 48 -1.90 -12.41 3.24
N PRO A 49 -2.96 -12.90 2.55
CA PRO A 49 -2.85 -13.36 1.17
C PRO A 49 -2.60 -12.23 0.18
N ARG A 50 -3.13 -11.05 0.50
CA ARG A 50 -2.97 -9.88 -0.35
C ARG A 50 -1.49 -9.51 -0.51
N TYR A 51 -0.74 -9.67 0.58
CA TYR A 51 0.67 -9.35 0.58
C TYR A 51 1.43 -10.23 -0.42
N LYS A 52 0.86 -11.38 -0.74
CA LYS A 52 1.47 -12.31 -1.68
C LYS A 52 1.25 -11.85 -3.12
N ALA A 53 0.17 -11.11 -3.34
CA ALA A 53 -0.16 -10.61 -4.67
C ALA A 53 1.02 -9.84 -5.27
N VAL A 54 1.66 -9.02 -4.44
CA VAL A 54 2.81 -8.24 -4.89
C VAL A 54 4.08 -9.08 -4.91
N ASP A 55 4.72 -9.14 -6.07
CA ASP A 55 5.95 -9.90 -6.22
C ASP A 55 7.17 -8.99 -6.11
N SER A 56 7.11 -7.84 -6.76
CA SER A 56 8.22 -6.89 -6.75
C SER A 56 8.35 -6.25 -5.37
N SER A 57 9.38 -6.66 -4.63
CA SER A 57 9.62 -6.13 -3.30
C SER A 57 9.59 -4.60 -3.30
N SER A 58 10.31 -4.01 -4.25
CA SER A 58 10.38 -2.55 -4.38
C SER A 58 8.99 -1.93 -4.20
N MET A 59 8.00 -2.53 -4.86
CA MET A 59 6.62 -2.04 -4.78
C MET A 59 6.14 -2.03 -3.33
N ARG A 60 6.45 -3.09 -2.60
CA ARG A 60 6.03 -3.19 -1.20
C ARG A 60 6.61 -2.05 -0.38
N GLU A 61 7.92 -1.87 -0.45
CA GLU A 61 8.59 -0.81 0.29
C GLU A 61 8.10 0.56 -0.16
N ASP A 62 8.29 0.87 -1.44
CA ASP A 62 7.86 2.15 -1.99
C ASP A 62 6.42 2.46 -1.60
N LEU A 63 5.50 1.59 -2.03
CA LEU A 63 4.09 1.78 -1.73
C LEU A 63 3.88 2.12 -0.26
N PHE A 64 4.29 1.21 0.61
CA PHE A 64 4.16 1.42 2.06
C PHE A 64 4.67 2.79 2.45
N LYS A 65 5.94 3.07 2.15
CA LYS A 65 6.54 4.36 2.47
C LYS A 65 5.65 5.51 2.02
N GLN A 66 5.19 5.45 0.78
CA GLN A 66 4.33 6.49 0.22
C GLN A 66 3.15 6.77 1.14
N TYR A 67 2.34 5.73 1.39
CA TYR A 67 1.17 5.86 2.24
C TYR A 67 1.54 6.57 3.55
N ILE A 68 2.53 6.04 4.24
CA ILE A 68 2.98 6.62 5.50
C ILE A 68 3.34 8.10 5.34
N GLU A 69 4.12 8.40 4.30
CA GLU A 69 4.52 9.77 4.04
C GLU A 69 3.32 10.71 4.06
N LYS A 70 2.22 10.27 3.47
CA LYS A 70 1.01 11.07 3.42
C LYS A 70 0.43 11.27 4.81
N ILE A 71 0.35 10.19 5.58
CA ILE A 71 -0.18 10.25 6.94
C ILE A 71 0.56 11.29 7.77
N ALA A 72 1.84 11.05 8.01
CA ALA A 72 2.66 11.96 8.79
C ALA A 72 2.45 13.40 8.34
N LYS A 73 2.40 13.61 7.04
CA LYS A 73 2.21 14.94 6.47
C LYS A 73 0.93 15.58 7.02
N ASN A 74 -0.18 14.87 6.89
CA ASN A 74 -1.47 15.36 7.37
C ASN A 74 -1.71 14.93 8.81
N LEU A 75 -1.08 15.63 9.75
CA LEU A 75 -1.23 15.33 11.17
C LEU A 75 -2.37 16.12 11.79
N ASP A 76 -3.45 15.42 12.14
CA ASP A 76 -4.60 16.06 12.75
C ASP A 76 -4.20 16.91 13.95
N SER A 77 -4.51 18.20 13.90
CA SER A 77 -4.16 19.11 14.98
C SER A 77 -5.42 19.60 15.70
N SER A 78 -5.28 19.94 16.98
CA SER A 78 -6.41 20.42 17.77
C SER A 78 -6.28 21.91 18.04
N GLY A 79 -5.17 22.30 18.67
CA GLY A 79 -4.95 23.71 18.98
C GLY A 79 -3.51 23.99 19.35
N PRO A 80 -3.26 24.24 20.64
CA PRO A 80 -1.92 24.54 21.15
C PRO A 80 -1.00 23.33 21.10
N SER A 81 -0.37 23.11 19.94
CA SER A 81 0.52 21.98 19.76
C SER A 81 1.48 22.22 18.60
N SER A 82 2.75 21.86 18.79
CA SER A 82 3.76 22.05 17.75
C SER A 82 3.97 20.76 16.96
N GLY A 83 4.74 20.86 15.89
CA GLY A 83 5.01 19.70 15.06
C GLY A 83 4.96 20.01 13.58
N GLY A 1 -16.64 16.28 -16.98
CA GLY A 1 -15.79 15.20 -16.51
C GLY A 1 -15.53 14.16 -17.59
N SER A 2 -14.52 13.33 -17.37
CA SER A 2 -14.16 12.29 -18.34
C SER A 2 -14.05 10.93 -17.66
N SER A 3 -14.35 9.87 -18.40
CA SER A 3 -14.28 8.52 -17.86
C SER A 3 -13.17 7.73 -18.54
N GLY A 4 -13.13 7.77 -19.87
CA GLY A 4 -12.11 7.05 -20.61
C GLY A 4 -12.70 6.07 -21.60
N SER A 5 -11.88 5.62 -22.55
CA SER A 5 -12.33 4.67 -23.56
C SER A 5 -11.73 3.29 -23.32
N SER A 6 -12.45 2.26 -23.78
CA SER A 6 -11.99 0.88 -23.60
C SER A 6 -10.63 0.68 -24.25
N GLY A 7 -9.61 0.42 -23.42
CA GLY A 7 -8.27 0.21 -23.94
C GLY A 7 -7.43 -0.63 -23.00
N GLU A 8 -7.95 -1.79 -22.60
CA GLU A 8 -7.22 -2.68 -21.70
C GLU A 8 -6.43 -3.72 -22.49
N LYS A 9 -5.12 -3.48 -22.60
CA LYS A 9 -4.24 -4.39 -23.32
C LYS A 9 -3.95 -5.64 -22.49
N GLU A 10 -3.21 -6.59 -23.08
CA GLU A 10 -2.86 -7.82 -22.40
C GLU A 10 -1.43 -7.77 -21.89
N ASP A 11 -1.07 -6.68 -21.22
CA ASP A 11 0.28 -6.52 -20.68
C ASP A 11 0.26 -6.42 -19.16
N SER A 12 1.42 -6.53 -18.55
CA SER A 12 1.54 -6.45 -17.09
C SER A 12 1.53 -5.00 -16.63
N LYS A 13 0.51 -4.26 -17.05
CA LYS A 13 0.38 -2.85 -16.68
C LYS A 13 -0.98 -2.59 -16.04
N THR A 14 -2.03 -3.16 -16.63
CA THR A 14 -3.38 -2.98 -16.11
C THR A 14 -3.60 -3.80 -14.84
N ARG A 15 -2.90 -4.92 -14.74
CA ARG A 15 -3.01 -5.78 -13.57
C ARG A 15 -2.45 -5.09 -12.32
N GLY A 16 -1.36 -4.35 -12.50
CA GLY A 16 -0.75 -3.65 -11.38
C GLY A 16 -1.74 -2.82 -10.60
N GLU A 17 -2.72 -2.26 -11.30
CA GLU A 17 -3.74 -1.42 -10.67
C GLU A 17 -4.41 -2.18 -9.52
N LYS A 18 -5.01 -3.32 -9.84
CA LYS A 18 -5.70 -4.13 -8.83
C LYS A 18 -4.76 -4.46 -7.68
N ILE A 19 -3.65 -5.11 -7.99
CA ILE A 19 -2.68 -5.49 -6.98
C ILE A 19 -2.40 -4.32 -6.03
N LYS A 20 -2.24 -3.12 -6.59
CA LYS A 20 -1.97 -1.93 -5.80
C LYS A 20 -3.14 -1.64 -4.85
N SER A 21 -4.31 -1.42 -5.43
CA SER A 21 -5.50 -1.12 -4.63
C SER A 21 -5.57 -2.02 -3.39
N ASP A 22 -5.56 -3.33 -3.62
CA ASP A 22 -5.62 -4.30 -2.53
C ASP A 22 -4.52 -4.02 -1.50
N PHE A 23 -3.32 -3.73 -2.00
CA PHE A 23 -2.18 -3.46 -1.13
C PHE A 23 -2.51 -2.34 -0.14
N PHE A 24 -2.83 -1.17 -0.67
CA PHE A 24 -3.16 -0.02 0.16
C PHE A 24 -4.24 -0.38 1.18
N GLU A 25 -5.35 -0.94 0.69
CA GLU A 25 -6.45 -1.32 1.57
C GLU A 25 -5.94 -2.03 2.81
N LEU A 26 -5.11 -3.05 2.62
CA LEU A 26 -4.55 -3.80 3.72
C LEU A 26 -3.74 -2.90 4.65
N LEU A 27 -2.71 -2.27 4.10
CA LEU A 27 -1.86 -1.37 4.88
C LEU A 27 -2.71 -0.45 5.76
N SER A 28 -3.57 0.34 5.13
CA SER A 28 -4.44 1.27 5.84
C SER A 28 -5.17 0.55 6.98
N ASN A 29 -5.65 -0.65 6.70
CA ASN A 29 -6.37 -1.44 7.68
C ASN A 29 -5.49 -1.75 8.88
N HIS A 30 -4.18 -1.76 8.66
CA HIS A 30 -3.23 -2.04 9.72
C HIS A 30 -2.96 -0.80 10.57
N HIS A 31 -4.01 -0.01 10.78
CA HIS A 31 -3.89 1.21 11.57
C HIS A 31 -2.51 1.84 11.41
N LEU A 32 -2.13 2.10 10.16
CA LEU A 32 -0.83 2.69 9.87
C LEU A 32 -0.55 3.87 10.80
N ASP A 33 0.69 4.36 10.75
CA ASP A 33 1.08 5.50 11.58
C ASP A 33 2.27 6.23 10.98
N SER A 34 2.72 7.28 11.65
CA SER A 34 3.86 8.06 11.18
C SER A 34 5.15 7.26 11.28
N GLN A 35 5.45 6.78 12.48
CA GLN A 35 6.66 5.99 12.70
C GLN A 35 6.44 4.53 12.34
N SER A 36 5.45 4.28 11.47
CA SER A 36 5.13 2.93 11.05
C SER A 36 6.39 2.21 10.55
N ARG A 37 6.73 1.10 11.20
CA ARG A 37 7.90 0.32 10.83
C ARG A 37 7.55 -0.72 9.77
N TRP A 38 8.39 -0.83 8.75
CA TRP A 38 8.17 -1.79 7.67
C TRP A 38 8.31 -3.22 8.19
N SER A 39 9.54 -3.60 8.52
CA SER A 39 9.82 -4.94 9.02
C SER A 39 8.65 -5.48 9.83
N LYS A 40 8.05 -4.61 10.65
CA LYS A 40 6.91 -4.99 11.48
C LYS A 40 5.67 -5.19 10.62
N VAL A 41 5.20 -4.12 9.99
CA VAL A 41 4.02 -4.18 9.14
C VAL A 41 4.09 -5.36 8.18
N LYS A 42 5.32 -5.74 7.81
CA LYS A 42 5.53 -6.84 6.89
C LYS A 42 5.33 -8.18 7.59
N ASP A 43 5.84 -8.28 8.82
CA ASP A 43 5.72 -9.51 9.60
C ASP A 43 4.28 -9.70 10.07
N LYS A 44 3.48 -8.64 9.96
CA LYS A 44 2.08 -8.70 10.38
C LYS A 44 1.17 -8.89 9.18
N VAL A 45 1.53 -8.28 8.06
CA VAL A 45 0.74 -8.38 6.83
C VAL A 45 1.03 -9.69 6.11
N GLU A 46 2.25 -10.20 6.27
CA GLU A 46 2.65 -11.45 5.62
C GLU A 46 1.61 -12.53 5.84
N SER A 47 0.99 -12.53 7.02
CA SER A 47 -0.03 -13.52 7.35
C SER A 47 -1.12 -13.55 6.30
N ASP A 48 -1.37 -12.39 5.68
CA ASP A 48 -2.40 -12.27 4.65
C ASP A 48 -1.84 -12.64 3.28
N PRO A 49 -2.65 -13.36 2.49
CA PRO A 49 -2.25 -13.79 1.14
C PRO A 49 -2.16 -12.62 0.16
N ARG A 50 -2.94 -11.58 0.42
CA ARG A 50 -2.95 -10.40 -0.44
C ARG A 50 -1.56 -9.78 -0.53
N TYR A 51 -0.83 -9.81 0.58
CA TYR A 51 0.51 -9.25 0.63
C TYR A 51 1.44 -9.98 -0.36
N LYS A 52 1.18 -11.26 -0.56
CA LYS A 52 1.98 -12.07 -1.49
C LYS A 52 1.76 -11.63 -2.92
N ALA A 53 0.62 -11.00 -3.18
CA ALA A 53 0.28 -10.53 -4.51
C ALA A 53 1.42 -9.71 -5.11
N VAL A 54 1.90 -8.73 -4.34
CA VAL A 54 2.99 -7.87 -4.79
C VAL A 54 4.32 -8.62 -4.78
N ASP A 55 4.70 -9.15 -5.93
CA ASP A 55 5.96 -9.89 -6.06
C ASP A 55 7.15 -8.95 -5.98
N SER A 56 7.03 -7.78 -6.61
CA SER A 56 8.10 -6.80 -6.61
C SER A 56 8.26 -6.17 -5.23
N SER A 57 9.44 -6.33 -4.64
CA SER A 57 9.72 -5.79 -3.31
C SER A 57 9.70 -4.27 -3.34
N SER A 58 10.32 -3.69 -4.36
CA SER A 58 10.38 -2.24 -4.51
C SER A 58 8.99 -1.62 -4.32
N MET A 59 7.98 -2.27 -4.89
CA MET A 59 6.61 -1.79 -4.80
C MET A 59 6.16 -1.75 -3.34
N ARG A 60 6.51 -2.78 -2.58
CA ARG A 60 6.14 -2.87 -1.18
C ARG A 60 6.69 -1.68 -0.39
N GLU A 61 8.01 -1.52 -0.43
CA GLU A 61 8.66 -0.42 0.28
C GLU A 61 8.19 0.93 -0.25
N ASP A 62 8.18 1.07 -1.57
CA ASP A 62 7.74 2.31 -2.19
C ASP A 62 6.31 2.65 -1.79
N LEU A 63 5.37 1.82 -2.22
CA LEU A 63 3.97 2.03 -1.91
C LEU A 63 3.77 2.30 -0.42
N PHE A 64 4.18 1.35 0.41
CA PHE A 64 4.05 1.49 1.86
C PHE A 64 4.56 2.86 2.32
N LYS A 65 5.80 3.17 1.97
CA LYS A 65 6.41 4.44 2.35
C LYS A 65 5.53 5.61 1.90
N GLN A 66 5.14 5.59 0.63
CA GLN A 66 4.31 6.65 0.08
C GLN A 66 3.12 6.94 0.99
N TYR A 67 2.32 5.90 1.25
CA TYR A 67 1.15 6.04 2.11
C TYR A 67 1.52 6.67 3.44
N ILE A 68 2.46 6.06 4.14
CA ILE A 68 2.90 6.56 5.44
C ILE A 68 3.28 8.04 5.35
N GLU A 69 4.05 8.39 4.32
CA GLU A 69 4.48 9.76 4.12
C GLU A 69 3.28 10.72 4.14
N LYS A 70 2.22 10.35 3.44
CA LYS A 70 1.01 11.17 3.39
C LYS A 70 0.42 11.36 4.78
N ILE A 71 0.36 10.27 5.54
CA ILE A 71 -0.18 10.31 6.90
C ILE A 71 0.60 11.29 7.77
N ALA A 72 1.88 11.01 7.96
CA ALA A 72 2.74 11.86 8.78
C ALA A 72 2.43 13.33 8.54
N LYS A 73 2.67 13.80 7.33
CA LYS A 73 2.41 15.20 6.97
C LYS A 73 0.94 15.54 7.17
N ASN A 74 0.06 14.74 6.58
CA ASN A 74 -1.38 14.97 6.69
C ASN A 74 -2.01 13.95 7.62
N LEU A 75 -2.07 14.28 8.91
CA LEU A 75 -2.65 13.40 9.91
C LEU A 75 -4.15 13.23 9.69
N ASP A 76 -4.61 11.98 9.67
CA ASP A 76 -6.02 11.68 9.46
C ASP A 76 -6.62 10.98 10.67
N SER A 77 -7.94 10.85 10.69
CA SER A 77 -8.62 10.21 11.80
C SER A 77 -9.66 9.22 11.29
N SER A 78 -9.98 8.22 12.11
CA SER A 78 -10.96 7.20 11.74
C SER A 78 -12.26 7.39 12.52
N GLY A 79 -13.38 7.43 11.80
CA GLY A 79 -14.67 7.60 12.43
C GLY A 79 -15.81 7.11 11.57
N PRO A 80 -16.30 7.98 10.67
CA PRO A 80 -17.40 7.64 9.76
C PRO A 80 -16.99 6.61 8.71
N SER A 81 -15.71 6.59 8.38
CA SER A 81 -15.20 5.65 7.38
C SER A 81 -14.88 4.30 8.02
N SER A 82 -15.46 3.24 7.46
CA SER A 82 -15.25 1.88 7.97
C SER A 82 -13.76 1.61 8.17
N GLY A 83 -13.34 1.52 9.43
CA GLY A 83 -11.95 1.25 9.73
C GLY A 83 -11.05 2.42 9.39
N GLY A 1 -24.56 -5.03 -17.90
CA GLY A 1 -23.17 -5.04 -17.46
C GLY A 1 -22.47 -6.34 -17.79
N SER A 2 -21.18 -6.24 -18.12
CA SER A 2 -20.40 -7.42 -18.46
C SER A 2 -19.50 -7.84 -17.30
N SER A 3 -20.04 -7.79 -16.09
CA SER A 3 -19.29 -8.16 -14.90
C SER A 3 -18.69 -9.55 -15.05
N GLY A 4 -17.39 -9.65 -14.81
CA GLY A 4 -16.72 -10.94 -14.91
C GLY A 4 -16.61 -11.42 -16.33
N SER A 5 -16.08 -10.57 -17.22
CA SER A 5 -15.94 -10.92 -18.63
C SER A 5 -14.47 -11.18 -18.97
N SER A 6 -14.23 -12.24 -19.74
CA SER A 6 -12.88 -12.60 -20.14
C SER A 6 -12.25 -11.49 -20.99
N GLY A 7 -10.93 -11.36 -20.89
CA GLY A 7 -10.24 -10.35 -21.65
C GLY A 7 -8.96 -10.87 -22.29
N GLU A 8 -8.72 -10.48 -23.54
CA GLU A 8 -7.53 -10.92 -24.26
C GLU A 8 -6.27 -10.63 -23.45
N LYS A 9 -5.15 -11.20 -23.90
CA LYS A 9 -3.88 -11.01 -23.22
C LYS A 9 -3.40 -9.56 -23.35
N GLU A 10 -3.88 -8.70 -22.46
CA GLU A 10 -3.50 -7.29 -22.49
C GLU A 10 -2.29 -7.04 -21.59
N ASP A 11 -1.52 -6.02 -21.93
CA ASP A 11 -0.33 -5.67 -21.16
C ASP A 11 -0.65 -5.58 -19.68
N SER A 12 0.39 -5.50 -18.85
CA SER A 12 0.22 -5.42 -17.41
C SER A 12 0.18 -3.96 -16.94
N LYS A 13 -0.60 -3.14 -17.66
CA LYS A 13 -0.73 -1.73 -17.32
C LYS A 13 -1.78 -1.52 -16.23
N THR A 14 -3.02 -1.86 -16.53
CA THR A 14 -4.11 -1.72 -15.57
C THR A 14 -3.99 -2.75 -14.45
N ARG A 15 -3.67 -3.99 -14.82
CA ARG A 15 -3.53 -5.06 -13.85
C ARG A 15 -2.80 -4.58 -12.60
N GLY A 16 -1.74 -3.81 -12.80
CA GLY A 16 -0.97 -3.29 -11.69
C GLY A 16 -1.81 -2.44 -10.75
N GLU A 17 -2.65 -1.59 -11.31
CA GLU A 17 -3.51 -0.72 -10.51
C GLU A 17 -4.29 -1.52 -9.49
N LYS A 18 -5.05 -2.50 -9.96
CA LYS A 18 -5.85 -3.35 -9.08
C LYS A 18 -5.01 -3.87 -7.92
N ILE A 19 -3.88 -4.51 -8.25
CA ILE A 19 -2.99 -5.05 -7.23
C ILE A 19 -2.60 -3.99 -6.22
N LYS A 20 -2.07 -2.88 -6.71
CA LYS A 20 -1.65 -1.77 -5.86
C LYS A 20 -2.77 -1.39 -4.89
N SER A 21 -4.01 -1.40 -5.37
CA SER A 21 -5.15 -1.05 -4.55
C SER A 21 -5.27 -1.99 -3.35
N ASP A 22 -5.30 -3.29 -3.63
CA ASP A 22 -5.40 -4.29 -2.57
C ASP A 22 -4.35 -4.05 -1.49
N PHE A 23 -3.12 -3.81 -1.91
CA PHE A 23 -2.02 -3.58 -0.98
C PHE A 23 -2.37 -2.45 -0.01
N PHE A 24 -2.75 -1.30 -0.56
CA PHE A 24 -3.10 -0.14 0.25
C PHE A 24 -4.18 -0.51 1.26
N GLU A 25 -5.23 -1.19 0.78
CA GLU A 25 -6.34 -1.59 1.64
C GLU A 25 -5.82 -2.25 2.92
N LEU A 26 -5.04 -3.30 2.76
CA LEU A 26 -4.48 -4.02 3.90
C LEU A 26 -3.76 -3.07 4.85
N LEU A 27 -2.71 -2.41 4.34
CA LEU A 27 -1.94 -1.47 5.14
C LEU A 27 -2.86 -0.59 5.98
N SER A 28 -3.67 0.21 5.32
CA SER A 28 -4.60 1.11 6.01
C SER A 28 -5.36 0.35 7.11
N ASN A 29 -5.81 -0.85 6.78
CA ASN A 29 -6.55 -1.67 7.74
C ASN A 29 -5.71 -1.94 8.99
N HIS A 30 -4.40 -1.96 8.82
CA HIS A 30 -3.49 -2.21 9.93
C HIS A 30 -3.22 -0.93 10.72
N HIS A 31 -4.24 -0.08 10.80
CA HIS A 31 -4.12 1.18 11.52
C HIS A 31 -2.71 1.75 11.40
N LEU A 32 -2.25 1.92 10.17
CA LEU A 32 -0.92 2.45 9.90
C LEU A 32 -0.64 3.66 10.79
N ASP A 33 0.64 3.95 11.01
CA ASP A 33 1.05 5.08 11.83
C ASP A 33 2.18 5.85 11.17
N SER A 34 2.46 7.05 11.69
CA SER A 34 3.52 7.88 11.15
C SER A 34 4.87 7.19 11.25
N GLN A 35 5.18 6.67 12.44
CA GLN A 35 6.43 5.97 12.67
C GLN A 35 6.31 4.49 12.32
N SER A 36 5.45 4.19 11.35
CA SER A 36 5.23 2.81 10.92
C SER A 36 6.51 2.23 10.33
N ARG A 37 6.96 1.12 10.90
CA ARG A 37 8.18 0.46 10.42
C ARG A 37 7.84 -0.65 9.42
N TRP A 38 8.42 -0.56 8.24
CA TRP A 38 8.18 -1.56 7.20
C TRP A 38 8.38 -2.97 7.73
N SER A 39 9.55 -3.21 8.31
CA SER A 39 9.87 -4.52 8.86
C SER A 39 8.71 -5.06 9.70
N LYS A 40 8.07 -4.17 10.45
CA LYS A 40 6.95 -4.53 11.30
C LYS A 40 5.69 -4.77 10.48
N VAL A 41 5.23 -3.73 9.81
CA VAL A 41 4.03 -3.82 8.98
C VAL A 41 4.10 -5.03 8.07
N LYS A 42 5.31 -5.40 7.67
CA LYS A 42 5.51 -6.55 6.79
C LYS A 42 5.32 -7.86 7.55
N ASP A 43 5.98 -7.97 8.69
CA ASP A 43 5.89 -9.16 9.52
C ASP A 43 4.48 -9.32 10.09
N LYS A 44 3.69 -8.27 9.99
CA LYS A 44 2.32 -8.29 10.50
C LYS A 44 1.34 -8.69 9.40
N VAL A 45 1.62 -8.25 8.17
CA VAL A 45 0.77 -8.57 7.04
C VAL A 45 1.15 -9.92 6.42
N GLU A 46 2.42 -10.27 6.52
CA GLU A 46 2.91 -11.53 5.99
C GLU A 46 1.90 -12.65 6.20
N SER A 47 1.08 -12.50 7.24
CA SER A 47 0.06 -13.51 7.56
C SER A 47 -1.21 -13.27 6.75
N ASP A 48 -1.04 -12.70 5.56
CA ASP A 48 -2.18 -12.42 4.68
C ASP A 48 -1.85 -12.76 3.24
N PRO A 49 -2.83 -13.36 2.53
CA PRO A 49 -2.66 -13.76 1.14
C PRO A 49 -2.58 -12.56 0.20
N ARG A 50 -3.27 -11.48 0.55
CA ARG A 50 -3.28 -10.27 -0.25
C ARG A 50 -1.87 -9.69 -0.37
N TYR A 51 -1.08 -9.86 0.68
CA TYR A 51 0.29 -9.35 0.69
C TYR A 51 1.16 -10.08 -0.32
N LYS A 52 0.74 -11.30 -0.68
CA LYS A 52 1.48 -12.10 -1.65
C LYS A 52 1.30 -11.56 -3.06
N ALA A 53 0.23 -10.79 -3.26
CA ALA A 53 -0.06 -10.21 -4.57
C ALA A 53 1.18 -9.52 -5.14
N VAL A 54 1.77 -8.64 -4.35
CA VAL A 54 2.97 -7.92 -4.78
C VAL A 54 4.17 -8.85 -4.93
N ASP A 55 4.63 -9.03 -6.16
CA ASP A 55 5.77 -9.89 -6.43
C ASP A 55 7.08 -9.17 -6.17
N SER A 56 7.22 -7.98 -6.74
CA SER A 56 8.43 -7.18 -6.57
C SER A 56 8.50 -6.58 -5.17
N SER A 57 9.68 -6.63 -4.57
CA SER A 57 9.88 -6.11 -3.23
C SER A 57 9.89 -4.58 -3.24
N SER A 58 10.55 -4.01 -4.24
CA SER A 58 10.64 -2.56 -4.37
C SER A 58 9.27 -1.91 -4.22
N MET A 59 8.26 -2.53 -4.82
CA MET A 59 6.90 -2.02 -4.77
C MET A 59 6.41 -1.96 -3.33
N ARG A 60 6.65 -3.03 -2.58
CA ARG A 60 6.23 -3.09 -1.17
C ARG A 60 6.80 -1.92 -0.38
N GLU A 61 8.10 -1.70 -0.50
CA GLU A 61 8.76 -0.61 0.20
C GLU A 61 8.24 0.75 -0.27
N ASP A 62 8.40 1.02 -1.56
CA ASP A 62 7.94 2.27 -2.14
C ASP A 62 6.52 2.59 -1.70
N LEU A 63 5.59 1.71 -2.07
CA LEU A 63 4.18 1.89 -1.73
C LEU A 63 4.02 2.22 -0.25
N PHE A 64 4.47 1.30 0.61
CA PHE A 64 4.38 1.49 2.05
C PHE A 64 4.82 2.90 2.44
N LYS A 65 6.02 3.28 2.02
CA LYS A 65 6.55 4.60 2.32
C LYS A 65 5.61 5.70 1.84
N GLN A 66 5.11 5.54 0.61
CA GLN A 66 4.19 6.53 0.03
C GLN A 66 3.01 6.78 0.97
N TYR A 67 2.27 5.71 1.27
CA TYR A 67 1.11 5.82 2.16
C TYR A 67 1.47 6.53 3.46
N ILE A 68 2.42 5.95 4.19
CA ILE A 68 2.87 6.53 5.46
C ILE A 68 3.22 8.00 5.29
N GLU A 69 3.94 8.31 4.22
CA GLU A 69 4.35 9.68 3.95
C GLU A 69 3.15 10.63 3.96
N LYS A 70 2.05 10.20 3.34
CA LYS A 70 0.83 10.99 3.28
C LYS A 70 0.27 11.21 4.69
N ILE A 71 0.17 10.14 5.46
CA ILE A 71 -0.35 10.22 6.82
C ILE A 71 0.39 11.29 7.63
N ALA A 72 1.67 11.05 7.88
CA ALA A 72 2.49 11.98 8.64
C ALA A 72 2.21 13.42 8.21
N LYS A 73 2.21 13.67 6.92
CA LYS A 73 1.96 15.01 6.38
C LYS A 73 0.57 15.49 6.79
N ASN A 74 -0.45 14.71 6.47
CA ASN A 74 -1.82 15.06 6.80
C ASN A 74 -2.20 14.53 8.19
N LEU A 75 -2.20 15.41 9.17
CA LEU A 75 -2.54 15.03 10.54
C LEU A 75 -3.44 16.08 11.19
N ASP A 76 -4.64 15.66 11.58
CA ASP A 76 -5.59 16.57 12.22
C ASP A 76 -5.49 16.48 13.74
N SER A 77 -4.30 16.76 14.27
CA SER A 77 -4.06 16.70 15.71
C SER A 77 -3.44 18.01 16.21
N SER A 78 -4.25 18.82 16.90
CA SER A 78 -3.80 20.09 17.42
C SER A 78 -3.67 20.03 18.94
N GLY A 79 -2.67 20.72 19.47
CA GLY A 79 -2.44 20.74 20.91
C GLY A 79 -1.60 21.91 21.35
N PRO A 80 -1.05 21.82 22.57
CA PRO A 80 -0.20 22.87 23.14
C PRO A 80 1.14 22.98 22.44
N SER A 81 1.60 21.88 21.86
CA SER A 81 2.87 21.85 21.16
C SER A 81 3.07 23.11 20.33
N SER A 82 2.11 23.41 19.46
CA SER A 82 2.17 24.59 18.61
C SER A 82 1.01 25.52 18.89
N GLY A 83 -0.20 24.97 18.90
CA GLY A 83 -1.38 25.78 19.16
C GLY A 83 -2.62 25.25 18.45
N GLY A 1 -21.64 -12.10 -25.12
CA GLY A 1 -21.04 -12.95 -24.11
C GLY A 1 -20.25 -14.09 -24.71
N SER A 2 -20.75 -15.31 -24.56
CA SER A 2 -20.08 -16.50 -25.09
C SER A 2 -18.56 -16.37 -24.91
N SER A 3 -18.14 -15.89 -23.75
CA SER A 3 -16.72 -15.72 -23.47
C SER A 3 -16.16 -16.95 -22.77
N GLY A 4 -14.83 -17.03 -22.69
CA GLY A 4 -14.20 -18.16 -22.05
C GLY A 4 -13.34 -18.97 -23.00
N SER A 5 -12.23 -18.38 -23.44
CA SER A 5 -11.34 -19.05 -24.38
C SER A 5 -9.93 -19.15 -23.80
N SER A 6 -9.58 -20.32 -23.29
CA SER A 6 -8.27 -20.55 -22.70
C SER A 6 -7.17 -20.29 -23.72
N GLY A 7 -6.03 -19.78 -23.25
CA GLY A 7 -4.92 -19.50 -24.13
C GLY A 7 -3.57 -19.82 -23.50
N GLU A 8 -3.01 -18.85 -22.79
CA GLU A 8 -1.71 -19.03 -22.14
C GLU A 8 -1.85 -18.90 -20.63
N LYS A 9 -0.94 -19.54 -19.90
CA LYS A 9 -0.96 -19.49 -18.44
C LYS A 9 -1.36 -18.11 -17.95
N GLU A 10 -2.05 -18.07 -16.81
CA GLU A 10 -2.49 -16.80 -16.23
C GLU A 10 -1.41 -16.19 -15.36
N ASP A 11 -1.20 -14.88 -15.49
CA ASP A 11 -0.20 -14.18 -14.72
C ASP A 11 -0.76 -12.88 -14.15
N SER A 12 -0.44 -12.58 -12.90
CA SER A 12 -0.91 -11.38 -12.24
C SER A 12 -0.02 -10.18 -12.59
N LYS A 13 0.26 -10.03 -13.88
CA LYS A 13 1.10 -8.93 -14.35
C LYS A 13 0.26 -7.82 -14.96
N THR A 14 -0.74 -8.21 -15.74
CA THR A 14 -1.64 -7.25 -16.39
C THR A 14 -2.61 -6.65 -15.39
N ARG A 15 -2.91 -7.39 -14.33
CA ARG A 15 -3.82 -6.93 -13.30
C ARG A 15 -3.08 -6.20 -12.18
N GLY A 16 -2.02 -5.48 -12.55
CA GLY A 16 -1.24 -4.75 -11.58
C GLY A 16 -2.07 -3.74 -10.80
N GLU A 17 -2.84 -2.94 -11.53
CA GLU A 17 -3.68 -1.92 -10.90
C GLU A 17 -4.37 -2.47 -9.67
N LYS A 18 -5.14 -3.55 -9.85
CA LYS A 18 -5.85 -4.18 -8.76
C LYS A 18 -4.91 -4.52 -7.61
N ILE A 19 -3.84 -5.22 -7.93
CA ILE A 19 -2.85 -5.62 -6.93
C ILE A 19 -2.46 -4.43 -6.05
N LYS A 20 -2.26 -3.27 -6.68
CA LYS A 20 -1.89 -2.07 -5.96
C LYS A 20 -2.97 -1.66 -4.97
N SER A 21 -4.19 -1.48 -5.48
CA SER A 21 -5.32 -1.09 -4.65
C SER A 21 -5.41 -1.98 -3.41
N ASP A 22 -5.47 -3.28 -3.63
CA ASP A 22 -5.56 -4.24 -2.53
C ASP A 22 -4.47 -3.98 -1.50
N PHE A 23 -3.24 -3.82 -1.97
CA PHE A 23 -2.11 -3.56 -1.08
C PHE A 23 -2.43 -2.43 -0.10
N PHE A 24 -2.79 -1.27 -0.64
CA PHE A 24 -3.10 -0.12 0.19
C PHE A 24 -4.18 -0.48 1.22
N GLU A 25 -5.30 -1.02 0.75
CA GLU A 25 -6.40 -1.39 1.62
C GLU A 25 -5.87 -2.05 2.90
N LEU A 26 -5.14 -3.14 2.74
CA LEU A 26 -4.58 -3.86 3.88
C LEU A 26 -3.75 -2.93 4.75
N LEU A 27 -2.70 -2.35 4.16
CA LEU A 27 -1.83 -1.44 4.89
C LEU A 27 -2.63 -0.52 5.81
N SER A 28 -3.60 0.18 5.23
CA SER A 28 -4.44 1.10 5.99
C SER A 28 -5.11 0.38 7.16
N ASN A 29 -5.61 -0.82 6.89
CA ASN A 29 -6.28 -1.61 7.91
C ASN A 29 -5.34 -1.90 9.08
N HIS A 30 -4.04 -1.86 8.81
CA HIS A 30 -3.03 -2.11 9.84
C HIS A 30 -2.79 -0.86 10.67
N HIS A 31 -3.85 -0.09 10.90
CA HIS A 31 -3.75 1.13 11.69
C HIS A 31 -2.38 1.78 11.51
N LEU A 32 -2.02 2.05 10.26
CA LEU A 32 -0.74 2.66 9.95
C LEU A 32 -0.45 3.83 10.90
N ASP A 33 0.78 4.32 10.88
CA ASP A 33 1.18 5.43 11.73
C ASP A 33 2.40 6.14 11.15
N SER A 34 2.64 7.37 11.62
CA SER A 34 3.77 8.16 11.15
C SER A 34 5.09 7.49 11.53
N GLN A 35 5.02 6.52 12.44
CA GLN A 35 6.21 5.80 12.88
C GLN A 35 6.10 4.32 12.56
N SER A 36 5.34 4.00 11.52
CA SER A 36 5.14 2.61 11.11
C SER A 36 6.38 2.07 10.41
N ARG A 37 6.91 0.96 10.92
CA ARG A 37 8.10 0.34 10.35
C ARG A 37 7.71 -0.71 9.31
N TRP A 38 8.59 -0.92 8.34
CA TRP A 38 8.35 -1.91 7.30
C TRP A 38 8.46 -3.33 7.84
N SER A 39 9.66 -3.69 8.30
CA SER A 39 9.90 -5.02 8.84
C SER A 39 8.72 -5.48 9.68
N LYS A 40 8.16 -4.56 10.46
CA LYS A 40 7.02 -4.87 11.32
C LYS A 40 5.75 -5.05 10.49
N VAL A 41 5.32 -3.99 9.82
CA VAL A 41 4.12 -4.03 8.99
C VAL A 41 4.14 -5.24 8.07
N LYS A 42 5.33 -5.70 7.71
CA LYS A 42 5.48 -6.85 6.83
C LYS A 42 5.20 -8.15 7.59
N ASP A 43 5.81 -8.27 8.78
CA ASP A 43 5.62 -9.47 9.59
C ASP A 43 4.18 -9.58 10.07
N LYS A 44 3.44 -8.48 9.97
CA LYS A 44 2.05 -8.45 10.39
C LYS A 44 1.13 -8.84 9.24
N VAL A 45 1.44 -8.35 8.04
CA VAL A 45 0.64 -8.64 6.86
C VAL A 45 0.96 -10.03 6.31
N GLU A 46 2.20 -10.48 6.52
CA GLU A 46 2.62 -11.79 6.05
C GLU A 46 1.52 -12.82 6.24
N SER A 47 0.64 -12.58 7.22
CA SER A 47 -0.46 -13.49 7.51
C SER A 47 -1.66 -13.19 6.61
N ASP A 48 -1.38 -12.62 5.44
CA ASP A 48 -2.44 -12.28 4.49
C ASP A 48 -2.02 -12.63 3.06
N PRO A 49 -2.96 -13.16 2.27
CA PRO A 49 -2.71 -13.54 0.88
C PRO A 49 -2.50 -12.34 -0.02
N ARG A 50 -3.17 -11.24 0.31
CA ARG A 50 -3.06 -10.01 -0.48
C ARG A 50 -1.62 -9.52 -0.53
N TYR A 51 -0.92 -9.66 0.59
CA TYR A 51 0.47 -9.23 0.68
C TYR A 51 1.34 -9.97 -0.33
N LYS A 52 0.92 -11.18 -0.68
CA LYS A 52 1.66 -11.99 -1.64
C LYS A 52 1.48 -11.46 -3.05
N ALA A 53 0.33 -10.84 -3.31
CA ALA A 53 0.04 -10.29 -4.63
C ALA A 53 1.26 -9.56 -5.20
N VAL A 54 1.89 -8.74 -4.37
CA VAL A 54 3.07 -7.99 -4.79
C VAL A 54 4.31 -8.87 -4.78
N ASP A 55 5.06 -8.84 -5.88
CA ASP A 55 6.27 -9.64 -6.01
C ASP A 55 7.51 -8.76 -5.87
N SER A 56 7.48 -7.61 -6.55
CA SER A 56 8.61 -6.68 -6.51
C SER A 56 8.70 -5.98 -5.15
N SER A 57 9.77 -6.26 -4.43
CA SER A 57 9.97 -5.67 -3.10
C SER A 57 9.85 -4.14 -3.17
N SER A 58 10.48 -3.55 -4.19
CA SER A 58 10.45 -2.11 -4.36
C SER A 58 9.02 -1.57 -4.25
N MET A 59 8.09 -2.24 -4.92
CA MET A 59 6.69 -1.84 -4.88
C MET A 59 6.18 -1.77 -3.44
N ARG A 60 6.62 -2.72 -2.62
CA ARG A 60 6.20 -2.76 -1.22
C ARG A 60 6.74 -1.55 -0.46
N GLU A 61 8.05 -1.46 -0.35
CA GLU A 61 8.68 -0.34 0.36
C GLU A 61 8.20 0.99 -0.18
N ASP A 62 8.19 1.12 -1.50
CA ASP A 62 7.75 2.36 -2.14
C ASP A 62 6.29 2.66 -1.79
N LEU A 63 5.39 1.79 -2.23
CA LEU A 63 3.96 1.96 -1.96
C LEU A 63 3.72 2.24 -0.47
N PHE A 64 4.17 1.32 0.38
CA PHE A 64 4.00 1.47 1.82
C PHE A 64 4.46 2.85 2.28
N LYS A 65 5.73 3.15 2.04
CA LYS A 65 6.30 4.44 2.44
C LYS A 65 5.42 5.59 1.96
N GLN A 66 5.07 5.57 0.68
CA GLN A 66 4.24 6.61 0.10
C GLN A 66 3.05 6.91 1.00
N TYR A 67 2.27 5.88 1.33
CA TYR A 67 1.10 6.03 2.18
C TYR A 67 1.47 6.74 3.48
N ILE A 68 2.38 6.14 4.24
CA ILE A 68 2.82 6.71 5.51
C ILE A 68 3.19 8.18 5.35
N GLU A 69 4.09 8.47 4.41
CA GLU A 69 4.53 9.83 4.16
C GLU A 69 3.33 10.79 4.14
N LYS A 70 2.29 10.42 3.39
CA LYS A 70 1.10 11.23 3.28
C LYS A 70 0.49 11.49 4.65
N ILE A 71 0.34 10.43 5.45
CA ILE A 71 -0.23 10.55 6.78
C ILE A 71 0.53 11.58 7.61
N ALA A 72 1.79 11.27 7.91
CA ALA A 72 2.62 12.17 8.70
C ALA A 72 2.55 13.60 8.15
N LYS A 73 2.58 13.72 6.83
CA LYS A 73 2.51 15.03 6.19
C LYS A 73 1.08 15.39 5.83
N ASN A 74 0.16 15.15 6.74
CA ASN A 74 -1.25 15.45 6.52
C ASN A 74 -1.54 16.92 6.76
N LEU A 75 -1.01 17.45 7.86
CA LEU A 75 -1.21 18.86 8.21
C LEU A 75 -0.02 19.70 7.74
N ASP A 76 -0.15 20.28 6.55
CA ASP A 76 0.90 21.12 5.99
C ASP A 76 0.39 22.53 5.70
N SER A 77 0.43 23.38 6.71
CA SER A 77 -0.04 24.76 6.56
C SER A 77 1.10 25.76 6.83
N SER A 78 2.25 25.49 6.23
CA SER A 78 3.41 26.36 6.40
C SER A 78 3.93 26.30 7.84
N GLY A 79 4.07 25.08 8.36
CA GLY A 79 4.56 24.91 9.71
C GLY A 79 5.75 23.98 9.79
N PRO A 80 5.89 23.27 10.93
CA PRO A 80 7.00 22.34 11.15
C PRO A 80 6.88 21.09 10.27
N SER A 81 7.88 20.22 10.37
CA SER A 81 7.89 18.98 9.58
C SER A 81 7.82 17.77 10.49
N SER A 82 7.67 16.59 9.88
CA SER A 82 7.60 15.35 10.64
C SER A 82 8.99 14.79 10.91
N GLY A 83 9.46 14.99 12.15
CA GLY A 83 10.78 14.52 12.53
C GLY A 83 11.77 15.64 12.74
N GLY A 1 30.89 0.97 -24.47
CA GLY A 1 29.80 0.78 -23.54
C GLY A 1 28.44 0.82 -24.21
N SER A 2 27.50 0.06 -23.69
CA SER A 2 26.15 0.00 -24.25
C SER A 2 25.13 -0.42 -23.19
N SER A 3 23.85 -0.22 -23.50
CA SER A 3 22.79 -0.58 -22.58
C SER A 3 22.45 -2.06 -22.70
N GLY A 4 22.02 -2.66 -21.59
CA GLY A 4 21.66 -4.07 -21.59
C GLY A 4 20.18 -4.29 -21.49
N SER A 5 19.78 -5.47 -21.02
CA SER A 5 18.36 -5.81 -20.89
C SER A 5 18.02 -6.13 -19.44
N SER A 6 16.87 -5.64 -19.00
CA SER A 6 16.41 -5.88 -17.63
C SER A 6 14.91 -5.65 -17.50
N GLY A 7 14.23 -6.58 -16.84
CA GLY A 7 12.80 -6.45 -16.66
C GLY A 7 12.16 -7.75 -16.19
N GLU A 8 10.97 -7.64 -15.61
CA GLU A 8 10.25 -8.81 -15.11
C GLU A 8 9.45 -9.47 -16.22
N LYS A 9 9.40 -10.80 -16.21
CA LYS A 9 8.66 -11.55 -17.21
C LYS A 9 7.17 -11.38 -17.03
N GLU A 10 6.69 -11.62 -15.81
CA GLU A 10 5.27 -11.49 -15.50
C GLU A 10 4.70 -10.19 -16.07
N ASP A 11 3.98 -10.30 -17.17
CA ASP A 11 3.38 -9.13 -17.81
C ASP A 11 2.12 -8.68 -17.06
N SER A 12 2.23 -7.53 -16.41
CA SER A 12 1.10 -6.99 -15.64
C SER A 12 0.81 -5.55 -16.05
N LYS A 13 -0.05 -5.39 -17.05
CA LYS A 13 -0.42 -4.07 -17.54
C LYS A 13 -1.55 -3.48 -16.71
N THR A 14 -2.65 -4.22 -16.61
CA THR A 14 -3.81 -3.77 -15.84
C THR A 14 -3.88 -4.48 -14.49
N ARG A 15 -3.16 -5.58 -14.37
CA ARG A 15 -3.15 -6.36 -13.14
C ARG A 15 -2.55 -5.54 -11.99
N GLY A 16 -1.41 -4.92 -12.23
CA GLY A 16 -0.76 -4.12 -11.21
C GLY A 16 -1.74 -3.20 -10.49
N GLU A 17 -2.53 -2.47 -11.26
CA GLU A 17 -3.50 -1.55 -10.70
C GLU A 17 -4.22 -2.18 -9.51
N LYS A 18 -4.91 -3.29 -9.76
CA LYS A 18 -5.64 -4.00 -8.71
C LYS A 18 -4.73 -4.31 -7.53
N ILE A 19 -3.64 -5.03 -7.80
CA ILE A 19 -2.69 -5.40 -6.76
C ILE A 19 -2.34 -4.20 -5.88
N LYS A 20 -2.14 -3.04 -6.51
CA LYS A 20 -1.81 -1.82 -5.79
C LYS A 20 -2.93 -1.45 -4.81
N SER A 21 -4.14 -1.34 -5.34
CA SER A 21 -5.30 -0.99 -4.52
C SER A 21 -5.41 -1.90 -3.30
N ASP A 22 -5.44 -3.20 -3.54
CA ASP A 22 -5.53 -4.19 -2.47
C ASP A 22 -4.50 -3.91 -1.38
N PHE A 23 -3.25 -3.75 -1.79
CA PHE A 23 -2.17 -3.48 -0.85
C PHE A 23 -2.53 -2.33 0.08
N PHE A 24 -2.86 -1.18 -0.52
CA PHE A 24 -3.23 0.01 0.27
C PHE A 24 -4.29 -0.34 1.30
N GLU A 25 -5.35 -1.01 0.86
CA GLU A 25 -6.44 -1.39 1.75
C GLU A 25 -5.89 -2.04 3.03
N LEU A 26 -5.17 -3.13 2.85
CA LEU A 26 -4.58 -3.85 3.98
C LEU A 26 -3.85 -2.90 4.91
N LEU A 27 -2.78 -2.30 4.41
CA LEU A 27 -1.98 -1.36 5.19
C LEU A 27 -2.88 -0.45 6.03
N SER A 28 -3.68 0.37 5.35
CA SER A 28 -4.59 1.29 6.03
C SER A 28 -5.37 0.57 7.13
N ASN A 29 -5.85 -0.62 6.82
CA ASN A 29 -6.61 -1.41 7.78
C ASN A 29 -5.79 -1.68 9.04
N HIS A 30 -4.48 -1.73 8.87
CA HIS A 30 -3.57 -1.98 10.00
C HIS A 30 -3.28 -0.68 10.76
N HIS A 31 -4.28 0.19 10.82
CA HIS A 31 -4.14 1.47 11.52
C HIS A 31 -2.71 1.99 11.40
N LEU A 32 -2.24 2.12 10.16
CA LEU A 32 -0.88 2.61 9.92
C LEU A 32 -0.57 3.82 10.79
N ASP A 33 0.72 4.10 10.97
CA ASP A 33 1.14 5.23 11.78
C ASP A 33 2.29 5.98 11.11
N SER A 34 2.55 7.20 11.58
CA SER A 34 3.62 8.02 11.02
C SER A 34 4.98 7.35 11.22
N GLN A 35 5.15 6.72 12.38
CA GLN A 35 6.41 6.05 12.69
C GLN A 35 6.30 4.55 12.41
N SER A 36 5.48 4.19 11.43
CA SER A 36 5.30 2.79 11.07
C SER A 36 6.55 2.23 10.41
N ARG A 37 6.99 1.07 10.89
CA ARG A 37 8.18 0.42 10.35
C ARG A 37 7.79 -0.66 9.35
N TRP A 38 8.55 -0.74 8.25
CA TRP A 38 8.29 -1.73 7.21
C TRP A 38 8.47 -3.15 7.77
N SER A 39 9.65 -3.42 8.32
CA SER A 39 9.94 -4.74 8.87
C SER A 39 8.76 -5.26 9.70
N LYS A 40 8.15 -4.36 10.47
CA LYS A 40 7.02 -4.72 11.30
C LYS A 40 5.77 -4.95 10.46
N VAL A 41 5.30 -3.90 9.80
CA VAL A 41 4.11 -3.98 8.96
C VAL A 41 4.19 -5.19 8.03
N LYS A 42 5.41 -5.58 7.67
CA LYS A 42 5.62 -6.72 6.78
C LYS A 42 5.38 -8.03 7.53
N ASP A 43 5.99 -8.15 8.70
CA ASP A 43 5.85 -9.36 9.52
C ASP A 43 4.41 -9.54 9.98
N LYS A 44 3.66 -8.44 10.00
CA LYS A 44 2.27 -8.47 10.43
C LYS A 44 1.35 -8.82 9.26
N VAL A 45 1.63 -8.24 8.10
CA VAL A 45 0.83 -8.49 6.90
C VAL A 45 1.19 -9.85 6.29
N GLU A 46 2.43 -10.27 6.48
CA GLU A 46 2.89 -11.55 5.93
C GLU A 46 1.82 -12.62 6.09
N SER A 47 0.94 -12.44 7.08
CA SER A 47 -0.13 -13.39 7.34
C SER A 47 -1.34 -13.10 6.45
N ASP A 48 -1.09 -12.48 5.30
CA ASP A 48 -2.16 -12.15 4.37
C ASP A 48 -1.76 -12.49 2.94
N PRO A 49 -2.71 -13.03 2.16
CA PRO A 49 -2.47 -13.41 0.78
C PRO A 49 -2.29 -12.21 -0.14
N ARG A 50 -2.90 -11.09 0.24
CA ARG A 50 -2.79 -9.86 -0.54
C ARG A 50 -1.35 -9.38 -0.62
N TYR A 51 -0.61 -9.58 0.46
CA TYR A 51 0.79 -9.17 0.51
C TYR A 51 1.63 -9.94 -0.50
N LYS A 52 1.15 -11.13 -0.87
CA LYS A 52 1.85 -11.97 -1.83
C LYS A 52 1.61 -11.47 -3.26
N ALA A 53 0.54 -10.71 -3.44
CA ALA A 53 0.20 -10.18 -4.75
C ALA A 53 1.41 -9.48 -5.39
N VAL A 54 1.97 -8.52 -4.67
CA VAL A 54 3.12 -7.77 -5.16
C VAL A 54 4.35 -8.67 -5.25
N ASP A 55 4.73 -9.03 -6.47
CA ASP A 55 5.90 -9.88 -6.69
C ASP A 55 7.18 -9.16 -6.29
N SER A 56 7.41 -8.00 -6.89
CA SER A 56 8.62 -7.21 -6.60
C SER A 56 8.53 -6.61 -5.20
N SER A 57 9.58 -6.83 -4.41
CA SER A 57 9.63 -6.31 -3.05
C SER A 57 9.70 -4.79 -3.05
N SER A 58 10.50 -4.23 -3.96
CA SER A 58 10.65 -2.79 -4.06
C SER A 58 9.29 -2.09 -4.06
N MET A 59 8.37 -2.64 -4.85
CA MET A 59 7.02 -2.08 -4.94
C MET A 59 6.40 -1.91 -3.56
N ARG A 60 6.32 -3.01 -2.82
CA ARG A 60 5.74 -3.00 -1.49
C ARG A 60 6.39 -1.91 -0.62
N GLU A 61 7.69 -2.03 -0.43
CA GLU A 61 8.42 -1.06 0.37
C GLU A 61 8.04 0.37 -0.01
N ASP A 62 7.96 0.62 -1.31
CA ASP A 62 7.60 1.94 -1.81
C ASP A 62 6.17 2.31 -1.43
N LEU A 63 5.21 1.56 -1.96
CA LEU A 63 3.80 1.80 -1.68
C LEU A 63 3.59 2.11 -0.19
N PHE A 64 4.13 1.24 0.66
CA PHE A 64 4.00 1.43 2.11
C PHE A 64 4.52 2.80 2.53
N LYS A 65 5.73 3.13 2.10
CA LYS A 65 6.34 4.40 2.43
C LYS A 65 5.47 5.56 1.94
N GLN A 66 4.91 5.42 0.74
CA GLN A 66 4.05 6.45 0.17
C GLN A 66 2.89 6.77 1.10
N TYR A 67 2.05 5.77 1.36
CA TYR A 67 0.89 5.94 2.22
C TYR A 67 1.28 6.64 3.53
N ILE A 68 2.28 6.09 4.20
CA ILE A 68 2.76 6.66 5.46
C ILE A 68 3.17 8.12 5.29
N GLU A 69 3.99 8.37 4.27
CA GLU A 69 4.47 9.72 3.98
C GLU A 69 3.31 10.71 3.99
N LYS A 70 2.17 10.29 3.44
CA LYS A 70 0.99 11.14 3.39
C LYS A 70 0.43 11.39 4.79
N ILE A 71 0.25 10.31 5.54
CA ILE A 71 -0.28 10.41 6.90
C ILE A 71 0.49 11.43 7.71
N ALA A 72 1.76 11.14 7.97
CA ALA A 72 2.61 12.05 8.75
C ALA A 72 2.37 13.50 8.34
N LYS A 73 2.18 13.72 7.04
CA LYS A 73 1.94 15.06 6.53
C LYS A 73 0.46 15.30 6.28
N ASN A 74 -0.38 14.79 7.17
CA ASN A 74 -1.82 14.94 7.05
C ASN A 74 -2.34 16.00 8.01
N LEU A 75 -1.56 16.28 9.05
CA LEU A 75 -1.94 17.28 10.05
C LEU A 75 -1.04 18.50 9.96
N ASP A 76 -0.80 18.97 8.74
CA ASP A 76 0.05 20.13 8.52
C ASP A 76 -0.74 21.42 8.72
N SER A 77 -0.25 22.29 9.60
CA SER A 77 -0.91 23.56 9.90
C SER A 77 -0.91 24.46 8.66
N SER A 78 -2.01 25.18 8.46
CA SER A 78 -2.15 26.08 7.33
C SER A 78 -3.44 26.88 7.42
N GLY A 79 -3.32 28.19 7.27
CA GLY A 79 -4.49 29.06 7.35
C GLY A 79 -5.11 29.31 5.99
N PRO A 80 -6.44 29.43 5.96
CA PRO A 80 -7.19 29.67 4.72
C PRO A 80 -6.95 31.07 4.17
N SER A 81 -7.69 31.42 3.11
CA SER A 81 -7.56 32.73 2.49
C SER A 81 -8.88 33.51 2.59
N SER A 82 -8.84 34.76 2.15
CA SER A 82 -10.03 35.61 2.19
C SER A 82 -11.21 34.93 1.53
N GLY A 83 -12.42 35.24 2.02
CA GLY A 83 -13.61 34.64 1.48
C GLY A 83 -14.88 35.19 2.12
N GLY A 1 -21.43 -8.32 -38.05
CA GLY A 1 -21.84 -9.06 -36.88
C GLY A 1 -20.68 -9.63 -36.10
N SER A 2 -20.44 -10.93 -36.25
CA SER A 2 -19.35 -11.59 -35.55
C SER A 2 -18.13 -10.67 -35.45
N SER A 3 -17.88 -10.17 -34.24
CA SER A 3 -16.75 -9.28 -34.00
C SER A 3 -15.47 -9.84 -34.62
N GLY A 4 -15.23 -11.12 -34.39
CA GLY A 4 -14.04 -11.76 -34.93
C GLY A 4 -13.07 -12.20 -33.85
N SER A 5 -12.01 -12.89 -34.24
CA SER A 5 -11.01 -13.38 -33.30
C SER A 5 -10.14 -12.22 -32.79
N SER A 6 -9.44 -12.47 -31.69
CA SER A 6 -8.57 -11.46 -31.10
C SER A 6 -9.27 -10.10 -31.06
N GLY A 7 -10.55 -10.10 -30.71
CA GLY A 7 -11.31 -8.87 -30.65
C GLY A 7 -11.15 -8.15 -29.33
N GLU A 8 -12.01 -8.45 -28.38
CA GLU A 8 -11.96 -7.83 -27.05
C GLU A 8 -11.89 -8.89 -25.96
N LYS A 9 -11.09 -9.94 -26.20
CA LYS A 9 -10.92 -11.01 -25.24
C LYS A 9 -10.46 -10.47 -23.89
N GLU A 10 -10.90 -11.12 -22.81
CA GLU A 10 -10.53 -10.69 -21.46
C GLU A 10 -9.07 -11.05 -21.17
N ASP A 11 -8.16 -10.15 -21.54
CA ASP A 11 -6.74 -10.37 -21.31
C ASP A 11 -6.19 -9.35 -20.32
N SER A 12 -5.83 -9.84 -19.13
CA SER A 12 -5.29 -8.97 -18.09
C SER A 12 -3.80 -8.73 -18.29
N LYS A 13 -3.48 -7.63 -18.96
CA LYS A 13 -2.08 -7.28 -19.22
C LYS A 13 -1.60 -6.20 -18.26
N THR A 14 -2.42 -5.17 -18.07
CA THR A 14 -2.07 -4.08 -17.17
C THR A 14 -2.81 -4.21 -15.84
N ARG A 15 -2.76 -5.40 -15.26
CA ARG A 15 -3.42 -5.66 -13.98
C ARG A 15 -2.53 -5.23 -12.82
N GLY A 16 -1.92 -4.05 -12.94
CA GLY A 16 -1.05 -3.54 -11.89
C GLY A 16 -1.81 -2.73 -10.86
N GLU A 17 -2.71 -1.87 -11.33
CA GLU A 17 -3.50 -1.03 -10.44
C GLU A 17 -4.23 -1.87 -9.40
N LYS A 18 -4.93 -2.89 -9.87
CA LYS A 18 -5.68 -3.78 -8.99
C LYS A 18 -4.83 -4.19 -7.79
N ILE A 19 -3.66 -4.75 -8.05
CA ILE A 19 -2.76 -5.18 -6.99
C ILE A 19 -2.44 -4.04 -6.05
N LYS A 20 -2.07 -2.89 -6.61
CA LYS A 20 -1.74 -1.72 -5.81
C LYS A 20 -2.90 -1.33 -4.90
N SER A 21 -4.11 -1.34 -5.45
CA SER A 21 -5.30 -1.00 -4.68
C SER A 21 -5.46 -1.92 -3.48
N ASP A 22 -5.29 -3.22 -3.71
CA ASP A 22 -5.42 -4.21 -2.65
C ASP A 22 -4.36 -3.98 -1.57
N PHE A 23 -3.11 -3.81 -2.00
CA PHE A 23 -2.01 -3.59 -1.07
C PHE A 23 -2.33 -2.45 -0.11
N PHE A 24 -2.65 -1.29 -0.66
CA PHE A 24 -2.97 -0.11 0.14
C PHE A 24 -4.09 -0.43 1.14
N GLU A 25 -5.17 -1.01 0.63
CA GLU A 25 -6.31 -1.35 1.47
C GLU A 25 -5.85 -2.02 2.76
N LEU A 26 -5.06 -3.08 2.62
CA LEU A 26 -4.55 -3.82 3.78
C LEU A 26 -3.77 -2.88 4.71
N LEU A 27 -2.67 -2.35 4.21
CA LEU A 27 -1.84 -1.43 5.01
C LEU A 27 -2.71 -0.46 5.79
N SER A 28 -3.50 0.34 5.06
CA SER A 28 -4.38 1.32 5.69
C SER A 28 -5.23 0.67 6.77
N ASN A 29 -5.76 -0.51 6.46
CA ASN A 29 -6.61 -1.24 7.39
C ASN A 29 -5.87 -1.52 8.70
N HIS A 30 -4.54 -1.58 8.61
CA HIS A 30 -3.71 -1.84 9.78
C HIS A 30 -3.49 -0.56 10.59
N HIS A 31 -4.50 0.30 10.63
CA HIS A 31 -4.41 1.55 11.35
C HIS A 31 -2.98 2.11 11.32
N LEU A 32 -2.46 2.27 10.11
CA LEU A 32 -1.10 2.79 9.93
C LEU A 32 -0.86 3.98 10.85
N ASP A 33 0.42 4.24 11.14
CA ASP A 33 0.78 5.36 12.02
C ASP A 33 2.01 6.08 11.46
N SER A 34 2.29 7.27 12.01
CA SER A 34 3.42 8.06 11.57
C SER A 34 4.74 7.41 11.98
N GLN A 35 4.65 6.39 12.82
CA GLN A 35 5.83 5.67 13.29
C GLN A 35 5.79 4.21 12.87
N SER A 36 5.15 3.95 11.73
CA SER A 36 5.04 2.59 11.20
C SER A 36 6.35 2.15 10.56
N ARG A 37 6.85 1.00 10.99
CA ARG A 37 8.10 0.46 10.46
C ARG A 37 7.82 -0.67 9.47
N TRP A 38 8.34 -0.52 8.25
CA TRP A 38 8.14 -1.53 7.21
C TRP A 38 8.41 -2.92 7.76
N SER A 39 9.67 -3.20 8.07
CA SER A 39 10.05 -4.51 8.60
C SER A 39 8.94 -5.08 9.49
N LYS A 40 8.36 -4.22 10.32
CA LYS A 40 7.29 -4.64 11.22
C LYS A 40 6.01 -4.95 10.45
N VAL A 41 5.47 -3.92 9.79
CA VAL A 41 4.24 -4.09 9.01
C VAL A 41 4.34 -5.29 8.09
N LYS A 42 5.56 -5.62 7.68
CA LYS A 42 5.80 -6.75 6.79
C LYS A 42 5.61 -8.07 7.52
N ASP A 43 6.26 -8.21 8.66
CA ASP A 43 6.17 -9.43 9.46
C ASP A 43 4.76 -9.59 10.02
N LYS A 44 3.98 -8.52 9.98
CA LYS A 44 2.61 -8.55 10.48
C LYS A 44 1.63 -8.92 9.37
N VAL A 45 1.85 -8.37 8.18
CA VAL A 45 0.98 -8.65 7.04
C VAL A 45 1.30 -10.02 6.44
N GLU A 46 2.55 -10.44 6.56
CA GLU A 46 2.99 -11.73 6.02
C GLU A 46 1.91 -12.79 6.24
N SER A 47 1.08 -12.59 7.26
CA SER A 47 0.02 -13.53 7.57
C SER A 47 -1.22 -13.25 6.72
N ASP A 48 -1.01 -12.63 5.57
CA ASP A 48 -2.10 -12.30 4.66
C ASP A 48 -1.75 -12.70 3.23
N PRO A 49 -2.74 -13.24 2.51
CA PRO A 49 -2.56 -13.66 1.12
C PRO A 49 -2.38 -12.49 0.17
N ARG A 50 -3.03 -11.37 0.50
CA ARG A 50 -2.94 -10.17 -0.33
C ARG A 50 -1.50 -9.68 -0.42
N TYR A 51 -0.77 -9.78 0.67
CA TYR A 51 0.62 -9.34 0.72
C TYR A 51 1.48 -10.15 -0.26
N LYS A 52 1.03 -11.37 -0.56
CA LYS A 52 1.74 -12.23 -1.48
C LYS A 52 1.53 -11.80 -2.93
N ALA A 53 0.41 -11.14 -3.18
CA ALA A 53 0.08 -10.67 -4.53
C ALA A 53 1.25 -9.91 -5.12
N VAL A 54 1.74 -8.89 -4.41
CA VAL A 54 2.86 -8.08 -4.87
C VAL A 54 4.16 -8.88 -4.84
N ASP A 55 4.66 -9.24 -6.01
CA ASP A 55 5.89 -10.00 -6.12
C ASP A 55 7.10 -9.08 -6.00
N SER A 56 7.04 -7.93 -6.66
CA SER A 56 8.13 -6.97 -6.64
C SER A 56 8.23 -6.29 -5.27
N SER A 57 9.37 -6.47 -4.61
CA SER A 57 9.59 -5.88 -3.30
C SER A 57 9.50 -4.36 -3.36
N SER A 58 10.23 -3.78 -4.31
CA SER A 58 10.24 -2.33 -4.48
C SER A 58 8.84 -1.75 -4.38
N MET A 59 7.88 -2.45 -5.00
CA MET A 59 6.49 -2.00 -4.97
C MET A 59 5.97 -1.91 -3.54
N ARG A 60 6.19 -2.97 -2.77
CA ARG A 60 5.74 -3.00 -1.37
C ARG A 60 6.39 -1.88 -0.57
N GLU A 61 7.72 -1.84 -0.56
CA GLU A 61 8.46 -0.81 0.16
C GLU A 61 8.02 0.58 -0.26
N ASP A 62 8.09 0.84 -1.57
CA ASP A 62 7.69 2.14 -2.11
C ASP A 62 6.25 2.47 -1.74
N LEU A 63 5.32 1.68 -2.28
CA LEU A 63 3.90 1.89 -2.01
C LEU A 63 3.65 2.16 -0.53
N PHE A 64 4.12 1.25 0.31
CA PHE A 64 3.96 1.39 1.75
C PHE A 64 4.49 2.74 2.24
N LYS A 65 5.79 2.95 2.06
CA LYS A 65 6.43 4.19 2.47
C LYS A 65 5.61 5.40 2.02
N GLN A 66 5.14 5.36 0.78
CA GLN A 66 4.35 6.44 0.23
C GLN A 66 3.15 6.75 1.13
N TYR A 67 2.37 5.73 1.43
CA TYR A 67 1.19 5.89 2.27
C TYR A 67 1.56 6.59 3.59
N ILE A 68 2.54 6.03 4.29
CA ILE A 68 2.99 6.60 5.55
C ILE A 68 3.43 8.06 5.39
N GLU A 69 4.23 8.31 4.36
CA GLU A 69 4.71 9.66 4.09
C GLU A 69 3.56 10.66 4.08
N LYS A 70 2.44 10.25 3.49
CA LYS A 70 1.26 11.11 3.41
C LYS A 70 0.68 11.37 4.80
N ILE A 71 0.42 10.30 5.54
CA ILE A 71 -0.14 10.40 6.88
C ILE A 71 0.62 11.44 7.70
N ALA A 72 1.90 11.18 7.95
CA ALA A 72 2.74 12.09 8.72
C ALA A 72 2.48 13.54 8.32
N LYS A 73 2.44 13.79 7.02
CA LYS A 73 2.20 15.13 6.50
C LYS A 73 1.10 15.83 7.29
N ASN A 74 -0.02 15.14 7.46
CA ASN A 74 -1.15 15.69 8.19
C ASN A 74 -1.29 15.03 9.56
N LEU A 75 -0.68 15.63 10.58
CA LEU A 75 -0.73 15.11 11.93
C LEU A 75 -2.03 15.52 12.63
N ASP A 76 -3.15 15.28 11.96
CA ASP A 76 -4.46 15.62 12.53
C ASP A 76 -4.78 14.76 13.73
N SER A 77 -4.67 15.33 14.92
CA SER A 77 -4.94 14.61 16.16
C SER A 77 -6.42 14.66 16.50
N SER A 78 -6.86 13.74 17.35
CA SER A 78 -8.26 13.67 17.76
C SER A 78 -8.63 14.86 18.63
N GLY A 79 -7.93 15.00 19.75
CA GLY A 79 -8.19 16.11 20.67
C GLY A 79 -7.39 16.01 21.94
N PRO A 80 -7.99 15.44 23.00
CA PRO A 80 -7.35 15.28 24.30
C PRO A 80 -6.24 14.24 24.26
N SER A 81 -5.02 14.69 23.99
CA SER A 81 -3.87 13.80 23.93
C SER A 81 -2.56 14.59 23.90
N SER A 82 -1.45 13.88 23.98
CA SER A 82 -0.14 14.51 23.97
C SER A 82 0.55 14.33 22.61
N GLY A 83 0.52 13.10 22.11
CA GLY A 83 1.15 12.82 20.83
C GLY A 83 0.53 13.61 19.69
N GLY A 1 -4.76 10.89 -6.53
CA GLY A 1 -3.92 11.39 -7.61
C GLY A 1 -3.58 10.31 -8.61
N SER A 2 -3.38 10.72 -9.87
CA SER A 2 -3.05 9.77 -10.93
C SER A 2 -1.64 10.02 -11.46
N SER A 3 -1.01 8.96 -11.96
CA SER A 3 0.35 9.06 -12.49
C SER A 3 0.46 8.30 -13.81
N GLY A 4 0.61 9.04 -14.90
CA GLY A 4 0.72 8.43 -16.21
C GLY A 4 -0.51 8.63 -17.06
N SER A 5 -1.07 7.52 -17.56
CA SER A 5 -2.26 7.58 -18.40
C SER A 5 -3.27 6.51 -17.98
N SER A 6 -4.55 6.85 -18.04
CA SER A 6 -5.61 5.93 -17.67
C SER A 6 -5.74 4.82 -18.70
N GLY A 7 -6.02 5.20 -19.95
CA GLY A 7 -6.17 4.23 -21.01
C GLY A 7 -6.93 3.00 -20.56
N GLU A 8 -6.57 1.84 -21.13
CA GLU A 8 -7.23 0.59 -20.79
C GLU A 8 -7.45 0.48 -19.28
N LYS A 9 -8.70 0.34 -18.87
CA LYS A 9 -9.04 0.23 -17.46
C LYS A 9 -8.45 -1.04 -16.87
N GLU A 10 -8.75 -2.18 -17.49
CA GLU A 10 -8.25 -3.46 -17.01
C GLU A 10 -7.22 -4.04 -17.99
N ASP A 11 -6.07 -4.42 -17.45
CA ASP A 11 -5.00 -4.99 -18.27
C ASP A 11 -4.53 -6.33 -17.70
N SER A 12 -4.49 -7.35 -18.55
CA SER A 12 -4.06 -8.67 -18.13
C SER A 12 -2.64 -8.63 -17.57
N LYS A 13 -1.68 -8.30 -18.43
CA LYS A 13 -0.28 -8.22 -18.01
C LYS A 13 -0.05 -7.04 -17.06
N THR A 14 -0.48 -5.86 -17.49
CA THR A 14 -0.33 -4.65 -16.68
C THR A 14 -1.44 -4.54 -15.65
N ARG A 15 -1.68 -5.62 -14.92
CA ARG A 15 -2.72 -5.64 -13.90
C ARG A 15 -2.19 -5.10 -12.57
N GLY A 16 -1.52 -3.95 -12.63
CA GLY A 16 -0.99 -3.34 -11.43
C GLY A 16 -2.03 -2.57 -10.65
N GLU A 17 -2.78 -1.74 -11.34
CA GLU A 17 -3.83 -0.93 -10.70
C GLU A 17 -4.50 -1.71 -9.57
N LYS A 18 -4.90 -2.94 -9.88
CA LYS A 18 -5.56 -3.79 -8.88
C LYS A 18 -4.66 -4.04 -7.69
N ILE A 19 -3.56 -4.77 -7.92
CA ILE A 19 -2.61 -5.07 -6.86
C ILE A 19 -2.33 -3.84 -6.00
N LYS A 20 -2.04 -2.72 -6.65
CA LYS A 20 -1.75 -1.46 -5.96
C LYS A 20 -2.87 -1.14 -4.96
N SER A 21 -4.12 -1.28 -5.41
CA SER A 21 -5.27 -1.00 -4.57
C SER A 21 -5.32 -1.95 -3.37
N ASP A 22 -5.46 -3.24 -3.66
CA ASP A 22 -5.52 -4.26 -2.61
C ASP A 22 -4.40 -4.04 -1.59
N PHE A 23 -3.19 -3.85 -2.07
CA PHE A 23 -2.04 -3.63 -1.20
C PHE A 23 -2.32 -2.51 -0.20
N PHE A 24 -2.64 -1.33 -0.72
CA PHE A 24 -2.92 -0.18 0.12
C PHE A 24 -4.02 -0.50 1.13
N GLU A 25 -5.08 -1.12 0.66
CA GLU A 25 -6.21 -1.50 1.52
C GLU A 25 -5.71 -2.16 2.80
N LEU A 26 -4.95 -3.24 2.63
CA LEU A 26 -4.41 -3.97 3.78
C LEU A 26 -3.58 -3.06 4.66
N LEU A 27 -2.59 -2.40 4.07
CA LEU A 27 -1.71 -1.49 4.80
C LEU A 27 -2.52 -0.53 5.66
N SER A 28 -3.34 0.29 4.99
CA SER A 28 -4.17 1.27 5.69
C SER A 28 -4.92 0.61 6.85
N ASN A 29 -5.41 -0.60 6.62
CA ASN A 29 -6.15 -1.34 7.63
C ASN A 29 -5.27 -1.63 8.84
N HIS A 30 -3.96 -1.73 8.61
CA HIS A 30 -3.01 -2.00 9.69
C HIS A 30 -2.75 -0.75 10.51
N HIS A 31 -3.82 -0.04 10.85
CA HIS A 31 -3.72 1.19 11.64
C HIS A 31 -2.38 1.87 11.39
N LEU A 32 -2.09 2.15 10.12
CA LEU A 32 -0.84 2.81 9.75
C LEU A 32 -0.60 4.05 10.60
N ASP A 33 0.64 4.25 11.01
CA ASP A 33 1.01 5.39 11.83
C ASP A 33 2.15 6.18 11.19
N SER A 34 2.55 7.26 11.84
CA SER A 34 3.63 8.11 11.34
C SER A 34 4.97 7.40 11.46
N GLN A 35 5.20 6.75 12.60
CA GLN A 35 6.44 6.03 12.83
C GLN A 35 6.30 4.55 12.48
N SER A 36 5.42 4.26 11.52
CA SER A 36 5.17 2.88 11.10
C SER A 36 6.43 2.29 10.47
N ARG A 37 6.90 1.17 11.03
CA ARG A 37 8.08 0.50 10.52
C ARG A 37 7.70 -0.61 9.55
N TRP A 38 8.45 -0.71 8.45
CA TRP A 38 8.20 -1.72 7.45
C TRP A 38 8.38 -3.13 8.02
N SER A 39 9.62 -3.45 8.37
CA SER A 39 9.92 -4.77 8.94
C SER A 39 8.76 -5.28 9.78
N LYS A 40 8.16 -4.39 10.55
CA LYS A 40 7.03 -4.74 11.41
C LYS A 40 5.79 -5.05 10.58
N VAL A 41 5.31 -4.04 9.86
CA VAL A 41 4.12 -4.20 9.02
C VAL A 41 4.25 -5.42 8.12
N LYS A 42 5.48 -5.78 7.77
CA LYS A 42 5.74 -6.93 6.92
C LYS A 42 5.54 -8.23 7.70
N ASP A 43 6.07 -8.27 8.91
CA ASP A 43 5.95 -9.46 9.75
C ASP A 43 4.51 -9.64 10.23
N LYS A 44 3.71 -8.59 10.12
CA LYS A 44 2.32 -8.62 10.55
C LYS A 44 1.41 -8.94 9.36
N VAL A 45 1.73 -8.38 8.20
CA VAL A 45 0.94 -8.60 6.99
C VAL A 45 1.24 -9.97 6.39
N GLU A 46 2.48 -10.41 6.53
CA GLU A 46 2.90 -11.71 6.00
C GLU A 46 1.80 -12.76 6.20
N SER A 47 0.97 -12.55 7.22
CA SER A 47 -0.11 -13.46 7.52
C SER A 47 -1.34 -13.16 6.68
N ASP A 48 -1.13 -12.53 5.53
CA ASP A 48 -2.21 -12.19 4.62
C ASP A 48 -1.87 -12.57 3.19
N PRO A 49 -2.88 -13.09 2.47
CA PRO A 49 -2.70 -13.51 1.06
C PRO A 49 -2.51 -12.32 0.12
N ARG A 50 -3.11 -11.19 0.48
CA ARG A 50 -3.01 -9.98 -0.34
C ARG A 50 -1.56 -9.53 -0.45
N TYR A 51 -0.80 -9.70 0.63
CA TYR A 51 0.60 -9.30 0.65
C TYR A 51 1.39 -10.06 -0.40
N LYS A 52 0.92 -11.27 -0.73
CA LYS A 52 1.59 -12.11 -1.73
C LYS A 52 1.33 -11.58 -3.14
N ALA A 53 0.21 -10.91 -3.31
CA ALA A 53 -0.15 -10.35 -4.62
C ALA A 53 1.04 -9.65 -5.26
N VAL A 54 1.69 -8.79 -4.50
CA VAL A 54 2.85 -8.06 -4.99
C VAL A 54 4.07 -8.96 -5.12
N ASP A 55 4.73 -8.90 -6.26
CA ASP A 55 5.91 -9.72 -6.51
C ASP A 55 7.19 -8.93 -6.23
N SER A 56 7.32 -7.77 -6.87
CA SER A 56 8.49 -6.92 -6.69
C SER A 56 8.49 -6.29 -5.30
N SER A 57 9.42 -6.73 -4.45
CA SER A 57 9.53 -6.20 -3.09
C SER A 57 9.58 -4.68 -3.10
N SER A 58 10.31 -4.13 -4.07
CA SER A 58 10.46 -2.68 -4.18
C SER A 58 9.10 -1.99 -4.10
N MET A 59 8.08 -2.62 -4.70
CA MET A 59 6.74 -2.06 -4.70
C MET A 59 6.17 -2.03 -3.29
N ARG A 60 6.29 -3.14 -2.57
CA ARG A 60 5.78 -3.24 -1.21
C ARG A 60 6.32 -2.09 -0.35
N GLU A 61 7.63 -1.90 -0.39
CA GLU A 61 8.27 -0.85 0.38
C GLU A 61 7.85 0.53 -0.12
N ASP A 62 8.08 0.77 -1.41
CA ASP A 62 7.72 2.06 -2.02
C ASP A 62 6.28 2.43 -1.69
N LEU A 63 5.34 1.63 -2.17
CA LEU A 63 3.92 1.88 -1.91
C LEU A 63 3.68 2.20 -0.44
N PHE A 64 4.18 1.33 0.43
CA PHE A 64 4.01 1.52 1.87
C PHE A 64 4.51 2.90 2.30
N LYS A 65 5.80 3.14 2.12
CA LYS A 65 6.40 4.42 2.49
C LYS A 65 5.54 5.58 2.00
N GLN A 66 5.06 5.48 0.78
CA GLN A 66 4.21 6.52 0.19
C GLN A 66 3.01 6.81 1.09
N TYR A 67 2.22 5.78 1.36
CA TYR A 67 1.03 5.93 2.20
C TYR A 67 1.38 6.63 3.51
N ILE A 68 2.34 6.07 4.23
CA ILE A 68 2.78 6.65 5.50
C ILE A 68 3.10 8.13 5.36
N GLU A 69 3.86 8.46 4.33
CA GLU A 69 4.25 9.85 4.07
C GLU A 69 3.02 10.76 4.05
N LYS A 70 1.96 10.28 3.39
CA LYS A 70 0.72 11.05 3.28
C LYS A 70 0.10 11.26 4.66
N ILE A 71 0.02 10.19 5.45
CA ILE A 71 -0.55 10.27 6.78
C ILE A 71 0.12 11.36 7.61
N ALA A 72 1.40 11.16 7.90
CA ALA A 72 2.17 12.13 8.68
C ALA A 72 2.01 13.54 8.11
N LYS A 73 2.14 13.65 6.80
CA LYS A 73 2.00 14.94 6.13
C LYS A 73 0.55 15.21 5.73
N ASN A 74 -0.37 14.91 6.64
CA ASN A 74 -1.79 15.13 6.38
C ASN A 74 -2.29 16.37 7.11
N LEU A 75 -1.49 17.44 7.06
CA LEU A 75 -1.86 18.69 7.71
C LEU A 75 -1.53 19.88 6.80
N ASP A 76 -1.93 21.07 7.25
CA ASP A 76 -1.67 22.29 6.49
C ASP A 76 -1.12 23.39 7.38
N SER A 77 -0.04 24.02 6.95
CA SER A 77 0.59 25.08 7.73
C SER A 77 -0.19 26.38 7.59
N SER A 78 -0.41 26.81 6.35
CA SER A 78 -1.14 28.04 6.09
C SER A 78 -2.15 27.84 4.97
N GLY A 79 -3.08 28.79 4.83
CA GLY A 79 -4.08 28.70 3.79
C GLY A 79 -3.48 28.55 2.41
N PRO A 80 -4.28 28.04 1.46
CA PRO A 80 -3.85 27.83 0.08
C PRO A 80 -3.63 29.15 -0.66
N SER A 81 -3.15 29.06 -1.90
CA SER A 81 -2.89 30.24 -2.72
C SER A 81 -3.16 29.95 -4.19
N SER A 82 -3.63 30.96 -4.91
CA SER A 82 -3.92 30.81 -6.34
C SER A 82 -3.58 32.09 -7.10
N GLY A 83 -2.95 31.92 -8.26
CA GLY A 83 -2.58 33.07 -9.07
C GLY A 83 -1.26 33.67 -8.65
N GLY A 1 -5.76 -32.27 -9.82
CA GLY A 1 -5.26 -32.37 -8.46
C GLY A 1 -4.79 -31.04 -7.91
N SER A 2 -5.69 -30.06 -7.90
CA SER A 2 -5.35 -28.74 -7.40
C SER A 2 -3.94 -28.33 -7.81
N SER A 3 -3.58 -28.66 -9.04
CA SER A 3 -2.24 -28.35 -9.56
C SER A 3 -2.35 -27.46 -10.78
N GLY A 4 -2.41 -26.14 -10.55
CA GLY A 4 -2.50 -25.19 -11.66
C GLY A 4 -1.51 -24.06 -11.52
N SER A 5 -1.32 -23.33 -12.61
CA SER A 5 -0.39 -22.19 -12.62
C SER A 5 -0.93 -21.05 -13.47
N SER A 6 -0.94 -19.85 -12.90
CA SER A 6 -1.43 -18.67 -13.60
C SER A 6 -0.28 -17.75 -13.99
N GLY A 7 -0.57 -16.78 -14.85
CA GLY A 7 0.44 -15.85 -15.30
C GLY A 7 -0.14 -14.68 -16.06
N GLU A 8 0.59 -13.56 -16.07
CA GLU A 8 0.14 -12.36 -16.77
C GLU A 8 0.86 -12.21 -18.10
N LYS A 9 0.10 -12.29 -19.19
CA LYS A 9 0.66 -12.16 -20.53
C LYS A 9 -0.03 -11.04 -21.30
N GLU A 10 -1.28 -10.76 -20.94
CA GLU A 10 -2.06 -9.72 -21.60
C GLU A 10 -2.70 -8.79 -20.58
N ASP A 11 -3.32 -9.37 -19.57
CA ASP A 11 -3.98 -8.60 -18.52
C ASP A 11 -2.96 -8.10 -17.49
N SER A 12 -1.89 -7.48 -17.97
CA SER A 12 -0.85 -6.96 -17.10
C SER A 12 -1.25 -5.62 -16.50
N LYS A 13 -1.60 -4.67 -17.38
CA LYS A 13 -2.00 -3.35 -16.95
C LYS A 13 -2.94 -3.42 -15.74
N THR A 14 -4.04 -4.16 -15.91
CA THR A 14 -5.01 -4.32 -14.83
C THR A 14 -4.41 -5.07 -13.65
N ARG A 15 -3.32 -5.78 -13.90
CA ARG A 15 -2.65 -6.55 -12.85
C ARG A 15 -1.96 -5.62 -11.85
N GLY A 16 -1.17 -4.68 -12.37
CA GLY A 16 -0.47 -3.75 -11.52
C GLY A 16 -1.41 -2.93 -10.65
N GLU A 17 -2.38 -2.28 -11.29
CA GLU A 17 -3.35 -1.46 -10.57
C GLU A 17 -4.05 -2.28 -9.48
N LYS A 18 -4.69 -3.37 -9.90
CA LYS A 18 -5.41 -4.23 -8.96
C LYS A 18 -4.58 -4.48 -7.71
N ILE A 19 -3.39 -5.03 -7.89
CA ILE A 19 -2.50 -5.31 -6.77
C ILE A 19 -2.29 -4.07 -5.90
N LYS A 20 -1.92 -2.97 -6.55
CA LYS A 20 -1.69 -1.71 -5.83
C LYS A 20 -2.86 -1.39 -4.90
N SER A 21 -4.08 -1.58 -5.40
CA SER A 21 -5.27 -1.32 -4.61
C SER A 21 -5.29 -2.17 -3.34
N ASP A 22 -5.21 -3.48 -3.52
CA ASP A 22 -5.22 -4.41 -2.39
C ASP A 22 -4.15 -4.02 -1.37
N PHE A 23 -2.91 -3.94 -1.82
CA PHE A 23 -1.79 -3.59 -0.96
C PHE A 23 -2.17 -2.44 -0.02
N PHE A 24 -2.50 -1.29 -0.60
CA PHE A 24 -2.88 -0.13 0.17
C PHE A 24 -3.96 -0.47 1.20
N GLU A 25 -5.07 -1.04 0.71
CA GLU A 25 -6.18 -1.42 1.58
C GLU A 25 -5.66 -2.05 2.87
N LEU A 26 -4.91 -3.13 2.73
CA LEU A 26 -4.35 -3.83 3.88
C LEU A 26 -3.61 -2.86 4.80
N LEU A 27 -2.50 -2.33 4.31
CA LEU A 27 -1.70 -1.38 5.08
C LEU A 27 -2.58 -0.43 5.87
N SER A 28 -3.41 0.34 5.16
CA SER A 28 -4.30 1.28 5.80
C SER A 28 -5.14 0.61 6.87
N ASN A 29 -5.59 -0.61 6.59
CA ASN A 29 -6.41 -1.38 7.53
C ASN A 29 -5.64 -1.65 8.81
N HIS A 30 -4.31 -1.65 8.71
CA HIS A 30 -3.46 -1.91 9.86
C HIS A 30 -3.24 -0.63 10.67
N HIS A 31 -4.25 0.25 10.67
CA HIS A 31 -4.17 1.51 11.40
C HIS A 31 -2.75 2.06 11.37
N LEU A 32 -2.20 2.23 10.17
CA LEU A 32 -0.85 2.76 10.00
C LEU A 32 -0.61 3.93 10.94
N ASP A 33 0.65 4.32 11.09
CA ASP A 33 1.02 5.45 11.94
C ASP A 33 2.31 6.08 11.48
N SER A 34 2.56 7.31 11.92
CA SER A 34 3.78 8.04 11.55
C SER A 34 5.02 7.26 11.95
N GLN A 35 4.85 6.30 12.85
CA GLN A 35 5.96 5.49 13.33
C GLN A 35 5.85 4.05 12.81
N SER A 36 5.18 3.89 11.67
CA SER A 36 5.00 2.57 11.08
C SER A 36 6.33 1.99 10.63
N ARG A 37 6.67 0.82 11.15
CA ARG A 37 7.92 0.16 10.81
C ARG A 37 7.68 -0.97 9.80
N TRP A 38 8.21 -0.81 8.59
CA TRP A 38 8.04 -1.81 7.56
C TRP A 38 8.25 -3.22 8.11
N SER A 39 9.39 -3.44 8.76
CA SER A 39 9.70 -4.73 9.34
C SER A 39 8.52 -5.28 10.13
N LYS A 40 7.83 -4.39 10.85
CA LYS A 40 6.68 -4.78 11.65
C LYS A 40 5.46 -5.04 10.76
N VAL A 41 5.01 -4.00 10.07
CA VAL A 41 3.86 -4.12 9.18
C VAL A 41 3.98 -5.35 8.28
N LYS A 42 5.23 -5.72 7.97
CA LYS A 42 5.48 -6.88 7.12
C LYS A 42 5.27 -8.18 7.89
N ASP A 43 5.87 -8.26 9.07
CA ASP A 43 5.75 -9.44 9.91
C ASP A 43 4.32 -9.62 10.40
N LYS A 44 3.52 -8.56 10.29
CA LYS A 44 2.13 -8.60 10.72
C LYS A 44 1.21 -8.96 9.56
N VAL A 45 1.51 -8.40 8.39
CA VAL A 45 0.70 -8.66 7.19
C VAL A 45 1.04 -10.03 6.60
N GLU A 46 2.27 -10.46 6.79
CA GLU A 46 2.72 -11.74 6.27
C GLU A 46 1.63 -12.80 6.40
N SER A 47 0.74 -12.60 7.37
CA SER A 47 -0.35 -13.53 7.62
C SER A 47 -1.52 -13.25 6.69
N ASP A 48 -1.23 -12.62 5.55
CA ASP A 48 -2.26 -12.30 4.57
C ASP A 48 -1.78 -12.59 3.16
N PRO A 49 -2.68 -13.13 2.32
CA PRO A 49 -2.38 -13.46 0.93
C PRO A 49 -2.16 -12.23 0.06
N ARG A 50 -2.87 -11.16 0.38
CA ARG A 50 -2.75 -9.91 -0.37
C ARG A 50 -1.30 -9.48 -0.47
N TYR A 51 -0.57 -9.60 0.63
CA TYR A 51 0.84 -9.22 0.67
C TYR A 51 1.66 -10.06 -0.30
N LYS A 52 1.30 -11.34 -0.41
CA LYS A 52 2.01 -12.24 -1.31
C LYS A 52 1.70 -11.93 -2.77
N ALA A 53 0.60 -11.22 -2.99
CA ALA A 53 0.20 -10.84 -4.34
C ALA A 53 1.27 -9.99 -5.01
N VAL A 54 1.80 -9.02 -4.27
CA VAL A 54 2.83 -8.14 -4.80
C VAL A 54 4.10 -8.91 -5.17
N ASP A 55 4.52 -8.80 -6.42
CA ASP A 55 5.71 -9.49 -6.89
C ASP A 55 6.93 -8.59 -6.79
N SER A 56 6.83 -7.39 -7.37
CA SER A 56 7.94 -6.44 -7.35
C SER A 56 8.13 -5.86 -5.95
N SER A 57 9.31 -6.07 -5.38
CA SER A 57 9.62 -5.57 -4.05
C SER A 57 9.53 -4.04 -4.01
N SER A 58 10.04 -3.40 -5.05
CA SER A 58 10.04 -1.94 -5.14
C SER A 58 8.65 -1.39 -4.82
N MET A 59 7.63 -2.04 -5.35
CA MET A 59 6.25 -1.61 -5.13
C MET A 59 5.90 -1.70 -3.65
N ARG A 60 6.30 -2.79 -3.01
CA ARG A 60 6.01 -3.00 -1.60
C ARG A 60 6.54 -1.83 -0.76
N GLU A 61 7.86 -1.63 -0.81
CA GLU A 61 8.49 -0.56 -0.06
C GLU A 61 7.96 0.80 -0.50
N ASP A 62 8.06 1.07 -1.79
CA ASP A 62 7.59 2.33 -2.35
C ASP A 62 6.16 2.63 -1.91
N LEU A 63 5.25 1.74 -2.28
CA LEU A 63 3.84 1.91 -1.92
C LEU A 63 3.69 2.18 -0.42
N PHE A 64 4.28 1.32 0.40
CA PHE A 64 4.22 1.47 1.85
C PHE A 64 4.68 2.86 2.27
N LYS A 65 5.95 3.16 2.02
CA LYS A 65 6.52 4.45 2.38
C LYS A 65 5.65 5.59 1.86
N GLN A 66 5.12 5.42 0.65
CA GLN A 66 4.26 6.43 0.04
C GLN A 66 3.08 6.75 0.94
N TYR A 67 2.31 5.73 1.30
CA TYR A 67 1.15 5.91 2.15
C TYR A 67 1.53 6.59 3.47
N ILE A 68 2.50 6.01 4.17
CA ILE A 68 2.97 6.56 5.43
C ILE A 68 3.37 8.03 5.28
N GLU A 69 4.12 8.32 4.23
CA GLU A 69 4.58 9.68 3.97
C GLU A 69 3.41 10.65 3.96
N LYS A 70 2.32 10.26 3.30
CA LYS A 70 1.13 11.10 3.21
C LYS A 70 0.55 11.35 4.60
N ILE A 71 0.46 10.30 5.41
CA ILE A 71 -0.07 10.41 6.76
C ILE A 71 0.70 11.44 7.57
N ALA A 72 1.98 11.17 7.82
CA ALA A 72 2.81 12.08 8.58
C ALA A 72 2.73 13.50 8.04
N LYS A 73 2.65 13.62 6.72
CA LYS A 73 2.55 14.93 6.07
C LYS A 73 1.37 15.72 6.62
N ASN A 74 0.15 15.28 6.27
CA ASN A 74 -1.05 15.95 6.74
C ASN A 74 -1.83 15.07 7.71
N LEU A 75 -1.64 15.31 9.00
CA LEU A 75 -2.33 14.53 10.03
C LEU A 75 -3.49 15.32 10.62
N ASP A 76 -4.44 14.60 11.23
CA ASP A 76 -5.59 15.24 11.85
C ASP A 76 -5.40 15.39 13.35
N SER A 77 -5.93 16.48 13.91
CA SER A 77 -5.81 16.75 15.34
C SER A 77 -6.24 15.54 16.16
N SER A 78 -5.31 14.98 16.93
CA SER A 78 -5.59 13.82 17.75
C SER A 78 -5.54 14.18 19.23
N GLY A 79 -6.10 13.31 20.07
CA GLY A 79 -6.12 13.56 21.50
C GLY A 79 -4.85 13.07 22.18
N PRO A 80 -4.91 11.85 22.73
CA PRO A 80 -3.77 11.25 23.44
C PRO A 80 -2.64 10.88 22.48
N SER A 81 -1.75 11.82 22.22
CA SER A 81 -0.62 11.60 21.33
C SER A 81 0.53 10.92 22.06
N SER A 82 0.91 11.49 23.21
CA SER A 82 2.00 10.94 24.01
C SER A 82 1.48 9.92 25.02
N GLY A 83 2.04 8.72 24.98
CA GLY A 83 1.62 7.67 25.89
C GLY A 83 0.82 6.58 25.20
N GLY A 1 2.40 4.60 -16.14
CA GLY A 1 1.31 3.73 -16.53
C GLY A 1 0.58 4.23 -17.76
N SER A 2 0.17 3.29 -18.62
CA SER A 2 -0.53 3.65 -19.84
C SER A 2 -1.71 4.58 -19.54
N SER A 3 -2.04 5.43 -20.52
CA SER A 3 -3.14 6.38 -20.35
C SER A 3 -4.23 6.11 -21.38
N GLY A 4 -5.36 5.57 -20.92
CA GLY A 4 -6.46 5.28 -21.81
C GLY A 4 -7.60 4.54 -21.11
N SER A 5 -8.83 4.90 -21.46
CA SER A 5 -10.00 4.28 -20.86
C SER A 5 -10.92 3.72 -21.93
N SER A 6 -11.16 4.50 -22.97
CA SER A 6 -12.04 4.09 -24.07
C SER A 6 -11.28 3.20 -25.05
N GLY A 7 -11.58 1.90 -25.01
CA GLY A 7 -10.93 0.96 -25.90
C GLY A 7 -11.14 -0.48 -25.49
N GLU A 8 -10.04 -1.23 -25.35
CA GLU A 8 -10.13 -2.63 -24.97
C GLU A 8 -9.25 -2.90 -23.75
N LYS A 9 -9.70 -3.82 -22.89
CA LYS A 9 -8.95 -4.18 -21.70
C LYS A 9 -8.11 -5.43 -21.92
N GLU A 10 -7.48 -5.51 -23.10
CA GLU A 10 -6.64 -6.65 -23.44
C GLU A 10 -5.18 -6.39 -23.07
N ASP A 11 -4.97 -5.81 -21.89
CA ASP A 11 -3.63 -5.50 -21.42
C ASP A 11 -3.37 -6.15 -20.06
N SER A 12 -2.11 -6.51 -19.82
CA SER A 12 -1.73 -7.16 -18.57
C SER A 12 -1.41 -6.11 -17.50
N LYS A 13 -0.95 -4.94 -17.94
CA LYS A 13 -0.62 -3.87 -17.02
C LYS A 13 -1.79 -3.53 -16.11
N THR A 14 -2.97 -3.38 -16.71
CA THR A 14 -4.18 -3.06 -15.95
C THR A 14 -4.29 -3.94 -14.71
N ARG A 15 -3.65 -5.10 -14.75
CA ARG A 15 -3.67 -6.03 -13.63
C ARG A 15 -3.08 -5.40 -12.37
N GLY A 16 -1.93 -4.73 -12.54
CA GLY A 16 -1.28 -4.09 -11.42
C GLY A 16 -2.24 -3.25 -10.59
N GLU A 17 -3.13 -2.54 -11.27
CA GLU A 17 -4.11 -1.69 -10.59
C GLU A 17 -4.63 -2.36 -9.33
N LYS A 18 -5.13 -3.59 -9.48
CA LYS A 18 -5.67 -4.34 -8.35
C LYS A 18 -4.64 -4.45 -7.24
N ILE A 19 -3.53 -5.13 -7.52
CA ILE A 19 -2.46 -5.31 -6.54
C ILE A 19 -2.18 -4.00 -5.81
N LYS A 20 -2.08 -2.91 -6.56
CA LYS A 20 -1.82 -1.60 -5.99
C LYS A 20 -2.90 -1.20 -5.00
N SER A 21 -4.14 -1.17 -5.47
CA SER A 21 -5.27 -0.81 -4.63
C SER A 21 -5.31 -1.67 -3.37
N ASP A 22 -5.39 -2.98 -3.55
CA ASP A 22 -5.42 -3.91 -2.43
C ASP A 22 -4.33 -3.59 -1.42
N PHE A 23 -3.08 -3.66 -1.87
CA PHE A 23 -1.94 -3.38 -1.01
C PHE A 23 -2.24 -2.22 -0.06
N PHE A 24 -2.64 -1.09 -0.64
CA PHE A 24 -2.97 0.10 0.15
C PHE A 24 -4.00 -0.23 1.23
N GLU A 25 -5.11 -0.85 0.82
CA GLU A 25 -6.17 -1.22 1.75
C GLU A 25 -5.59 -1.88 3.00
N LEU A 26 -5.00 -3.05 2.81
CA LEU A 26 -4.41 -3.79 3.92
C LEU A 26 -3.57 -2.87 4.81
N LEU A 27 -2.47 -2.37 4.25
CA LEU A 27 -1.60 -1.47 4.99
C LEU A 27 -2.40 -0.49 5.86
N SER A 28 -3.22 0.32 5.20
CA SER A 28 -4.03 1.30 5.91
C SER A 28 -4.83 0.63 7.03
N ASN A 29 -5.35 -0.57 6.75
CA ASN A 29 -6.12 -1.30 7.73
C ASN A 29 -5.30 -1.59 8.99
N HIS A 30 -3.98 -1.67 8.81
CA HIS A 30 -3.07 -1.94 9.92
C HIS A 30 -2.85 -0.68 10.74
N HIS A 31 -3.92 0.06 11.00
CA HIS A 31 -3.84 1.28 11.79
C HIS A 31 -2.48 1.96 11.59
N LEU A 32 -2.14 2.23 10.32
CA LEU A 32 -0.88 2.88 10.00
C LEU A 32 -0.68 4.14 10.83
N ASP A 33 0.57 4.53 11.01
CA ASP A 33 0.90 5.73 11.78
C ASP A 33 2.31 6.20 11.47
N SER A 34 2.70 7.33 12.08
CA SER A 34 4.03 7.89 11.86
C SER A 34 5.12 6.90 12.27
N GLN A 35 4.87 6.19 13.37
CA GLN A 35 5.83 5.20 13.87
C GLN A 35 5.64 3.86 13.18
N SER A 36 5.19 3.91 11.92
CA SER A 36 4.97 2.69 11.15
C SER A 36 6.29 2.12 10.65
N ARG A 37 6.59 0.89 11.05
CA ARG A 37 7.81 0.22 10.64
C ARG A 37 7.54 -0.86 9.60
N TRP A 38 8.37 -0.92 8.58
CA TRP A 38 8.21 -1.90 7.51
C TRP A 38 8.41 -3.32 8.06
N SER A 39 9.57 -3.57 8.65
CA SER A 39 9.88 -4.88 9.19
C SER A 39 8.69 -5.45 9.95
N LYS A 40 8.03 -4.61 10.75
CA LYS A 40 6.87 -5.03 11.52
C LYS A 40 5.66 -5.24 10.61
N VAL A 41 5.21 -4.16 9.97
CA VAL A 41 4.07 -4.24 9.08
C VAL A 41 4.19 -5.41 8.10
N LYS A 42 5.43 -5.81 7.83
CA LYS A 42 5.70 -6.91 6.92
C LYS A 42 5.54 -8.25 7.63
N ASP A 43 6.00 -8.31 8.88
CA ASP A 43 5.90 -9.53 9.67
C ASP A 43 4.47 -9.78 10.12
N LYS A 44 3.65 -8.73 10.08
CA LYS A 44 2.26 -8.82 10.48
C LYS A 44 1.36 -9.07 9.27
N VAL A 45 1.73 -8.48 8.14
CA VAL A 45 0.96 -8.63 6.91
C VAL A 45 1.26 -9.97 6.22
N GLU A 46 2.49 -10.44 6.41
CA GLU A 46 2.90 -11.70 5.80
C GLU A 46 1.83 -12.78 6.00
N SER A 47 0.98 -12.58 7.00
CA SER A 47 -0.08 -13.53 7.31
C SER A 47 -1.32 -13.24 6.47
N ASP A 48 -1.11 -12.61 5.31
CA ASP A 48 -2.21 -12.27 4.42
C ASP A 48 -1.86 -12.61 2.97
N PRO A 49 -2.85 -13.16 2.23
CA PRO A 49 -2.68 -13.54 0.84
C PRO A 49 -2.51 -12.34 -0.09
N ARG A 50 -3.17 -11.23 0.27
CA ARG A 50 -3.09 -10.01 -0.52
C ARG A 50 -1.67 -9.47 -0.56
N TYR A 51 -0.92 -9.71 0.52
CA TYR A 51 0.45 -9.24 0.61
C TYR A 51 1.34 -9.96 -0.40
N LYS A 52 0.93 -11.15 -0.81
CA LYS A 52 1.69 -11.94 -1.78
C LYS A 52 1.43 -11.44 -3.20
N ALA A 53 0.37 -10.67 -3.36
CA ALA A 53 0.01 -10.13 -4.67
C ALA A 53 1.18 -9.36 -5.27
N VAL A 54 1.94 -8.69 -4.42
CA VAL A 54 3.09 -7.90 -4.87
C VAL A 54 4.33 -8.77 -4.99
N ASP A 55 4.85 -8.89 -6.21
CA ASP A 55 6.04 -9.70 -6.47
C ASP A 55 7.31 -8.88 -6.24
N SER A 56 7.37 -7.71 -6.87
CA SER A 56 8.52 -6.83 -6.74
C SER A 56 8.58 -6.20 -5.36
N SER A 57 9.62 -6.55 -4.60
CA SER A 57 9.80 -6.03 -3.26
C SER A 57 9.82 -4.50 -3.26
N SER A 58 10.40 -3.94 -4.32
CA SER A 58 10.49 -2.48 -4.44
C SER A 58 9.12 -1.84 -4.31
N MET A 59 8.10 -2.52 -4.81
CA MET A 59 6.73 -2.03 -4.76
C MET A 59 6.23 -1.95 -3.32
N ARG A 60 6.46 -3.03 -2.57
CA ARG A 60 6.04 -3.09 -1.18
C ARG A 60 6.60 -1.92 -0.38
N GLU A 61 7.91 -1.71 -0.49
CA GLU A 61 8.57 -0.62 0.23
C GLU A 61 8.09 0.73 -0.29
N ASP A 62 8.06 0.89 -1.61
CA ASP A 62 7.62 2.14 -2.23
C ASP A 62 6.18 2.46 -1.82
N LEU A 63 5.25 1.62 -2.26
CA LEU A 63 3.84 1.81 -1.95
C LEU A 63 3.64 2.13 -0.47
N PHE A 64 4.19 1.28 0.38
CA PHE A 64 4.08 1.46 1.83
C PHE A 64 4.52 2.86 2.23
N LYS A 65 5.78 3.18 1.98
CA LYS A 65 6.33 4.49 2.31
C LYS A 65 5.43 5.61 1.77
N GLN A 66 4.98 5.46 0.53
CA GLN A 66 4.12 6.45 -0.10
C GLN A 66 2.93 6.78 0.80
N TYR A 67 2.12 5.77 1.09
CA TYR A 67 0.94 5.95 1.93
C TYR A 67 1.30 6.69 3.22
N ILE A 68 2.19 6.09 4.00
CA ILE A 68 2.62 6.69 5.26
C ILE A 68 2.98 8.17 5.07
N GLU A 69 3.79 8.45 4.07
CA GLU A 69 4.21 9.82 3.78
C GLU A 69 3.00 10.74 3.71
N LYS A 70 2.00 10.35 2.93
CA LYS A 70 0.79 11.14 2.76
C LYS A 70 0.15 11.44 4.12
N ILE A 71 0.12 10.44 4.99
CA ILE A 71 -0.45 10.59 6.32
C ILE A 71 0.30 11.65 7.13
N ALA A 72 1.57 11.38 7.41
CA ALA A 72 2.40 12.30 8.17
C ALA A 72 2.34 13.70 7.57
N LYS A 73 2.76 13.82 6.32
CA LYS A 73 2.76 15.11 5.63
C LYS A 73 1.41 15.80 5.77
N ASN A 74 0.37 15.17 5.23
CA ASN A 74 -0.97 15.72 5.29
C ASN A 74 -1.88 14.86 6.18
N LEU A 75 -2.00 15.25 7.44
CA LEU A 75 -2.83 14.52 8.40
C LEU A 75 -4.31 14.65 8.04
N ASP A 76 -4.99 13.51 7.93
CA ASP A 76 -6.40 13.50 7.60
C ASP A 76 -7.22 14.24 8.65
N SER A 77 -8.48 14.51 8.35
CA SER A 77 -9.37 15.21 9.27
C SER A 77 -10.20 14.23 10.08
N SER A 78 -10.25 14.45 11.39
CA SER A 78 -11.01 13.58 12.29
C SER A 78 -12.49 13.99 12.32
N GLY A 79 -13.30 13.17 12.97
CA GLY A 79 -14.72 13.46 13.06
C GLY A 79 -15.52 12.26 13.53
N PRO A 80 -16.83 12.25 13.21
CA PRO A 80 -17.73 11.16 13.59
C PRO A 80 -17.44 9.87 12.85
N SER A 81 -16.39 9.89 12.03
CA SER A 81 -16.00 8.72 11.25
C SER A 81 -15.69 7.54 12.16
N SER A 82 -16.17 6.36 11.79
CA SER A 82 -15.95 5.15 12.58
C SER A 82 -14.45 4.90 12.77
N GLY A 83 -13.63 5.58 11.97
CA GLY A 83 -12.20 5.41 12.06
C GLY A 83 -11.67 4.43 11.04
N GLY A 1 -4.61 -23.30 0.87
CA GLY A 1 -3.61 -22.32 0.46
C GLY A 1 -2.34 -22.96 -0.07
N SER A 2 -1.51 -22.16 -0.72
CA SER A 2 -0.26 -22.66 -1.27
C SER A 2 0.75 -21.52 -1.45
N SER A 3 1.98 -21.88 -1.79
CA SER A 3 3.04 -20.90 -1.98
C SER A 3 3.41 -20.78 -3.46
N GLY A 4 4.25 -19.79 -3.78
CA GLY A 4 4.67 -19.60 -5.16
C GLY A 4 6.16 -19.78 -5.34
N SER A 5 6.66 -19.39 -6.51
CA SER A 5 8.08 -19.52 -6.81
C SER A 5 8.48 -18.61 -7.96
N SER A 6 9.76 -18.27 -8.03
CA SER A 6 10.26 -17.40 -9.08
C SER A 6 9.53 -17.63 -10.40
N GLY A 7 9.37 -16.57 -11.18
CA GLY A 7 8.67 -16.69 -12.46
C GLY A 7 9.29 -15.81 -13.53
N GLU A 8 8.50 -14.88 -14.06
CA GLU A 8 8.98 -13.98 -15.10
C GLU A 8 8.19 -12.68 -15.10
N LYS A 9 8.90 -11.56 -15.03
CA LYS A 9 8.27 -10.25 -15.02
C LYS A 9 7.24 -10.13 -16.14
N GLU A 10 5.98 -10.44 -15.84
CA GLU A 10 4.91 -10.37 -16.82
C GLU A 10 4.35 -8.95 -16.91
N ASP A 11 3.94 -8.56 -18.12
CA ASP A 11 3.39 -7.23 -18.33
C ASP A 11 1.97 -7.13 -17.77
N SER A 12 1.66 -5.98 -17.19
CA SER A 12 0.33 -5.76 -16.60
C SER A 12 -0.24 -4.43 -17.05
N LYS A 13 -1.46 -4.47 -17.58
CA LYS A 13 -2.13 -3.25 -18.05
C LYS A 13 -3.27 -2.87 -17.12
N THR A 14 -3.87 -3.86 -16.47
CA THR A 14 -4.97 -3.63 -15.55
C THR A 14 -4.75 -4.36 -14.23
N ARG A 15 -4.10 -5.51 -14.29
CA ARG A 15 -3.83 -6.30 -13.10
C ARG A 15 -3.20 -5.44 -12.01
N GLY A 16 -2.20 -4.64 -12.39
CA GLY A 16 -1.54 -3.79 -11.42
C GLY A 16 -2.52 -3.05 -10.53
N GLU A 17 -3.38 -2.24 -11.15
CA GLU A 17 -4.37 -1.47 -10.39
C GLU A 17 -4.91 -2.27 -9.22
N LYS A 18 -5.25 -3.53 -9.48
CA LYS A 18 -5.78 -4.42 -8.45
C LYS A 18 -4.75 -4.66 -7.36
N ILE A 19 -3.57 -5.13 -7.76
CA ILE A 19 -2.50 -5.41 -6.83
C ILE A 19 -2.20 -4.20 -5.95
N LYS A 20 -1.96 -3.06 -6.60
CA LYS A 20 -1.68 -1.82 -5.88
C LYS A 20 -2.82 -1.46 -4.94
N SER A 21 -4.04 -1.48 -5.47
CA SER A 21 -5.22 -1.14 -4.67
C SER A 21 -5.29 -2.02 -3.42
N ASP A 22 -5.35 -3.33 -3.63
CA ASP A 22 -5.43 -4.28 -2.53
C ASP A 22 -4.38 -3.97 -1.47
N PHE A 23 -3.15 -3.76 -1.92
CA PHE A 23 -2.04 -3.46 -1.01
C PHE A 23 -2.41 -2.29 -0.09
N PHE A 24 -2.63 -1.13 -0.68
CA PHE A 24 -2.98 0.07 0.10
C PHE A 24 -4.09 -0.24 1.10
N GLU A 25 -5.13 -0.92 0.63
CA GLU A 25 -6.25 -1.28 1.49
C GLU A 25 -5.76 -1.90 2.80
N LEU A 26 -5.06 -3.03 2.68
CA LEU A 26 -4.54 -3.72 3.86
C LEU A 26 -3.79 -2.75 4.76
N LEU A 27 -2.71 -2.18 4.25
CA LEU A 27 -1.90 -1.24 5.01
C LEU A 27 -2.78 -0.32 5.85
N SER A 28 -3.59 0.49 5.19
CA SER A 28 -4.49 1.41 5.87
C SER A 28 -5.28 0.69 6.97
N ASN A 29 -5.72 -0.52 6.67
CA ASN A 29 -6.48 -1.31 7.62
C ASN A 29 -5.66 -1.59 8.89
N HIS A 30 -4.34 -1.60 8.73
CA HIS A 30 -3.44 -1.85 9.86
C HIS A 30 -3.19 -0.56 10.64
N HIS A 31 -4.18 0.31 10.67
CA HIS A 31 -4.07 1.58 11.38
C HIS A 31 -2.64 2.11 11.32
N LEU A 32 -2.11 2.25 10.10
CA LEU A 32 -0.75 2.74 9.91
C LEU A 32 -0.50 3.99 10.75
N ASP A 33 0.77 4.26 11.03
CA ASP A 33 1.15 5.42 11.82
C ASP A 33 2.45 6.04 11.31
N SER A 34 2.78 7.21 11.82
CA SER A 34 3.99 7.92 11.41
C SER A 34 5.24 7.13 11.81
N GLN A 35 5.10 6.30 12.84
CA GLN A 35 6.21 5.49 13.32
C GLN A 35 6.10 4.06 12.83
N SER A 36 5.50 3.89 11.66
CA SER A 36 5.32 2.57 11.07
C SER A 36 6.67 1.92 10.77
N ARG A 37 6.86 0.69 11.27
CA ARG A 37 8.10 -0.03 11.05
C ARG A 37 7.92 -1.13 10.01
N TRP A 38 8.36 -0.86 8.79
CA TRP A 38 8.24 -1.81 7.70
C TRP A 38 8.46 -3.24 8.20
N SER A 39 9.53 -3.43 8.98
CA SER A 39 9.85 -4.74 9.52
C SER A 39 8.65 -5.33 10.25
N LYS A 40 7.97 -4.50 11.03
CA LYS A 40 6.80 -4.95 11.79
C LYS A 40 5.62 -5.20 10.87
N VAL A 41 5.19 -4.17 10.16
CA VAL A 41 4.07 -4.28 9.23
C VAL A 41 4.24 -5.48 8.31
N LYS A 42 5.48 -5.71 7.89
CA LYS A 42 5.78 -6.83 7.00
C LYS A 42 5.54 -8.16 7.70
N ASP A 43 6.07 -8.29 8.92
CA ASP A 43 5.92 -9.51 9.69
C ASP A 43 4.48 -9.68 10.16
N LYS A 44 3.71 -8.60 10.09
CA LYS A 44 2.32 -8.62 10.52
C LYS A 44 1.40 -8.91 9.33
N VAL A 45 1.74 -8.38 8.17
CA VAL A 45 0.96 -8.58 6.96
C VAL A 45 1.30 -9.90 6.30
N GLU A 46 2.54 -10.35 6.47
CA GLU A 46 2.99 -11.61 5.88
C GLU A 46 1.91 -12.68 6.02
N SER A 47 1.05 -12.52 7.03
CA SER A 47 -0.02 -13.49 7.27
C SER A 47 -1.23 -13.19 6.40
N ASP A 48 -0.99 -12.46 5.30
CA ASP A 48 -2.07 -12.11 4.39
C ASP A 48 -1.68 -12.45 2.95
N PRO A 49 -2.66 -12.98 2.18
CA PRO A 49 -2.44 -13.36 0.78
C PRO A 49 -2.24 -12.15 -0.12
N ARG A 50 -2.87 -11.04 0.23
CA ARG A 50 -2.76 -9.81 -0.56
C ARG A 50 -1.31 -9.36 -0.64
N TYR A 51 -0.55 -9.55 0.44
CA TYR A 51 0.84 -9.16 0.48
C TYR A 51 1.66 -9.94 -0.55
N LYS A 52 1.20 -11.14 -0.88
CA LYS A 52 1.89 -11.98 -1.85
C LYS A 52 1.60 -11.51 -3.28
N ALA A 53 0.48 -10.81 -3.44
CA ALA A 53 0.08 -10.31 -4.75
C ALA A 53 1.23 -9.56 -5.42
N VAL A 54 1.86 -8.65 -4.66
CA VAL A 54 2.97 -7.87 -5.18
C VAL A 54 4.23 -8.72 -5.32
N ASP A 55 4.42 -9.29 -6.51
CA ASP A 55 5.58 -10.13 -6.77
C ASP A 55 6.87 -9.38 -6.43
N SER A 56 6.99 -8.15 -6.93
CA SER A 56 8.18 -7.33 -6.68
C SER A 56 8.22 -6.85 -5.24
N SER A 57 9.41 -6.56 -4.75
CA SER A 57 9.59 -6.08 -3.38
C SER A 57 9.60 -4.56 -3.32
N SER A 58 10.27 -3.95 -4.28
CA SER A 58 10.36 -2.49 -4.35
C SER A 58 8.97 -1.86 -4.20
N MET A 59 7.99 -2.44 -4.88
CA MET A 59 6.63 -1.94 -4.82
C MET A 59 6.12 -1.91 -3.39
N ARG A 60 6.32 -3.00 -2.66
CA ARG A 60 5.87 -3.10 -1.28
C ARG A 60 6.45 -1.96 -0.45
N GLU A 61 7.76 -1.79 -0.51
CA GLU A 61 8.43 -0.72 0.24
C GLU A 61 7.97 0.65 -0.23
N ASP A 62 8.24 0.95 -1.50
CA ASP A 62 7.86 2.23 -2.07
C ASP A 62 6.41 2.58 -1.72
N LEU A 63 5.48 1.76 -2.22
CA LEU A 63 4.06 1.97 -1.96
C LEU A 63 3.81 2.24 -0.47
N PHE A 64 4.46 1.46 0.38
CA PHE A 64 4.30 1.61 1.83
C PHE A 64 4.71 3.00 2.27
N LYS A 65 5.95 3.37 2.00
CA LYS A 65 6.47 4.69 2.37
C LYS A 65 5.54 5.80 1.87
N GLN A 66 5.17 5.72 0.60
CA GLN A 66 4.28 6.71 0.00
C GLN A 66 3.07 6.96 0.89
N TYR A 67 2.34 5.89 1.21
CA TYR A 67 1.15 5.99 2.04
C TYR A 67 1.47 6.72 3.35
N ILE A 68 2.35 6.13 4.15
CA ILE A 68 2.74 6.72 5.42
C ILE A 68 3.08 8.20 5.26
N GLU A 69 3.87 8.51 4.23
CA GLU A 69 4.27 9.89 3.97
C GLU A 69 3.05 10.80 3.89
N LYS A 70 1.98 10.32 3.25
CA LYS A 70 0.75 11.09 3.11
C LYS A 70 0.11 11.33 4.47
N ILE A 71 0.05 10.29 5.30
CA ILE A 71 -0.54 10.39 6.62
C ILE A 71 0.15 11.47 7.45
N ALA A 72 1.42 11.25 7.77
CA ALA A 72 2.19 12.21 8.54
C ALA A 72 1.97 13.64 8.04
N LYS A 73 2.03 13.81 6.72
CA LYS A 73 1.83 15.13 6.12
C LYS A 73 0.62 15.82 6.72
N ASN A 74 0.50 17.12 6.46
CA ASN A 74 -0.63 17.90 6.97
C ASN A 74 -1.93 17.50 6.28
N LEU A 75 -2.50 16.37 6.71
CA LEU A 75 -3.75 15.89 6.15
C LEU A 75 -4.95 16.38 6.96
N ASP A 76 -6.14 15.99 6.53
CA ASP A 76 -7.36 16.38 7.21
C ASP A 76 -8.34 15.20 7.32
N SER A 77 -8.96 15.06 8.49
CA SER A 77 -9.91 13.98 8.71
C SER A 77 -11.34 14.47 8.60
N SER A 78 -12.22 13.62 8.08
CA SER A 78 -13.62 13.97 7.90
C SER A 78 -14.32 14.13 9.26
N GLY A 79 -14.27 13.07 10.05
CA GLY A 79 -14.90 13.10 11.37
C GLY A 79 -15.42 11.74 11.80
N PRO A 80 -15.00 11.29 12.99
CA PRO A 80 -15.42 10.00 13.54
C PRO A 80 -16.89 9.99 13.94
N SER A 81 -17.37 11.13 14.42
CA SER A 81 -18.76 11.26 14.85
C SER A 81 -19.71 10.79 13.75
N SER A 82 -20.77 10.09 14.15
CA SER A 82 -21.75 9.60 13.20
C SER A 82 -23.06 9.22 13.90
N GLY A 83 -24.16 9.35 13.18
CA GLY A 83 -25.46 9.02 13.75
C GLY A 83 -26.54 9.98 13.32
N GLY A 1 1.61 6.08 -17.77
CA GLY A 1 2.95 5.54 -17.85
C GLY A 1 3.08 4.49 -18.94
N SER A 2 3.03 4.92 -20.20
CA SER A 2 3.14 4.02 -21.33
C SER A 2 2.26 2.78 -21.12
N SER A 3 1.05 3.01 -20.62
CA SER A 3 0.11 1.91 -20.38
C SER A 3 -1.33 2.42 -20.40
N GLY A 4 -2.21 1.63 -21.01
CA GLY A 4 -3.61 2.02 -21.09
C GLY A 4 -4.21 1.76 -22.46
N SER A 5 -5.26 0.96 -22.50
CA SER A 5 -5.92 0.63 -23.76
C SER A 5 -7.37 1.12 -23.77
N SER A 6 -8.03 0.96 -24.91
CA SER A 6 -9.42 1.40 -25.05
C SER A 6 -10.36 0.47 -24.30
N GLY A 7 -10.29 -0.82 -24.61
CA GLY A 7 -11.14 -1.80 -23.96
C GLY A 7 -10.90 -3.21 -24.46
N GLU A 8 -11.55 -4.18 -23.82
CA GLU A 8 -11.39 -5.57 -24.22
C GLU A 8 -9.93 -5.98 -24.22
N LYS A 9 -9.23 -5.70 -23.12
CA LYS A 9 -7.82 -6.04 -23.00
C LYS A 9 -7.63 -7.35 -22.24
N GLU A 10 -6.99 -8.32 -22.88
CA GLU A 10 -6.76 -9.61 -22.26
C GLU A 10 -5.30 -9.76 -21.86
N ASP A 11 -4.72 -8.70 -21.32
CA ASP A 11 -3.32 -8.70 -20.89
C ASP A 11 -3.22 -8.49 -19.38
N SER A 12 -2.03 -8.70 -18.85
CA SER A 12 -1.79 -8.54 -17.41
C SER A 12 -1.51 -7.08 -17.08
N LYS A 13 -2.29 -6.18 -17.66
CA LYS A 13 -2.13 -4.75 -17.42
C LYS A 13 -2.88 -4.32 -16.17
N THR A 14 -4.16 -4.66 -16.11
CA THR A 14 -4.99 -4.30 -14.97
C THR A 14 -4.46 -4.92 -13.68
N ARG A 15 -3.83 -6.09 -13.81
CA ARG A 15 -3.27 -6.79 -12.65
C ARG A 15 -2.52 -5.81 -11.75
N GLY A 16 -1.61 -5.04 -12.34
CA GLY A 16 -0.83 -4.09 -11.57
C GLY A 16 -1.71 -3.18 -10.74
N GLU A 17 -2.65 -2.50 -11.40
CA GLU A 17 -3.56 -1.58 -10.70
C GLU A 17 -4.29 -2.30 -9.57
N LYS A 18 -4.94 -3.41 -9.89
CA LYS A 18 -5.67 -4.18 -8.90
C LYS A 18 -4.79 -4.51 -7.70
N ILE A 19 -3.69 -5.23 -7.95
CA ILE A 19 -2.77 -5.60 -6.89
C ILE A 19 -2.39 -4.39 -6.03
N LYS A 20 -2.17 -3.26 -6.69
CA LYS A 20 -1.80 -2.03 -5.99
C LYS A 20 -2.92 -1.60 -5.04
N SER A 21 -4.14 -1.55 -5.55
CA SER A 21 -5.29 -1.16 -4.75
C SER A 21 -5.40 -2.01 -3.49
N ASP A 22 -5.44 -3.32 -3.68
CA ASP A 22 -5.54 -4.24 -2.55
C ASP A 22 -4.45 -3.98 -1.53
N PHE A 23 -3.23 -3.75 -2.01
CA PHE A 23 -2.09 -3.49 -1.14
C PHE A 23 -2.41 -2.35 -0.17
N PHE A 24 -2.70 -1.17 -0.72
CA PHE A 24 -3.02 -0.02 0.10
C PHE A 24 -4.10 -0.34 1.13
N GLU A 25 -5.22 -0.86 0.64
CA GLU A 25 -6.33 -1.23 1.53
C GLU A 25 -5.83 -1.93 2.78
N LEU A 26 -5.06 -2.99 2.58
CA LEU A 26 -4.51 -3.76 3.69
C LEU A 26 -3.71 -2.87 4.64
N LEU A 27 -2.65 -2.27 4.13
CA LEU A 27 -1.81 -1.38 4.92
C LEU A 27 -2.66 -0.49 5.80
N SER A 28 -3.47 0.35 5.18
CA SER A 28 -4.34 1.27 5.91
C SER A 28 -5.11 0.54 7.00
N ASN A 29 -5.57 -0.67 6.68
CA ASN A 29 -6.33 -1.47 7.63
C ASN A 29 -5.47 -1.83 8.85
N HIS A 30 -4.15 -1.86 8.65
CA HIS A 30 -3.23 -2.18 9.73
C HIS A 30 -2.98 -0.96 10.61
N HIS A 31 -4.02 -0.19 10.86
CA HIS A 31 -3.92 1.01 11.68
C HIS A 31 -2.55 1.65 11.54
N LEU A 32 -2.16 1.95 10.30
CA LEU A 32 -0.86 2.56 10.03
C LEU A 32 -0.62 3.74 10.96
N ASP A 33 0.64 4.19 11.01
CA ASP A 33 1.01 5.31 11.86
C ASP A 33 2.28 5.98 11.36
N SER A 34 2.57 7.18 11.86
CA SER A 34 3.75 7.92 11.46
C SER A 34 5.02 7.13 11.77
N GLN A 35 5.05 6.51 12.95
CA GLN A 35 6.20 5.73 13.36
C GLN A 35 6.06 4.27 12.93
N SER A 36 5.37 4.06 11.82
CA SER A 36 5.14 2.72 11.31
C SER A 36 6.43 2.15 10.70
N ARG A 37 6.82 0.97 11.18
CA ARG A 37 8.04 0.33 10.70
C ARG A 37 7.70 -0.73 9.65
N TRP A 38 8.43 -0.71 8.54
CA TRP A 38 8.22 -1.66 7.46
C TRP A 38 8.34 -3.09 7.97
N SER A 39 9.53 -3.44 8.47
CA SER A 39 9.78 -4.78 8.99
C SER A 39 8.57 -5.30 9.77
N LYS A 40 7.95 -4.41 10.54
CA LYS A 40 6.78 -4.78 11.33
C LYS A 40 5.55 -4.96 10.45
N VAL A 41 5.12 -3.87 9.81
CA VAL A 41 3.97 -3.91 8.93
C VAL A 41 4.04 -5.09 7.96
N LYS A 42 5.26 -5.50 7.64
CA LYS A 42 5.48 -6.63 6.73
C LYS A 42 5.22 -7.95 7.44
N ASP A 43 5.77 -8.09 8.64
CA ASP A 43 5.60 -9.32 9.42
C ASP A 43 4.17 -9.44 9.92
N LYS A 44 3.43 -8.35 9.89
CA LYS A 44 2.04 -8.34 10.33
C LYS A 44 1.09 -8.59 9.16
N VAL A 45 1.49 -8.13 7.97
CA VAL A 45 0.68 -8.32 6.78
C VAL A 45 1.01 -9.64 6.08
N GLU A 46 2.25 -10.07 6.23
CA GLU A 46 2.70 -11.32 5.61
C GLU A 46 1.68 -12.43 5.84
N SER A 47 1.19 -12.54 7.07
CA SER A 47 0.22 -13.57 7.42
C SER A 47 -0.92 -13.60 6.40
N ASP A 48 -1.22 -12.45 5.82
CA ASP A 48 -2.29 -12.34 4.83
C ASP A 48 -1.77 -12.68 3.44
N PRO A 49 -2.58 -13.40 2.66
CA PRO A 49 -2.23 -13.81 1.29
C PRO A 49 -2.20 -12.63 0.33
N ARG A 50 -3.01 -11.61 0.62
CA ARG A 50 -3.07 -10.42 -0.22
C ARG A 50 -1.69 -9.78 -0.37
N TYR A 51 -0.92 -9.80 0.72
CA TYR A 51 0.41 -9.22 0.70
C TYR A 51 1.30 -9.92 -0.32
N LYS A 52 1.10 -11.22 -0.49
CA LYS A 52 1.87 -12.01 -1.43
C LYS A 52 1.64 -11.52 -2.87
N ALA A 53 0.48 -10.93 -3.10
CA ALA A 53 0.14 -10.41 -4.43
C ALA A 53 1.31 -9.63 -5.03
N VAL A 54 1.75 -8.60 -4.33
CA VAL A 54 2.87 -7.79 -4.80
C VAL A 54 4.16 -8.58 -4.81
N ASP A 55 4.53 -9.06 -5.99
CA ASP A 55 5.75 -9.84 -6.16
C ASP A 55 6.98 -8.94 -6.11
N SER A 56 6.86 -7.75 -6.70
CA SER A 56 7.96 -6.80 -6.74
C SER A 56 8.16 -6.15 -5.37
N SER A 57 9.36 -6.36 -4.80
CA SER A 57 9.69 -5.80 -3.50
C SER A 57 9.66 -4.28 -3.53
N SER A 58 10.38 -3.70 -4.49
CA SER A 58 10.45 -2.26 -4.63
C SER A 58 9.07 -1.63 -4.43
N MET A 59 8.05 -2.26 -5.02
CA MET A 59 6.69 -1.76 -4.91
C MET A 59 6.21 -1.80 -3.46
N ARG A 60 6.53 -2.88 -2.76
CA ARG A 60 6.13 -3.04 -1.38
C ARG A 60 6.63 -1.87 -0.53
N GLU A 61 7.94 -1.65 -0.56
CA GLU A 61 8.54 -0.56 0.20
C GLU A 61 8.03 0.80 -0.28
N ASP A 62 8.21 1.07 -1.57
CA ASP A 62 7.76 2.32 -2.16
C ASP A 62 6.31 2.61 -1.78
N LEU A 63 5.40 1.73 -2.20
CA LEU A 63 3.99 1.90 -1.90
C LEU A 63 3.77 2.21 -0.42
N PHE A 64 4.23 1.31 0.44
CA PHE A 64 4.09 1.49 1.88
C PHE A 64 4.58 2.86 2.31
N LYS A 65 5.88 3.12 2.09
CA LYS A 65 6.48 4.39 2.46
C LYS A 65 5.62 5.55 1.97
N GLN A 66 5.17 5.47 0.73
CA GLN A 66 4.34 6.51 0.14
C GLN A 66 3.14 6.82 1.03
N TYR A 67 2.34 5.80 1.32
CA TYR A 67 1.17 5.96 2.16
C TYR A 67 1.52 6.68 3.46
N ILE A 68 2.41 6.06 4.24
CA ILE A 68 2.84 6.63 5.51
C ILE A 68 3.26 8.09 5.34
N GLU A 69 4.13 8.34 4.38
CA GLU A 69 4.62 9.69 4.11
C GLU A 69 3.47 10.68 4.07
N LYS A 70 2.38 10.30 3.41
CA LYS A 70 1.20 11.16 3.29
C LYS A 70 0.60 11.42 4.66
N ILE A 71 0.39 10.35 5.43
CA ILE A 71 -0.19 10.47 6.76
C ILE A 71 0.56 11.50 7.60
N ALA A 72 1.82 11.21 7.91
CA ALA A 72 2.65 12.11 8.69
C ALA A 72 2.56 13.55 8.16
N LYS A 73 2.77 13.69 6.86
CA LYS A 73 2.72 15.00 6.22
C LYS A 73 1.55 15.83 6.77
N ASN A 74 0.37 15.23 6.77
CA ASN A 74 -0.83 15.91 7.27
C ASN A 74 -1.25 15.34 8.62
N LEU A 75 -0.77 15.96 9.69
CA LEU A 75 -1.10 15.53 11.05
C LEU A 75 -2.61 15.38 11.22
N ASP A 76 -3.03 14.27 11.80
CA ASP A 76 -4.44 14.00 12.04
C ASP A 76 -4.96 14.81 13.22
N SER A 77 -6.03 15.56 13.01
CA SER A 77 -6.62 16.38 14.07
C SER A 77 -7.61 15.57 14.89
N SER A 78 -7.17 15.09 16.05
CA SER A 78 -8.02 14.30 16.92
C SER A 78 -7.65 14.53 18.39
N GLY A 79 -8.56 14.15 19.28
CA GLY A 79 -8.31 14.33 20.70
C GLY A 79 -7.00 13.70 21.14
N PRO A 80 -6.93 12.36 21.12
CA PRO A 80 -5.73 11.63 21.51
C PRO A 80 -4.59 11.80 20.51
N SER A 81 -3.59 12.58 20.90
CA SER A 81 -2.44 12.84 20.04
C SER A 81 -1.19 12.17 20.60
N SER A 82 -0.44 11.51 19.72
CA SER A 82 0.78 10.82 20.14
C SER A 82 1.92 11.12 19.16
N GLY A 83 2.03 12.39 18.77
CA GLY A 83 3.08 12.79 17.85
C GLY A 83 3.91 13.95 18.38
N GLY A 1 -24.90 -1.05 -15.65
CA GLY A 1 -24.18 0.21 -15.52
C GLY A 1 -22.98 0.27 -16.45
N SER A 2 -22.53 1.49 -16.75
CA SER A 2 -21.39 1.69 -17.63
C SER A 2 -20.11 1.12 -17.02
N SER A 3 -19.82 1.54 -15.80
CA SER A 3 -18.63 1.09 -15.08
C SER A 3 -18.57 -0.44 -15.06
N GLY A 4 -17.36 -0.98 -15.23
CA GLY A 4 -17.18 -2.42 -15.21
C GLY A 4 -15.93 -2.85 -15.95
N SER A 5 -15.65 -2.20 -17.08
CA SER A 5 -14.49 -2.53 -17.88
C SER A 5 -13.32 -2.95 -16.99
N SER A 6 -12.46 -3.83 -17.51
CA SER A 6 -11.31 -4.30 -16.77
C SER A 6 -10.39 -5.13 -17.66
N GLY A 7 -9.26 -5.54 -17.12
CA GLY A 7 -8.31 -6.34 -17.88
C GLY A 7 -7.40 -7.16 -16.98
N GLU A 8 -7.32 -8.47 -17.26
CA GLU A 8 -6.49 -9.36 -16.47
C GLU A 8 -6.09 -10.59 -17.30
N LYS A 9 -4.79 -10.79 -17.45
CA LYS A 9 -4.28 -11.92 -18.21
C LYS A 9 -3.45 -12.85 -17.32
N GLU A 10 -3.08 -14.00 -17.86
CA GLU A 10 -2.29 -14.97 -17.10
C GLU A 10 -1.08 -14.31 -16.46
N ASP A 11 -0.50 -13.35 -17.16
CA ASP A 11 0.66 -12.63 -16.65
C ASP A 11 0.24 -11.51 -15.70
N SER A 12 1.06 -11.28 -14.68
CA SER A 12 0.76 -10.24 -13.70
C SER A 12 1.33 -8.90 -14.14
N LYS A 13 0.90 -8.44 -15.32
CA LYS A 13 1.36 -7.18 -15.86
C LYS A 13 0.19 -6.22 -16.07
N THR A 14 -0.94 -6.76 -16.53
CA THR A 14 -2.13 -5.94 -16.77
C THR A 14 -3.04 -5.93 -15.55
N ARG A 15 -2.71 -6.77 -14.57
CA ARG A 15 -3.50 -6.85 -13.34
C ARG A 15 -2.79 -6.16 -12.18
N GLY A 16 -2.02 -5.12 -12.50
CA GLY A 16 -1.29 -4.40 -11.48
C GLY A 16 -2.20 -3.49 -10.67
N GLU A 17 -2.98 -2.66 -11.37
CA GLU A 17 -3.89 -1.73 -10.69
C GLU A 17 -4.59 -2.41 -9.52
N LYS A 18 -5.24 -3.53 -9.79
CA LYS A 18 -5.95 -4.27 -8.76
C LYS A 18 -5.05 -4.54 -7.56
N ILE A 19 -3.86 -5.08 -7.83
CA ILE A 19 -2.91 -5.39 -6.77
C ILE A 19 -2.63 -4.16 -5.92
N LYS A 20 -2.14 -3.10 -6.56
CA LYS A 20 -1.83 -1.86 -5.87
C LYS A 20 -2.94 -1.49 -4.89
N SER A 21 -4.17 -1.48 -5.38
CA SER A 21 -5.33 -1.14 -4.56
C SER A 21 -5.35 -1.98 -3.28
N ASP A 22 -5.59 -3.28 -3.45
CA ASP A 22 -5.64 -4.20 -2.32
C ASP A 22 -4.53 -3.89 -1.31
N PHE A 23 -3.29 -3.88 -1.80
CA PHE A 23 -2.14 -3.61 -0.95
C PHE A 23 -2.44 -2.46 0.01
N PHE A 24 -2.77 -1.30 -0.55
CA PHE A 24 -3.07 -0.12 0.26
C PHE A 24 -4.13 -0.44 1.31
N GLU A 25 -5.27 -0.96 0.86
CA GLU A 25 -6.36 -1.30 1.76
C GLU A 25 -5.82 -1.97 3.02
N LEU A 26 -5.12 -3.08 2.85
CA LEU A 26 -4.56 -3.81 3.98
C LEU A 26 -3.77 -2.89 4.89
N LEU A 27 -2.69 -2.33 4.36
CA LEU A 27 -1.84 -1.42 5.14
C LEU A 27 -2.69 -0.46 5.96
N SER A 28 -3.47 0.37 5.29
CA SER A 28 -4.32 1.34 5.96
C SER A 28 -5.12 0.68 7.09
N ASN A 29 -5.67 -0.50 6.79
CA ASN A 29 -6.45 -1.24 7.77
C ASN A 29 -5.63 -1.51 9.02
N HIS A 30 -4.32 -1.61 8.86
CA HIS A 30 -3.42 -1.87 9.97
C HIS A 30 -3.13 -0.58 10.76
N HIS A 31 -4.15 0.26 10.89
CA HIS A 31 -4.00 1.52 11.61
C HIS A 31 -2.58 2.07 11.45
N LEU A 32 -2.16 2.24 10.21
CA LEU A 32 -0.82 2.76 9.92
C LEU A 32 -0.53 3.99 10.76
N ASP A 33 0.75 4.24 11.03
CA ASP A 33 1.16 5.38 11.83
C ASP A 33 2.35 6.09 11.18
N SER A 34 2.72 7.24 11.74
CA SER A 34 3.83 8.02 11.20
C SER A 34 5.15 7.30 11.44
N GLN A 35 5.21 6.49 12.49
CA GLN A 35 6.42 5.75 12.82
C GLN A 35 6.26 4.27 12.47
N SER A 36 5.44 3.99 11.47
CA SER A 36 5.19 2.62 11.04
C SER A 36 6.46 1.98 10.48
N ARG A 37 6.84 0.84 11.03
CA ARG A 37 8.04 0.15 10.58
C ARG A 37 7.69 -0.91 9.53
N TRP A 38 8.57 -1.06 8.53
CA TRP A 38 8.34 -2.03 7.47
C TRP A 38 8.50 -3.45 8.00
N SER A 39 9.56 -3.69 8.75
CA SER A 39 9.82 -5.02 9.31
C SER A 39 8.61 -5.54 10.07
N LYS A 40 7.99 -4.66 10.86
CA LYS A 40 6.82 -5.02 11.64
C LYS A 40 5.60 -5.21 10.75
N VAL A 41 5.20 -4.14 10.07
CA VAL A 41 4.05 -4.19 9.18
C VAL A 41 4.11 -5.41 8.27
N LYS A 42 5.32 -5.74 7.81
CA LYS A 42 5.51 -6.89 6.93
C LYS A 42 5.29 -8.19 7.68
N ASP A 43 5.83 -8.27 8.91
CA ASP A 43 5.68 -9.46 9.72
C ASP A 43 4.24 -9.62 10.21
N LYS A 44 3.45 -8.57 10.04
CA LYS A 44 2.05 -8.58 10.46
C LYS A 44 1.14 -8.92 9.27
N VAL A 45 1.51 -8.44 8.09
CA VAL A 45 0.72 -8.69 6.89
C VAL A 45 1.09 -10.04 6.27
N GLU A 46 2.33 -10.46 6.45
CA GLU A 46 2.80 -11.72 5.92
C GLU A 46 1.75 -12.82 6.09
N SER A 47 0.87 -12.63 7.08
CA SER A 47 -0.18 -13.60 7.35
C SER A 47 -1.40 -13.34 6.47
N ASP A 48 -1.18 -12.67 5.35
CA ASP A 48 -2.26 -12.37 4.42
C ASP A 48 -1.85 -12.69 2.98
N PRO A 49 -2.79 -13.25 2.22
CA PRO A 49 -2.56 -13.63 0.82
C PRO A 49 -2.41 -12.41 -0.09
N ARG A 50 -3.09 -11.33 0.26
CA ARG A 50 -3.03 -10.10 -0.52
C ARG A 50 -1.59 -9.57 -0.59
N TYR A 51 -0.85 -9.75 0.50
CA TYR A 51 0.54 -9.29 0.56
C TYR A 51 1.40 -10.00 -0.47
N LYS A 52 0.98 -11.20 -0.84
CA LYS A 52 1.71 -12.00 -1.82
C LYS A 52 1.51 -11.45 -3.22
N ALA A 53 0.38 -10.79 -3.43
CA ALA A 53 0.06 -10.21 -4.73
C ALA A 53 1.27 -9.48 -5.32
N VAL A 54 1.96 -8.73 -4.47
CA VAL A 54 3.14 -7.97 -4.90
C VAL A 54 4.33 -8.89 -5.10
N ASP A 55 5.05 -8.69 -6.20
CA ASP A 55 6.22 -9.49 -6.50
C ASP A 55 7.50 -8.71 -6.25
N SER A 56 7.60 -7.54 -6.86
CA SER A 56 8.78 -6.69 -6.71
C SER A 56 8.83 -6.09 -5.30
N SER A 57 10.00 -6.19 -4.67
CA SER A 57 10.18 -5.67 -3.32
C SER A 57 10.09 -4.15 -3.32
N SER A 58 10.65 -3.51 -4.34
CA SER A 58 10.62 -2.07 -4.45
C SER A 58 9.21 -1.52 -4.28
N MET A 59 8.24 -2.24 -4.85
CA MET A 59 6.84 -1.84 -4.76
C MET A 59 6.36 -1.84 -3.31
N ARG A 60 6.62 -2.94 -2.61
CA ARG A 60 6.22 -3.07 -1.22
C ARG A 60 6.73 -1.89 -0.39
N GLU A 61 8.02 -1.60 -0.52
CA GLU A 61 8.63 -0.50 0.21
C GLU A 61 8.08 0.85 -0.25
N ASP A 62 8.13 1.07 -1.56
CA ASP A 62 7.62 2.31 -2.13
C ASP A 62 6.17 2.55 -1.75
N LEU A 63 5.29 1.67 -2.21
CA LEU A 63 3.86 1.78 -1.91
C LEU A 63 3.64 2.09 -0.43
N PHE A 64 4.28 1.31 0.43
CA PHE A 64 4.15 1.51 1.87
C PHE A 64 4.59 2.91 2.27
N LYS A 65 5.86 3.22 2.03
CA LYS A 65 6.42 4.53 2.36
C LYS A 65 5.52 5.64 1.84
N GLN A 66 4.94 5.42 0.67
CA GLN A 66 4.06 6.41 0.05
C GLN A 66 2.90 6.74 0.96
N TYR A 67 2.12 5.72 1.33
CA TYR A 67 0.97 5.91 2.21
C TYR A 67 1.36 6.66 3.48
N ILE A 68 2.34 6.10 4.21
CA ILE A 68 2.80 6.73 5.44
C ILE A 68 3.16 8.19 5.22
N GLU A 69 3.99 8.44 4.21
CA GLU A 69 4.41 9.80 3.89
C GLU A 69 3.21 10.75 3.87
N LYS A 70 2.14 10.32 3.21
CA LYS A 70 0.93 11.13 3.11
C LYS A 70 0.36 11.42 4.49
N ILE A 71 0.26 10.40 5.32
CA ILE A 71 -0.26 10.56 6.67
C ILE A 71 0.49 11.64 7.44
N ALA A 72 1.77 11.41 7.67
CA ALA A 72 2.61 12.36 8.38
C ALA A 72 2.53 13.74 7.75
N LYS A 73 2.56 13.78 6.42
CA LYS A 73 2.50 15.04 5.68
C LYS A 73 1.04 15.48 5.50
N ASN A 74 0.25 15.35 6.55
CA ASN A 74 -1.15 15.74 6.51
C ASN A 74 -1.46 16.77 7.57
N LEU A 75 -0.57 17.75 7.72
CA LEU A 75 -0.76 18.82 8.70
C LEU A 75 -1.37 20.06 8.06
N ASP A 76 -1.74 21.02 8.89
CA ASP A 76 -2.34 22.26 8.40
C ASP A 76 -1.26 23.19 7.82
N SER A 77 -1.59 23.85 6.72
CA SER A 77 -0.65 24.75 6.07
C SER A 77 -1.34 26.07 5.70
N SER A 78 -0.62 27.18 5.89
CA SER A 78 -1.16 28.49 5.58
C SER A 78 -0.56 29.04 4.29
N GLY A 79 -0.43 28.18 3.29
CA GLY A 79 0.12 28.59 2.02
C GLY A 79 1.18 27.62 1.51
N PRO A 80 0.73 26.43 1.07
CA PRO A 80 1.62 25.40 0.55
C PRO A 80 2.23 25.77 -0.80
N SER A 81 3.53 26.03 -0.81
CA SER A 81 4.23 26.41 -2.04
C SER A 81 4.19 25.26 -3.05
N SER A 82 4.64 24.09 -2.62
CA SER A 82 4.67 22.91 -3.49
C SER A 82 3.48 22.00 -3.21
N GLY A 83 3.06 21.26 -4.23
CA GLY A 83 1.94 20.36 -4.07
C GLY A 83 2.24 18.96 -4.57
N GLY A 1 -13.95 -3.88 -15.02
CA GLY A 1 -13.02 -4.93 -15.39
C GLY A 1 -13.47 -5.70 -16.63
N SER A 2 -14.49 -6.53 -16.46
CA SER A 2 -15.02 -7.32 -17.57
C SER A 2 -16.54 -7.37 -17.52
N SER A 3 -17.16 -7.30 -18.70
CA SER A 3 -18.62 -7.33 -18.80
C SER A 3 -19.10 -8.71 -19.26
N GLY A 4 -18.58 -9.75 -18.62
CA GLY A 4 -18.96 -11.11 -18.98
C GLY A 4 -18.17 -12.15 -18.23
N SER A 5 -18.25 -12.12 -16.90
CA SER A 5 -17.53 -13.07 -16.06
C SER A 5 -18.40 -13.55 -14.91
N SER A 6 -18.72 -14.84 -14.91
CA SER A 6 -19.55 -15.43 -13.87
C SER A 6 -18.89 -16.68 -13.28
N GLY A 7 -18.54 -16.62 -12.00
CA GLY A 7 -17.91 -17.74 -11.35
C GLY A 7 -16.48 -17.97 -11.82
N GLU A 8 -15.66 -16.94 -11.70
CA GLU A 8 -14.26 -17.02 -12.11
C GLU A 8 -13.40 -16.06 -11.32
N LYS A 9 -12.26 -16.56 -10.84
CA LYS A 9 -11.34 -15.75 -10.05
C LYS A 9 -10.10 -15.38 -10.87
N GLU A 10 -10.32 -15.09 -12.15
CA GLU A 10 -9.23 -14.72 -13.04
C GLU A 10 -9.46 -13.34 -13.64
N ASP A 11 -8.61 -12.38 -13.27
CA ASP A 11 -8.72 -11.02 -13.78
C ASP A 11 -7.46 -10.61 -14.55
N SER A 12 -7.49 -10.79 -15.86
CA SER A 12 -6.35 -10.45 -16.70
C SER A 12 -6.38 -8.99 -17.08
N LYS A 13 -7.55 -8.50 -17.47
CA LYS A 13 -7.72 -7.10 -17.86
C LYS A 13 -6.87 -6.19 -16.98
N THR A 14 -6.95 -6.38 -15.67
CA THR A 14 -6.18 -5.58 -14.73
C THR A 14 -5.62 -6.43 -13.61
N ARG A 15 -4.30 -6.45 -13.49
CA ARG A 15 -3.63 -7.24 -12.46
C ARG A 15 -2.75 -6.35 -11.60
N GLY A 16 -1.85 -5.60 -12.23
CA GLY A 16 -0.96 -4.72 -11.50
C GLY A 16 -1.72 -3.73 -10.64
N GLU A 17 -2.67 -3.02 -11.24
CA GLU A 17 -3.46 -2.03 -10.52
C GLU A 17 -4.17 -2.67 -9.33
N LYS A 18 -4.91 -3.74 -9.59
CA LYS A 18 -5.64 -4.45 -8.54
C LYS A 18 -4.75 -4.66 -7.31
N ILE A 19 -3.58 -5.22 -7.54
CA ILE A 19 -2.64 -5.48 -6.45
C ILE A 19 -2.32 -4.19 -5.67
N LYS A 20 -2.00 -3.14 -6.42
CA LYS A 20 -1.68 -1.86 -5.80
C LYS A 20 -2.80 -1.39 -4.88
N SER A 21 -4.02 -1.33 -5.42
CA SER A 21 -5.18 -0.90 -4.65
C SER A 21 -5.37 -1.78 -3.42
N ASP A 22 -5.48 -3.08 -3.64
CA ASP A 22 -5.66 -4.03 -2.55
C ASP A 22 -4.59 -3.84 -1.48
N PHE A 23 -3.34 -3.69 -1.91
CA PHE A 23 -2.24 -3.50 -0.99
C PHE A 23 -2.53 -2.36 -0.01
N PHE A 24 -2.87 -1.20 -0.55
CA PHE A 24 -3.17 -0.04 0.26
C PHE A 24 -4.23 -0.37 1.32
N GLU A 25 -5.35 -0.92 0.86
CA GLU A 25 -6.45 -1.28 1.76
C GLU A 25 -5.91 -2.00 2.99
N LEU A 26 -5.12 -3.04 2.76
CA LEU A 26 -4.54 -3.82 3.85
C LEU A 26 -3.78 -2.92 4.83
N LEU A 27 -2.71 -2.30 4.33
CA LEU A 27 -1.91 -1.42 5.15
C LEU A 27 -2.78 -0.50 6.01
N SER A 28 -3.56 0.35 5.34
CA SER A 28 -4.45 1.27 6.04
C SER A 28 -5.23 0.55 7.14
N ASN A 29 -5.81 -0.59 6.79
CA ASN A 29 -6.58 -1.37 7.76
C ASN A 29 -5.76 -1.66 9.00
N HIS A 30 -4.45 -1.76 8.84
CA HIS A 30 -3.55 -2.04 9.94
C HIS A 30 -3.26 -0.77 10.74
N HIS A 31 -4.28 0.07 10.90
CA HIS A 31 -4.13 1.32 11.64
C HIS A 31 -2.72 1.87 11.50
N LEU A 32 -2.28 2.05 10.27
CA LEU A 32 -0.94 2.57 10.00
C LEU A 32 -0.62 3.74 10.92
N ASP A 33 0.66 4.10 10.98
CA ASP A 33 1.10 5.21 11.82
C ASP A 33 2.27 5.94 11.19
N SER A 34 2.66 7.07 11.79
CA SER A 34 3.77 7.87 11.27
C SER A 34 5.09 7.12 11.43
N GLN A 35 5.30 6.56 12.62
CA GLN A 35 6.52 5.82 12.90
C GLN A 35 6.36 4.34 12.57
N SER A 36 5.51 4.05 11.58
CA SER A 36 5.26 2.68 11.18
C SER A 36 6.50 2.06 10.54
N ARG A 37 6.99 0.97 11.14
CA ARG A 37 8.18 0.30 10.63
C ARG A 37 7.80 -0.75 9.60
N TRP A 38 8.53 -0.77 8.49
CA TRP A 38 8.27 -1.72 7.41
C TRP A 38 8.41 -3.16 7.91
N SER A 39 9.56 -3.48 8.47
CA SER A 39 9.81 -4.82 8.99
C SER A 39 8.60 -5.34 9.76
N LYS A 40 8.04 -4.48 10.60
CA LYS A 40 6.87 -4.85 11.41
C LYS A 40 5.63 -5.00 10.53
N VAL A 41 5.22 -3.89 9.92
CA VAL A 41 4.04 -3.91 9.06
C VAL A 41 4.10 -5.06 8.07
N LYS A 42 5.31 -5.49 7.73
CA LYS A 42 5.50 -6.59 6.79
C LYS A 42 5.17 -7.93 7.45
N ASP A 43 5.71 -8.15 8.64
CA ASP A 43 5.47 -9.39 9.38
C ASP A 43 4.02 -9.46 9.85
N LYS A 44 3.32 -8.32 9.80
CA LYS A 44 1.93 -8.26 10.22
C LYS A 44 1.00 -8.50 9.03
N VAL A 45 1.35 -7.95 7.89
CA VAL A 45 0.55 -8.11 6.68
C VAL A 45 0.86 -9.42 5.98
N GLU A 46 2.10 -9.89 6.13
CA GLU A 46 2.53 -11.14 5.52
C GLU A 46 1.50 -12.25 5.76
N SER A 47 0.89 -12.23 6.95
CA SER A 47 -0.10 -13.23 7.32
C SER A 47 -1.19 -13.34 6.25
N ASP A 48 -1.47 -12.22 5.58
CA ASP A 48 -2.49 -12.18 4.54
C ASP A 48 -1.89 -12.56 3.19
N PRO A 49 -2.66 -13.34 2.41
CA PRO A 49 -2.23 -13.79 1.08
C PRO A 49 -2.18 -12.65 0.07
N ARG A 50 -2.87 -11.55 0.38
CA ARG A 50 -2.90 -10.40 -0.51
C ARG A 50 -1.52 -9.75 -0.60
N TYR A 51 -0.76 -9.82 0.49
CA TYR A 51 0.57 -9.23 0.53
C TYR A 51 1.54 -10.03 -0.34
N LYS A 52 1.13 -11.24 -0.70
CA LYS A 52 1.96 -12.10 -1.55
C LYS A 52 1.77 -11.78 -3.02
N ALA A 53 0.76 -10.96 -3.32
CA ALA A 53 0.47 -10.58 -4.70
C ALA A 53 1.61 -9.73 -5.27
N VAL A 54 2.15 -8.83 -4.47
CA VAL A 54 3.23 -7.97 -4.90
C VAL A 54 4.56 -8.72 -4.91
N ASP A 55 4.99 -9.11 -6.10
CA ASP A 55 6.25 -9.83 -6.25
C ASP A 55 7.45 -8.89 -6.14
N SER A 56 7.31 -7.71 -6.73
CA SER A 56 8.38 -6.70 -6.70
C SER A 56 8.50 -6.09 -5.31
N SER A 57 9.65 -6.29 -4.68
CA SER A 57 9.90 -5.75 -3.35
C SER A 57 9.82 -4.23 -3.35
N SER A 58 10.36 -3.61 -4.39
CA SER A 58 10.35 -2.16 -4.51
C SER A 58 8.92 -1.62 -4.44
N MET A 59 7.98 -2.38 -4.97
CA MET A 59 6.58 -1.97 -4.97
C MET A 59 6.05 -1.86 -3.54
N ARG A 60 6.38 -2.85 -2.72
CA ARG A 60 5.94 -2.87 -1.33
C ARG A 60 6.52 -1.69 -0.57
N GLU A 61 7.84 -1.58 -0.58
CA GLU A 61 8.52 -0.50 0.12
C GLU A 61 8.02 0.86 -0.36
N ASP A 62 8.00 1.05 -1.68
CA ASP A 62 7.54 2.30 -2.26
C ASP A 62 6.09 2.57 -1.89
N LEU A 63 5.21 1.66 -2.27
CA LEU A 63 3.78 1.80 -1.98
C LEU A 63 3.56 2.12 -0.49
N PHE A 64 4.07 1.25 0.37
CA PHE A 64 3.92 1.44 1.81
C PHE A 64 4.46 2.81 2.25
N LYS A 65 5.75 3.04 1.98
CA LYS A 65 6.38 4.30 2.33
C LYS A 65 5.54 5.48 1.86
N GLN A 66 5.00 5.38 0.66
CA GLN A 66 4.17 6.44 0.10
C GLN A 66 3.00 6.76 1.01
N TYR A 67 2.24 5.73 1.36
CA TYR A 67 1.08 5.90 2.22
C TYR A 67 1.47 6.59 3.53
N ILE A 68 2.42 5.98 4.24
CA ILE A 68 2.89 6.53 5.51
C ILE A 68 3.32 7.99 5.35
N GLU A 69 4.14 8.25 4.34
CA GLU A 69 4.62 9.61 4.09
C GLU A 69 3.46 10.60 4.10
N LYS A 70 2.37 10.24 3.43
CA LYS A 70 1.20 11.10 3.36
C LYS A 70 0.60 11.33 4.74
N ILE A 71 0.51 10.27 5.53
CA ILE A 71 -0.04 10.35 6.87
C ILE A 71 0.73 11.36 7.71
N ALA A 72 2.01 11.06 7.96
CA ALA A 72 2.86 11.94 8.75
C ALA A 72 2.79 13.38 8.24
N LYS A 73 2.90 13.53 6.92
CA LYS A 73 2.84 14.85 6.30
C LYS A 73 1.57 15.60 6.70
N ASN A 74 0.43 14.96 6.50
CA ASN A 74 -0.86 15.55 6.84
C ASN A 74 -1.17 15.35 8.33
N LEU A 75 -0.64 16.24 9.15
CA LEU A 75 -0.87 16.16 10.60
C LEU A 75 -2.35 16.38 10.93
N ASP A 76 -2.86 15.57 11.86
CA ASP A 76 -4.25 15.68 12.27
C ASP A 76 -4.41 16.70 13.40
N SER A 77 -3.67 16.48 14.49
CA SER A 77 -3.73 17.36 15.64
C SER A 77 -3.56 18.82 15.22
N SER A 78 -4.12 19.73 16.02
CA SER A 78 -4.04 21.15 15.72
C SER A 78 -4.19 21.98 17.00
N GLY A 79 -3.15 22.75 17.31
CA GLY A 79 -3.18 23.57 18.51
C GLY A 79 -2.10 24.64 18.50
N PRO A 80 -1.03 24.40 19.27
CA PRO A 80 0.11 25.34 19.37
C PRO A 80 0.91 25.40 18.08
N SER A 81 1.77 26.42 17.97
CA SER A 81 2.59 26.60 16.79
C SER A 81 3.44 25.36 16.52
N SER A 82 3.52 24.96 15.26
CA SER A 82 4.30 23.80 14.87
C SER A 82 5.71 24.19 14.45
N GLY A 83 6.70 23.66 15.16
CA GLY A 83 8.09 23.96 14.85
C GLY A 83 9.04 22.88 15.32
#